data_5QPB
# 
_entry.id   5QPB 
# 
_audit_conform.dict_name       mmcif_pdbx.dic 
_audit_conform.dict_version    5.387 
_audit_conform.dict_location   http://mmcif.pdb.org/dictionaries/ascii/mmcif_pdbx.dic 
# 
loop_
_database_2.database_id 
_database_2.database_code 
_database_2.pdbx_database_accession 
_database_2.pdbx_DOI 
PDB   5QPB         pdb_00005qpb 10.2210/pdb5qpb/pdb 
WWPDB D_1001402236 ?            ?                   
# 
loop_
_pdbx_audit_revision_history.ordinal 
_pdbx_audit_revision_history.data_content_type 
_pdbx_audit_revision_history.major_revision 
_pdbx_audit_revision_history.minor_revision 
_pdbx_audit_revision_history.revision_date 
1 'Structure model' 1 0 2019-05-08 
2 'Structure model' 1 1 2019-11-20 
3 'Structure model' 1 2 2024-03-06 
# 
_pdbx_audit_revision_details.ordinal             1 
_pdbx_audit_revision_details.revision_ordinal    1 
_pdbx_audit_revision_details.data_content_type   'Structure model' 
_pdbx_audit_revision_details.provider            repository 
_pdbx_audit_revision_details.type                'Initial release' 
_pdbx_audit_revision_details.description         ? 
_pdbx_audit_revision_details.details             ? 
# 
loop_
_pdbx_audit_revision_group.ordinal 
_pdbx_audit_revision_group.revision_ordinal 
_pdbx_audit_revision_group.data_content_type 
_pdbx_audit_revision_group.group 
1 2 'Structure model' 'Data collection'     
2 3 'Structure model' 'Data collection'     
3 3 'Structure model' 'Database references' 
# 
loop_
_pdbx_audit_revision_category.ordinal 
_pdbx_audit_revision_category.revision_ordinal 
_pdbx_audit_revision_category.data_content_type 
_pdbx_audit_revision_category.category 
1 2 'Structure model' diffrn_source  
2 3 'Structure model' chem_comp_atom 
3 3 'Structure model' chem_comp_bond 
4 3 'Structure model' database_2     
# 
loop_
_pdbx_audit_revision_item.ordinal 
_pdbx_audit_revision_item.revision_ordinal 
_pdbx_audit_revision_item.data_content_type 
_pdbx_audit_revision_item.item 
1 2 'Structure model' '_diffrn_source.pdbx_synchrotron_beamline' 
2 2 'Structure model' '_diffrn_source.type'                      
3 3 'Structure model' '_database_2.pdbx_DOI'                     
4 3 'Structure model' '_database_2.pdbx_database_accession'      
# 
_pdbx_database_status.entry_id                        5QPB 
_pdbx_database_status.status_code                     REL 
_pdbx_database_status.status_code_sf                  REL 
_pdbx_database_status.status_code_mr                  ? 
_pdbx_database_status.status_code_cs                  ? 
_pdbx_database_status.recvd_initial_deposition_date   2019-02-22 
_pdbx_database_status.deposit_site                    RCSB 
_pdbx_database_status.process_site                    RCSB 
_pdbx_database_status.SG_entry                        ? 
_pdbx_database_status.pdb_format_compatible           Y 
_pdbx_database_status.methods_development_category    ? 
_pdbx_database_status.status_code_nmr_data            ? 
# 
loop_
_audit_author.name 
_audit_author.pdbx_ordinal 
_audit_author.identifier_ORCID 
'Nelson, E.R.'      1  ? 
'Velupillai, S.'    2  ? 
'Talon, R.'         3  ? 
'Collins, P.M.'     4  ? 
'Krojer, T.'        5  ? 
'Wang, D.'          6  ? 
'Brandao-Neto, J.'  7  ? 
'Douangamath, A.'   8  ? 
'Burgess-Brown, N.' 9  ? 
'Arrowsmith, C.H.'  10 ? 
'Bountra, C.'       11 ? 
'Huber, K.'         12 ? 
'von Delft, F.'     13 ? 
# 
_citation.id                        primary 
_citation.title                     'PanDDA analysis group deposition' 
_citation.journal_abbrev            'To Be Published' 
_citation.journal_volume            ? 
_citation.page_first                ? 
_citation.page_last                 ? 
_citation.year                      ? 
_citation.journal_id_ASTM           ? 
_citation.country                   ? 
_citation.journal_id_ISSN           ? 
_citation.journal_id_CSD            0353 
_citation.book_publisher            ? 
_citation.pdbx_database_id_PubMed   ? 
_citation.pdbx_database_id_DOI      ? 
# 
loop_
_citation_author.citation_id 
_citation_author.name 
_citation_author.identifier_ORCID 
_citation_author.ordinal 
primary 'Nelson, E.R.'      ? 1  
primary 'Velupillai, S.'    ? 2  
primary 'Talon, R.'         ? 3  
primary 'Collins, P.M.'     ? 4  
primary 'Krojer, T.'        ? 5  
primary 'Wang, D.'          ? 6  
primary 'Brandao-Neto, J.'  ? 7  
primary 'Douangamath, A.'   ? 8  
primary 'Burgess-Brown, N.' ? 9  
primary 'Arrowsmith, C.H.'  ? 10 
primary 'Bountra, C.'       ? 11 
primary 'Huber, K.'         ? 12 
primary 'von Delft, F.'     ? 13 
# 
loop_
_entity.id 
_entity.type 
_entity.src_method 
_entity.pdbx_description 
_entity.formula_weight 
_entity.pdbx_number_of_molecules 
_entity.pdbx_ec 
_entity.pdbx_mutation 
_entity.pdbx_fragment 
_entity.details 
1 polymer     man 'DCP2 (NUDT20)'                         19073.738 1  3.6.1.62 ? 'UNP residues 95-260' ? 
2 non-polymer syn 1,2-ETHANEDIOL                          62.068    2  ?        ? ?                     ? 
3 non-polymer syn 'DIMETHYL SULFOXIDE'                    78.133    1  ?        ? ?                     ? 
4 non-polymer syn 'ACETATE ION'                           59.044    2  ?        ? ?                     ? 
5 non-polymer syn 'DI(HYDROXYETHYL)ETHER'                 106.120   1  ?        ? ?                     ? 
6 non-polymer syn 'N-[3-(carbamoylamino)phenyl]acetamide' 193.203   1  ?        ? ?                     ? 
7 water       nat water                                   18.015    88 ?        ? ?                     ? 
# 
_entity_name_com.entity_id   1 
_entity_name_com.name        
'Nucleoside diphosphate-linked moiety X motif 20, Nudix motif 20, mRNA-decapping enzyme 2, hDpc, m7GpppN-mRNA hydrolase' 
# 
_entity_poly.entity_id                      1 
_entity_poly.type                           'polypeptide(L)' 
_entity_poly.nstd_linkage                   no 
_entity_poly.nstd_monomer                   no 
_entity_poly.pdbx_seq_one_letter_code       
;SMGVPTYGAIILDETLENVLLVQGYLAKSGWGFPKGKVNKEEAPHDCAAREVFEETGFDIKDYICKDDYIELRINDQLAR
LYIIPGIPKDTKFNPKTRREIRNIEWFSIEKLPCHRNDMTPKSKLGLAPNKFFMAIPFIRPLRDWLSRRFGDSSDSDNGF
SSTGSTP
;
_entity_poly.pdbx_seq_one_letter_code_can   
;SMGVPTYGAIILDETLENVLLVQGYLAKSGWGFPKGKVNKEEAPHDCAAREVFEETGFDIKDYICKDDYIELRINDQLAR
LYIIPGIPKDTKFNPKTRREIRNIEWFSIEKLPCHRNDMTPKSKLGLAPNKFFMAIPFIRPLRDWLSRRFGDSSDSDNGF
SSTGSTP
;
_entity_poly.pdbx_strand_id                 A 
_entity_poly.pdbx_target_identifier         ? 
# 
loop_
_pdbx_entity_nonpoly.entity_id 
_pdbx_entity_nonpoly.name 
_pdbx_entity_nonpoly.comp_id 
2 1,2-ETHANEDIOL                          EDO 
3 'DIMETHYL SULFOXIDE'                    DMS 
4 'ACETATE ION'                           ACT 
5 'DI(HYDROXYETHYL)ETHER'                 PEG 
6 'N-[3-(carbamoylamino)phenyl]acetamide' LJA 
7 water                                   HOH 
# 
loop_
_entity_poly_seq.entity_id 
_entity_poly_seq.num 
_entity_poly_seq.mon_id 
_entity_poly_seq.hetero 
1 1   SER n 
1 2   MET n 
1 3   GLY n 
1 4   VAL n 
1 5   PRO n 
1 6   THR n 
1 7   TYR n 
1 8   GLY n 
1 9   ALA n 
1 10  ILE n 
1 11  ILE n 
1 12  LEU n 
1 13  ASP n 
1 14  GLU n 
1 15  THR n 
1 16  LEU n 
1 17  GLU n 
1 18  ASN n 
1 19  VAL n 
1 20  LEU n 
1 21  LEU n 
1 22  VAL n 
1 23  GLN n 
1 24  GLY n 
1 25  TYR n 
1 26  LEU n 
1 27  ALA n 
1 28  LYS n 
1 29  SER n 
1 30  GLY n 
1 31  TRP n 
1 32  GLY n 
1 33  PHE n 
1 34  PRO n 
1 35  LYS n 
1 36  GLY n 
1 37  LYS n 
1 38  VAL n 
1 39  ASN n 
1 40  LYS n 
1 41  GLU n 
1 42  GLU n 
1 43  ALA n 
1 44  PRO n 
1 45  HIS n 
1 46  ASP n 
1 47  CYS n 
1 48  ALA n 
1 49  ALA n 
1 50  ARG n 
1 51  GLU n 
1 52  VAL n 
1 53  PHE n 
1 54  GLU n 
1 55  GLU n 
1 56  THR n 
1 57  GLY n 
1 58  PHE n 
1 59  ASP n 
1 60  ILE n 
1 61  LYS n 
1 62  ASP n 
1 63  TYR n 
1 64  ILE n 
1 65  CYS n 
1 66  LYS n 
1 67  ASP n 
1 68  ASP n 
1 69  TYR n 
1 70  ILE n 
1 71  GLU n 
1 72  LEU n 
1 73  ARG n 
1 74  ILE n 
1 75  ASN n 
1 76  ASP n 
1 77  GLN n 
1 78  LEU n 
1 79  ALA n 
1 80  ARG n 
1 81  LEU n 
1 82  TYR n 
1 83  ILE n 
1 84  ILE n 
1 85  PRO n 
1 86  GLY n 
1 87  ILE n 
1 88  PRO n 
1 89  LYS n 
1 90  ASP n 
1 91  THR n 
1 92  LYS n 
1 93  PHE n 
1 94  ASN n 
1 95  PRO n 
1 96  LYS n 
1 97  THR n 
1 98  ARG n 
1 99  ARG n 
1 100 GLU n 
1 101 ILE n 
1 102 ARG n 
1 103 ASN n 
1 104 ILE n 
1 105 GLU n 
1 106 TRP n 
1 107 PHE n 
1 108 SER n 
1 109 ILE n 
1 110 GLU n 
1 111 LYS n 
1 112 LEU n 
1 113 PRO n 
1 114 CYS n 
1 115 HIS n 
1 116 ARG n 
1 117 ASN n 
1 118 ASP n 
1 119 MET n 
1 120 THR n 
1 121 PRO n 
1 122 LYS n 
1 123 SER n 
1 124 LYS n 
1 125 LEU n 
1 126 GLY n 
1 127 LEU n 
1 128 ALA n 
1 129 PRO n 
1 130 ASN n 
1 131 LYS n 
1 132 PHE n 
1 133 PHE n 
1 134 MET n 
1 135 ALA n 
1 136 ILE n 
1 137 PRO n 
1 138 PHE n 
1 139 ILE n 
1 140 ARG n 
1 141 PRO n 
1 142 LEU n 
1 143 ARG n 
1 144 ASP n 
1 145 TRP n 
1 146 LEU n 
1 147 SER n 
1 148 ARG n 
1 149 ARG n 
1 150 PHE n 
1 151 GLY n 
1 152 ASP n 
1 153 SER n 
1 154 SER n 
1 155 ASP n 
1 156 SER n 
1 157 ASP n 
1 158 ASN n 
1 159 GLY n 
1 160 PHE n 
1 161 SER n 
1 162 SER n 
1 163 THR n 
1 164 GLY n 
1 165 SER n 
1 166 THR n 
1 167 PRO n 
# 
_entity_src_gen.entity_id                          1 
_entity_src_gen.pdbx_src_id                        1 
_entity_src_gen.pdbx_alt_source_flag               sample 
_entity_src_gen.pdbx_seq_type                      'Biological sequence' 
_entity_src_gen.pdbx_beg_seq_num                   1 
_entity_src_gen.pdbx_end_seq_num                   167 
_entity_src_gen.gene_src_common_name               Human 
_entity_src_gen.gene_src_genus                     ? 
_entity_src_gen.pdbx_gene_src_gene                 'DCP2, NUDT20' 
_entity_src_gen.gene_src_species                   ? 
_entity_src_gen.gene_src_strain                    ? 
_entity_src_gen.gene_src_tissue                    ? 
_entity_src_gen.gene_src_tissue_fraction           ? 
_entity_src_gen.gene_src_details                   ? 
_entity_src_gen.pdbx_gene_src_fragment             ? 
_entity_src_gen.pdbx_gene_src_scientific_name      'Homo sapiens' 
_entity_src_gen.pdbx_gene_src_ncbi_taxonomy_id     9606 
_entity_src_gen.pdbx_gene_src_variant              ? 
_entity_src_gen.pdbx_gene_src_cell_line            ? 
_entity_src_gen.pdbx_gene_src_atcc                 ? 
_entity_src_gen.pdbx_gene_src_organ                ? 
_entity_src_gen.pdbx_gene_src_organelle            ? 
_entity_src_gen.pdbx_gene_src_cell                 ? 
_entity_src_gen.pdbx_gene_src_cellular_location    ? 
_entity_src_gen.host_org_common_name               ? 
_entity_src_gen.pdbx_host_org_scientific_name      'Escherichia coli' 
_entity_src_gen.pdbx_host_org_ncbi_taxonomy_id     562 
_entity_src_gen.host_org_genus                     ? 
_entity_src_gen.pdbx_host_org_gene                 ? 
_entity_src_gen.pdbx_host_org_organ                ? 
_entity_src_gen.host_org_species                   ? 
_entity_src_gen.pdbx_host_org_tissue               ? 
_entity_src_gen.pdbx_host_org_tissue_fraction      ? 
_entity_src_gen.pdbx_host_org_strain               ? 
_entity_src_gen.pdbx_host_org_variant              ? 
_entity_src_gen.pdbx_host_org_cell_line            ? 
_entity_src_gen.pdbx_host_org_atcc                 ? 
_entity_src_gen.pdbx_host_org_culture_collection   ? 
_entity_src_gen.pdbx_host_org_cell                 ? 
_entity_src_gen.pdbx_host_org_organelle            ? 
_entity_src_gen.pdbx_host_org_cellular_location    ? 
_entity_src_gen.pdbx_host_org_vector_type          ? 
_entity_src_gen.pdbx_host_org_vector               ? 
_entity_src_gen.host_org_details                   ? 
_entity_src_gen.expression_system_id               ? 
_entity_src_gen.plasmid_name                       ? 
_entity_src_gen.plasmid_details                    ? 
_entity_src_gen.pdbx_description                   ? 
# 
loop_
_chem_comp.id 
_chem_comp.type 
_chem_comp.mon_nstd_flag 
_chem_comp.name 
_chem_comp.pdbx_synonyms 
_chem_comp.formula 
_chem_comp.formula_weight 
ACT non-polymer         . 'ACETATE ION'                           ?                 'C2 H3 O2 -1'    59.044  
ALA 'L-peptide linking' y ALANINE                                 ?                 'C3 H7 N O2'     89.093  
ARG 'L-peptide linking' y ARGININE                                ?                 'C6 H15 N4 O2 1' 175.209 
ASN 'L-peptide linking' y ASPARAGINE                              ?                 'C4 H8 N2 O3'    132.118 
ASP 'L-peptide linking' y 'ASPARTIC ACID'                         ?                 'C4 H7 N O4'     133.103 
CYS 'L-peptide linking' y CYSTEINE                                ?                 'C3 H7 N O2 S'   121.158 
DMS non-polymer         . 'DIMETHYL SULFOXIDE'                    ?                 'C2 H6 O S'      78.133  
EDO non-polymer         . 1,2-ETHANEDIOL                          'ETHYLENE GLYCOL' 'C2 H6 O2'       62.068  
GLN 'L-peptide linking' y GLUTAMINE                               ?                 'C5 H10 N2 O3'   146.144 
GLU 'L-peptide linking' y 'GLUTAMIC ACID'                         ?                 'C5 H9 N O4'     147.129 
GLY 'peptide linking'   y GLYCINE                                 ?                 'C2 H5 N O2'     75.067  
HIS 'L-peptide linking' y HISTIDINE                               ?                 'C6 H10 N3 O2 1' 156.162 
HOH non-polymer         . WATER                                   ?                 'H2 O'           18.015  
ILE 'L-peptide linking' y ISOLEUCINE                              ?                 'C6 H13 N O2'    131.173 
LEU 'L-peptide linking' y LEUCINE                                 ?                 'C6 H13 N O2'    131.173 
LJA non-polymer         . 'N-[3-(carbamoylamino)phenyl]acetamide' ?                 'C9 H11 N3 O2'   193.203 
LYS 'L-peptide linking' y LYSINE                                  ?                 'C6 H15 N2 O2 1' 147.195 
MET 'L-peptide linking' y METHIONINE                              ?                 'C5 H11 N O2 S'  149.211 
PEG non-polymer         . 'DI(HYDROXYETHYL)ETHER'                 ?                 'C4 H10 O3'      106.120 
PHE 'L-peptide linking' y PHENYLALANINE                           ?                 'C9 H11 N O2'    165.189 
PRO 'L-peptide linking' y PROLINE                                 ?                 'C5 H9 N O2'     115.130 
SER 'L-peptide linking' y SERINE                                  ?                 'C3 H7 N O3'     105.093 
THR 'L-peptide linking' y THREONINE                               ?                 'C4 H9 N O3'     119.119 
TRP 'L-peptide linking' y TRYPTOPHAN                              ?                 'C11 H12 N2 O2'  204.225 
TYR 'L-peptide linking' y TYROSINE                                ?                 'C9 H11 N O3'    181.189 
VAL 'L-peptide linking' y VALINE                                  ?                 'C5 H11 N O2'    117.146 
# 
loop_
_pdbx_poly_seq_scheme.asym_id 
_pdbx_poly_seq_scheme.entity_id 
_pdbx_poly_seq_scheme.seq_id 
_pdbx_poly_seq_scheme.mon_id 
_pdbx_poly_seq_scheme.ndb_seq_num 
_pdbx_poly_seq_scheme.pdb_seq_num 
_pdbx_poly_seq_scheme.auth_seq_num 
_pdbx_poly_seq_scheme.pdb_mon_id 
_pdbx_poly_seq_scheme.auth_mon_id 
_pdbx_poly_seq_scheme.pdb_strand_id 
_pdbx_poly_seq_scheme.pdb_ins_code 
_pdbx_poly_seq_scheme.hetero 
A 1 1   SER 1   94  ?   ?   ?   A . n 
A 1 2   MET 2   95  ?   ?   ?   A . n 
A 1 3   GLY 3   96  96  GLY GLY A . n 
A 1 4   VAL 4   97  97  VAL VAL A . n 
A 1 5   PRO 5   98  98  PRO PRO A . n 
A 1 6   THR 6   99  99  THR THR A . n 
A 1 7   TYR 7   100 100 TYR TYR A . n 
A 1 8   GLY 8   101 101 GLY GLY A . n 
A 1 9   ALA 9   102 102 ALA ALA A . n 
A 1 10  ILE 10  103 103 ILE ILE A . n 
A 1 11  ILE 11  104 104 ILE ILE A . n 
A 1 12  LEU 12  105 105 LEU LEU A . n 
A 1 13  ASP 13  106 106 ASP ASP A . n 
A 1 14  GLU 14  107 107 GLU GLU A . n 
A 1 15  THR 15  108 108 THR THR A . n 
A 1 16  LEU 16  109 109 LEU LEU A . n 
A 1 17  GLU 17  110 110 GLU GLU A . n 
A 1 18  ASN 18  111 111 ASN ASN A . n 
A 1 19  VAL 19  112 112 VAL VAL A . n 
A 1 20  LEU 20  113 113 LEU LEU A . n 
A 1 21  LEU 21  114 114 LEU LEU A . n 
A 1 22  VAL 22  115 115 VAL VAL A . n 
A 1 23  GLN 23  116 116 GLN GLN A . n 
A 1 24  GLY 24  117 117 GLY GLY A . n 
A 1 25  TYR 25  118 118 TYR TYR A . n 
A 1 26  LEU 26  119 119 LEU LEU A . n 
A 1 27  ALA 27  120 120 ALA ALA A . n 
A 1 28  LYS 28  121 121 LYS LYS A . n 
A 1 29  SER 29  122 122 SER SER A . n 
A 1 30  GLY 30  123 123 GLY GLY A . n 
A 1 31  TRP 31  124 124 TRP TRP A . n 
A 1 32  GLY 32  125 125 GLY GLY A . n 
A 1 33  PHE 33  126 126 PHE PHE A . n 
A 1 34  PRO 34  127 127 PRO PRO A . n 
A 1 35  LYS 35  128 128 LYS LYS A . n 
A 1 36  GLY 36  129 129 GLY GLY A . n 
A 1 37  LYS 37  130 130 LYS LYS A . n 
A 1 38  VAL 38  131 131 VAL VAL A . n 
A 1 39  ASN 39  132 132 ASN ASN A . n 
A 1 40  LYS 40  133 133 LYS LYS A . n 
A 1 41  GLU 41  134 134 GLU GLU A . n 
A 1 42  GLU 42  135 135 GLU GLU A . n 
A 1 43  ALA 43  136 136 ALA ALA A . n 
A 1 44  PRO 44  137 137 PRO PRO A . n 
A 1 45  HIS 45  138 138 HIS HIS A . n 
A 1 46  ASP 46  139 139 ASP ASP A . n 
A 1 47  CYS 47  140 140 CYS CYS A . n 
A 1 48  ALA 48  141 141 ALA ALA A . n 
A 1 49  ALA 49  142 142 ALA ALA A . n 
A 1 50  ARG 50  143 143 ARG ARG A . n 
A 1 51  GLU 51  144 144 GLU GLU A . n 
A 1 52  VAL 52  145 145 VAL VAL A . n 
A 1 53  PHE 53  146 146 PHE PHE A . n 
A 1 54  GLU 54  147 147 GLU GLU A . n 
A 1 55  GLU 55  148 148 GLU GLU A . n 
A 1 56  THR 56  149 149 THR THR A . n 
A 1 57  GLY 57  150 150 GLY GLY A . n 
A 1 58  PHE 58  151 151 PHE PHE A . n 
A 1 59  ASP 59  152 152 ASP ASP A . n 
A 1 60  ILE 60  153 153 ILE ILE A . n 
A 1 61  LYS 61  154 154 LYS LYS A . n 
A 1 62  ASP 62  155 155 ASP ASP A . n 
A 1 63  TYR 63  156 156 TYR TYR A . n 
A 1 64  ILE 64  157 157 ILE ILE A . n 
A 1 65  CYS 65  158 158 CYS CYS A . n 
A 1 66  LYS 66  159 159 LYS LYS A . n 
A 1 67  ASP 67  160 160 ASP ASP A . n 
A 1 68  ASP 68  161 161 ASP ASP A . n 
A 1 69  TYR 69  162 162 TYR TYR A . n 
A 1 70  ILE 70  163 163 ILE ILE A . n 
A 1 71  GLU 71  164 164 GLU GLU A . n 
A 1 72  LEU 72  165 165 LEU LEU A . n 
A 1 73  ARG 73  166 166 ARG ARG A . n 
A 1 74  ILE 74  167 167 ILE ILE A . n 
A 1 75  ASN 75  168 168 ASN ASN A . n 
A 1 76  ASP 76  169 169 ASP ASP A . n 
A 1 77  GLN 77  170 170 GLN GLN A . n 
A 1 78  LEU 78  171 171 LEU LEU A . n 
A 1 79  ALA 79  172 172 ALA ALA A . n 
A 1 80  ARG 80  173 173 ARG ARG A . n 
A 1 81  LEU 81  174 174 LEU LEU A . n 
A 1 82  TYR 82  175 175 TYR TYR A . n 
A 1 83  ILE 83  176 176 ILE ILE A . n 
A 1 84  ILE 84  177 177 ILE ILE A . n 
A 1 85  PRO 85  178 178 PRO PRO A . n 
A 1 86  GLY 86  179 179 GLY GLY A . n 
A 1 87  ILE 87  180 180 ILE ILE A . n 
A 1 88  PRO 88  181 181 PRO PRO A . n 
A 1 89  LYS 89  182 182 LYS LYS A . n 
A 1 90  ASP 90  183 183 ASP ASP A . n 
A 1 91  THR 91  184 184 THR THR A . n 
A 1 92  LYS 92  185 185 LYS LYS A . n 
A 1 93  PHE 93  186 186 PHE PHE A . n 
A 1 94  ASN 94  187 187 ASN ASN A . n 
A 1 95  PRO 95  188 188 PRO PRO A . n 
A 1 96  LYS 96  189 189 LYS LYS A . n 
A 1 97  THR 97  190 190 THR THR A . n 
A 1 98  ARG 98  191 191 ARG ARG A . n 
A 1 99  ARG 99  192 192 ARG ARG A . n 
A 1 100 GLU 100 193 193 GLU GLU A . n 
A 1 101 ILE 101 194 194 ILE ILE A . n 
A 1 102 ARG 102 195 195 ARG ARG A . n 
A 1 103 ASN 103 196 196 ASN ASN A . n 
A 1 104 ILE 104 197 197 ILE ILE A . n 
A 1 105 GLU 105 198 198 GLU GLU A . n 
A 1 106 TRP 106 199 199 TRP TRP A . n 
A 1 107 PHE 107 200 200 PHE PHE A . n 
A 1 108 SER 108 201 201 SER SER A . n 
A 1 109 ILE 109 202 202 ILE ILE A . n 
A 1 110 GLU 110 203 203 GLU GLU A . n 
A 1 111 LYS 111 204 204 LYS LYS A . n 
A 1 112 LEU 112 205 205 LEU LEU A . n 
A 1 113 PRO 113 206 206 PRO PRO A . n 
A 1 114 CYS 114 207 207 CYS CYS A . n 
A 1 115 HIS 115 208 208 HIS HIS A . n 
A 1 116 ARG 116 209 209 ARG ARG A . n 
A 1 117 ASN 117 210 210 ASN ASN A . n 
A 1 118 ASP 118 211 211 ASP ASP A . n 
A 1 119 MET 119 212 212 MET MET A . n 
A 1 120 THR 120 213 213 THR THR A . n 
A 1 121 PRO 121 214 214 PRO PRO A . n 
A 1 122 LYS 122 215 215 LYS LYS A . n 
A 1 123 SER 123 216 216 SER SER A . n 
A 1 124 LYS 124 217 217 LYS LYS A . n 
A 1 125 LEU 125 218 218 LEU LEU A . n 
A 1 126 GLY 126 219 219 GLY GLY A . n 
A 1 127 LEU 127 220 220 LEU LEU A . n 
A 1 128 ALA 128 221 221 ALA ALA A . n 
A 1 129 PRO 129 222 222 PRO PRO A . n 
A 1 130 ASN 130 223 223 ASN ASN A . n 
A 1 131 LYS 131 224 224 LYS LYS A . n 
A 1 132 PHE 132 225 225 PHE PHE A . n 
A 1 133 PHE 133 226 226 PHE PHE A . n 
A 1 134 MET 134 227 227 MET MET A . n 
A 1 135 ALA 135 228 228 ALA ALA A . n 
A 1 136 ILE 136 229 229 ILE ILE A . n 
A 1 137 PRO 137 230 230 PRO PRO A . n 
A 1 138 PHE 138 231 231 PHE PHE A . n 
A 1 139 ILE 139 232 232 ILE ILE A . n 
A 1 140 ARG 140 233 233 ARG ARG A . n 
A 1 141 PRO 141 234 234 PRO PRO A . n 
A 1 142 LEU 142 235 235 LEU LEU A . n 
A 1 143 ARG 143 236 236 ARG ARG A . n 
A 1 144 ASP 144 237 237 ASP ASP A . n 
A 1 145 TRP 145 238 238 TRP TRP A . n 
A 1 146 LEU 146 239 239 LEU LEU A . n 
A 1 147 SER 147 240 240 SER SER A . n 
A 1 148 ARG 148 241 241 ARG ARG A . n 
A 1 149 ARG 149 242 242 ARG ARG A . n 
A 1 150 PHE 150 243 243 PHE PHE A . n 
A 1 151 GLY 151 244 244 GLY GLY A . n 
A 1 152 ASP 152 245 ?   ?   ?   A . n 
A 1 153 SER 153 246 ?   ?   ?   A . n 
A 1 154 SER 154 247 ?   ?   ?   A . n 
A 1 155 ASP 155 248 ?   ?   ?   A . n 
A 1 156 SER 156 249 ?   ?   ?   A . n 
A 1 157 ASP 157 250 ?   ?   ?   A . n 
A 1 158 ASN 158 251 ?   ?   ?   A . n 
A 1 159 GLY 159 252 ?   ?   ?   A . n 
A 1 160 PHE 160 253 ?   ?   ?   A . n 
A 1 161 SER 161 254 ?   ?   ?   A . n 
A 1 162 SER 162 255 ?   ?   ?   A . n 
A 1 163 THR 163 256 ?   ?   ?   A . n 
A 1 164 GLY 164 257 ?   ?   ?   A . n 
A 1 165 SER 165 258 ?   ?   ?   A . n 
A 1 166 THR 166 259 ?   ?   ?   A . n 
A 1 167 PRO 167 260 ?   ?   ?   A . n 
# 
loop_
_pdbx_nonpoly_scheme.asym_id 
_pdbx_nonpoly_scheme.entity_id 
_pdbx_nonpoly_scheme.mon_id 
_pdbx_nonpoly_scheme.ndb_seq_num 
_pdbx_nonpoly_scheme.pdb_seq_num 
_pdbx_nonpoly_scheme.auth_seq_num 
_pdbx_nonpoly_scheme.pdb_mon_id 
_pdbx_nonpoly_scheme.auth_mon_id 
_pdbx_nonpoly_scheme.pdb_strand_id 
_pdbx_nonpoly_scheme.pdb_ins_code 
B 2 EDO 1  301 2   EDO EDO A . 
C 2 EDO 1  302 3   EDO EDO A . 
D 3 DMS 1  303 1   DMS DMS A . 
E 4 ACT 1  304 1   ACT ACT A . 
F 4 ACT 1  305 2   ACT ACT A . 
G 5 PEG 1  306 1   PEG PEG A . 
H 6 LJA 1  307 1   LJA LIG A . 
I 7 HOH 1  401 83  HOH HOH A . 
I 7 HOH 2  402 104 HOH HOH A . 
I 7 HOH 3  403 19  HOH HOH A . 
I 7 HOH 4  404 70  HOH HOH A . 
I 7 HOH 5  405 8   HOH HOH A . 
I 7 HOH 6  406 78  HOH HOH A . 
I 7 HOH 7  407 60  HOH HOH A . 
I 7 HOH 8  408 38  HOH HOH A . 
I 7 HOH 9  409 16  HOH HOH A . 
I 7 HOH 10 410 12  HOH HOH A . 
I 7 HOH 11 411 95  HOH HOH A . 
I 7 HOH 12 412 68  HOH HOH A . 
I 7 HOH 13 413 23  HOH HOH A . 
I 7 HOH 14 414 90  HOH HOH A . 
I 7 HOH 15 415 66  HOH HOH A . 
I 7 HOH 16 416 88  HOH HOH A . 
I 7 HOH 17 417 13  HOH HOH A . 
I 7 HOH 18 418 17  HOH HOH A . 
I 7 HOH 19 419 100 HOH HOH A . 
I 7 HOH 20 420 67  HOH HOH A . 
I 7 HOH 21 421 96  HOH HOH A . 
I 7 HOH 22 422 85  HOH HOH A . 
I 7 HOH 23 423 102 HOH HOH A . 
I 7 HOH 24 424 39  HOH HOH A . 
I 7 HOH 25 425 1   HOH HOH A . 
I 7 HOH 26 426 46  HOH HOH A . 
I 7 HOH 27 427 10  HOH HOH A . 
I 7 HOH 28 428 5   HOH HOH A . 
I 7 HOH 29 429 97  HOH HOH A . 
I 7 HOH 30 430 14  HOH HOH A . 
I 7 HOH 31 431 103 HOH HOH A . 
I 7 HOH 32 432 18  HOH HOH A . 
I 7 HOH 33 433 4   HOH HOH A . 
I 7 HOH 34 434 31  HOH HOH A . 
I 7 HOH 35 435 22  HOH HOH A . 
I 7 HOH 36 436 32  HOH HOH A . 
I 7 HOH 37 437 2   HOH HOH A . 
I 7 HOH 38 438 35  HOH HOH A . 
I 7 HOH 39 439 29  HOH HOH A . 
I 7 HOH 40 440 94  HOH HOH A . 
I 7 HOH 41 441 15  HOH HOH A . 
I 7 HOH 42 442 71  HOH HOH A . 
I 7 HOH 43 443 3   HOH HOH A . 
I 7 HOH 44 444 7   HOH HOH A . 
I 7 HOH 45 445 9   HOH HOH A . 
I 7 HOH 46 446 24  HOH HOH A . 
I 7 HOH 47 447 105 HOH HOH A . 
I 7 HOH 48 448 6   HOH HOH A . 
I 7 HOH 49 449 65  HOH HOH A . 
I 7 HOH 50 450 50  HOH HOH A . 
I 7 HOH 51 451 55  HOH HOH A . 
I 7 HOH 52 452 59  HOH HOH A . 
I 7 HOH 53 453 36  HOH HOH A . 
I 7 HOH 54 454 43  HOH HOH A . 
I 7 HOH 55 455 30  HOH HOH A . 
I 7 HOH 56 456 47  HOH HOH A . 
I 7 HOH 57 457 106 HOH HOH A . 
I 7 HOH 58 458 62  HOH HOH A . 
I 7 HOH 59 459 27  HOH HOH A . 
I 7 HOH 60 460 101 HOH HOH A . 
I 7 HOH 61 461 57  HOH HOH A . 
I 7 HOH 62 462 79  HOH HOH A . 
I 7 HOH 63 463 11  HOH HOH A . 
I 7 HOH 64 464 33  HOH HOH A . 
I 7 HOH 65 465 92  HOH HOH A . 
I 7 HOH 66 466 28  HOH HOH A . 
I 7 HOH 67 467 52  HOH HOH A . 
I 7 HOH 68 468 42  HOH HOH A . 
I 7 HOH 69 469 80  HOH HOH A . 
I 7 HOH 70 470 87  HOH HOH A . 
I 7 HOH 71 471 69  HOH HOH A . 
I 7 HOH 72 472 21  HOH HOH A . 
I 7 HOH 73 473 109 HOH HOH A . 
I 7 HOH 74 474 84  HOH HOH A . 
I 7 HOH 75 475 40  HOH HOH A . 
I 7 HOH 76 476 25  HOH HOH A . 
I 7 HOH 77 477 72  HOH HOH A . 
I 7 HOH 78 478 75  HOH HOH A . 
I 7 HOH 79 479 86  HOH HOH A . 
I 7 HOH 80 480 74  HOH HOH A . 
I 7 HOH 81 481 26  HOH HOH A . 
I 7 HOH 82 482 98  HOH HOH A . 
I 7 HOH 83 483 81  HOH HOH A . 
I 7 HOH 84 484 51  HOH HOH A . 
I 7 HOH 85 485 20  HOH HOH A . 
I 7 HOH 86 486 56  HOH HOH A . 
I 7 HOH 87 487 93  HOH HOH A . 
I 7 HOH 88 488 41  HOH HOH A . 
# 
loop_
_pdbx_unobs_or_zero_occ_atoms.id 
_pdbx_unobs_or_zero_occ_atoms.PDB_model_num 
_pdbx_unobs_or_zero_occ_atoms.polymer_flag 
_pdbx_unobs_or_zero_occ_atoms.occupancy_flag 
_pdbx_unobs_or_zero_occ_atoms.auth_asym_id 
_pdbx_unobs_or_zero_occ_atoms.auth_comp_id 
_pdbx_unobs_or_zero_occ_atoms.auth_seq_id 
_pdbx_unobs_or_zero_occ_atoms.PDB_ins_code 
_pdbx_unobs_or_zero_occ_atoms.auth_atom_id 
_pdbx_unobs_or_zero_occ_atoms.label_alt_id 
_pdbx_unobs_or_zero_occ_atoms.label_asym_id 
_pdbx_unobs_or_zero_occ_atoms.label_comp_id 
_pdbx_unobs_or_zero_occ_atoms.label_seq_id 
_pdbx_unobs_or_zero_occ_atoms.label_atom_id 
1  1 Y 1 A LYS 130 ? CE  ? A LYS 37  CE  
2  1 Y 1 A LYS 130 ? NZ  ? A LYS 37  NZ  
3  1 Y 1 A LYS 133 ? CG  ? A LYS 40  CG  
4  1 Y 1 A LYS 133 ? CD  ? A LYS 40  CD  
5  1 Y 1 A LYS 133 ? CE  ? A LYS 40  CE  
6  1 Y 1 A LYS 133 ? NZ  ? A LYS 40  NZ  
7  1 Y 1 A GLU 134 ? CG  ? A GLU 41  CG  
8  1 Y 1 A GLU 134 ? CD  ? A GLU 41  CD  
9  1 Y 1 A GLU 134 ? OE1 ? A GLU 41  OE1 
10 1 Y 1 A GLU 134 ? OE2 ? A GLU 41  OE2 
11 1 Y 1 A LYS 159 ? CD  ? A LYS 66  CD  
12 1 Y 1 A LYS 159 ? CE  ? A LYS 66  CE  
13 1 Y 1 A LYS 159 ? NZ  ? A LYS 66  NZ  
14 1 Y 1 A LYS 185 ? CE  ? A LYS 92  CE  
15 1 Y 1 A LYS 185 ? NZ  ? A LYS 92  NZ  
16 1 Y 1 A LYS 215 ? CD  ? A LYS 122 CD  
17 1 Y 1 A LYS 215 ? CE  ? A LYS 122 CE  
18 1 Y 1 A LYS 215 ? NZ  ? A LYS 122 NZ  
19 1 Y 1 A LYS 217 ? CE  ? A LYS 124 CE  
20 1 Y 1 A LYS 217 ? NZ  ? A LYS 124 NZ  
21 1 Y 1 A ARG 241 ? CD  ? A ARG 148 CD  
22 1 Y 1 A ARG 241 ? NE  ? A ARG 148 NE  
23 1 Y 1 A ARG 241 ? CZ  ? A ARG 148 CZ  
24 1 Y 1 A ARG 241 ? NH1 ? A ARG 148 NH1 
25 1 Y 1 A ARG 241 ? NH2 ? A ARG 148 NH2 
# 
loop_
_software.pdbx_ordinal 
_software.name 
_software.version 
_software.date 
_software.type 
_software.contact_author 
_software.contact_author_email 
_software.classification 
_software.location 
_software.language 
_software.citation_id 
1 REFMAC      5.8.0189 ?               program 'Garib N. Murshudov' garib@ysbl.york.ac.uk    refinement        
http://www.ccp4.ac.uk/dist/html/refmac5.html        Fortran_77 ? 
2 Aimless     0.5.32   29/03/17        program 'Phil Evans'         ?                        'data scaling'    
http://www.mrc-lmb.cam.ac.uk/harry/pre/aimless.html ?          ? 
3 PDB_EXTRACT 3.23     'SEP. 23, 2016' package PDB                  deposit@deposit.rcsb.org 'data extraction' 
http://sw-tools.pdb.org/apps/PDB_EXTRACT/           C++        ? 
4 XDS         .        ?               program ?                    ?                        'data reduction'  ? ?          ? 
5 REFMAC      .        ?               program ?                    ?                        phasing           ? ?          ? 
# 
_cell.entry_id           5QPB 
_cell.length_a           48.033 
_cell.length_b           60.377 
_cell.length_c           65.097 
_cell.angle_alpha        90.000 
_cell.angle_beta         90.000 
_cell.angle_gamma        90.000 
_cell.Z_PDB              4 
_cell.pdbx_unique_axis   ? 
# 
_symmetry.entry_id                         5QPB 
_symmetry.space_group_name_H-M             'P 21 21 21' 
_symmetry.pdbx_full_space_group_name_H-M   ? 
_symmetry.cell_setting                     ? 
_symmetry.Int_Tables_number                19 
# 
_exptl.crystals_number   1 
_exptl.entry_id          5QPB 
_exptl.method            'X-RAY DIFFRACTION' 
# 
_exptl_crystal.id                    1 
_exptl_crystal.pdbx_mosaicity        0.070 
_exptl_crystal.pdbx_mosaicity_esd    ? 
_exptl_crystal.density_Matthews      2.47 
_exptl_crystal.density_diffrn        ? 
_exptl_crystal.density_meas          ? 
_exptl_crystal.density_meas_temp     ? 
_exptl_crystal.density_percent_sol   50.29 
_exptl_crystal.size_max              ? 
_exptl_crystal.size_mid              ? 
_exptl_crystal.size_min              ? 
_exptl_crystal.size_rad              ? 
_exptl_crystal.description           ? 
# 
_exptl_crystal_grow.crystal_id      1 
_exptl_crystal_grow.method          'VAPOR DIFFUSION, SITTING DROP' 
_exptl_crystal_grow.pH              4.5 
_exptl_crystal_grow.temp            277 
_exptl_crystal_grow.pdbx_details    '0.1 M acetate, pH 4.5, 5-25% PEG3350' 
_exptl_crystal_grow.temp_details    ? 
_exptl_crystal_grow.pdbx_pH_range   ? 
# 
_diffrn.id                     1 
_diffrn.ambient_temp           ? 
_diffrn.crystal_id             1 
_diffrn.ambient_temp_details   ? 
# 
_diffrn_detector.detector               PIXEL 
_diffrn_detector.type                   'DECTRIS PILATUS 2M' 
_diffrn_detector.pdbx_collection_date   2017-07-27 
_diffrn_detector.diffrn_id              1 
_diffrn_detector.details                ? 
# 
_diffrn_radiation.diffrn_id                        1 
_diffrn_radiation.wavelength_id                    1 
_diffrn_radiation.pdbx_diffrn_protocol             'SINGLE WAVELENGTH' 
_diffrn_radiation.pdbx_monochromatic_or_laue_m_l   ? 
_diffrn_radiation.monochromator                    ? 
_diffrn_radiation.pdbx_scattering_type             x-ray 
# 
_diffrn_radiation_wavelength.id           1 
_diffrn_radiation_wavelength.wavelength   0.91587 
_diffrn_radiation_wavelength.wt           1.0 
# 
_diffrn_source.diffrn_id                   1 
_diffrn_source.source                      SYNCHROTRON 
_diffrn_source.type                        'DIAMOND BEAMLINE I04-1' 
_diffrn_source.pdbx_wavelength_list        0.91587 
_diffrn_source.pdbx_synchrotron_site       Diamond 
_diffrn_source.pdbx_synchrotron_beamline   I04-1 
_diffrn_source.pdbx_wavelength             ? 
# 
_reflns.entry_id                     5QPB 
_reflns.pdbx_diffrn_id               1 
_reflns.pdbx_ordinal                 1 
_reflns.observed_criterion_sigma_I   ? 
_reflns.observed_criterion_sigma_F   ? 
_reflns.d_resolution_low             28.650 
_reflns.d_resolution_high            1.680 
_reflns.number_obs                   21928 
_reflns.number_all                   ? 
_reflns.percent_possible_obs         99.000 
_reflns.pdbx_Rmerge_I_obs            0.044 
_reflns.pdbx_Rsym_value              ? 
_reflns.pdbx_netI_over_sigmaI        20.800 
_reflns.B_iso_Wilson_estimate        ? 
_reflns.pdbx_redundancy              6.400 
_reflns.pdbx_Rrim_I_all              0.048 
_reflns.pdbx_Rpim_I_all              0.019 
_reflns.pdbx_CC_half                 0.999 
_reflns.pdbx_netI_over_av_sigmaI     ? 
_reflns.pdbx_number_measured_all     140738 
_reflns.pdbx_scaling_rejects         0 
_reflns.pdbx_chi_squared             ? 
_reflns.Rmerge_F_all                 ? 
_reflns.Rmerge_F_obs                 ? 
_reflns.observed_criterion_F_max     ? 
_reflns.observed_criterion_F_min     ? 
_reflns.observed_criterion_I_max     ? 
_reflns.observed_criterion_I_min     ? 
_reflns.pdbx_d_res_high_opt          ? 
_reflns.pdbx_d_res_low_opt           ? 
_reflns.details                      ? 
# 
loop_
_reflns_shell.pdbx_diffrn_id 
_reflns_shell.pdbx_ordinal 
_reflns_shell.d_res_high 
_reflns_shell.d_res_low 
_reflns_shell.number_measured_obs 
_reflns_shell.number_measured_all 
_reflns_shell.number_unique_obs 
_reflns_shell.pdbx_rejects 
_reflns_shell.Rmerge_I_obs 
_reflns_shell.meanI_over_sigI_obs 
_reflns_shell.pdbx_Rsym_value 
_reflns_shell.pdbx_chi_squared 
_reflns_shell.pdbx_redundancy 
_reflns_shell.percent_possible_obs 
_reflns_shell.pdbx_netI_over_sigmaI_obs 
_reflns_shell.number_possible 
_reflns_shell.number_unique_all 
_reflns_shell.Rmerge_F_all 
_reflns_shell.Rmerge_F_obs 
_reflns_shell.Rmerge_I_all 
_reflns_shell.meanI_over_sigI_all 
_reflns_shell.percent_possible_all 
_reflns_shell.pdbx_Rrim_I_all 
_reflns_shell.pdbx_Rpim_I_all 
_reflns_shell.pdbx_CC_half 
1 1 1.680 1.720  ? 8506 ? ? 0.778 ? ? ? 5.500 ? 2.200  ? 1554 ? ? ? ? 97.000 0.862 0.362 0.793 
1 2 7.510 28.650 ? 1644 ? ? 0.023 ? ? ? 5.600 ? 59.200 ? 293  ? ? ? ? 97.400 0.026 0.011 0.999 
# 
_refine.entry_id                                 5QPB 
_refine.pdbx_refine_id                           'X-RAY DIFFRACTION' 
_refine.ls_d_res_high                            1.6800 
_refine.ls_d_res_low                             44.3100 
_refine.pdbx_ls_sigma_F                          0.000 
_refine.pdbx_data_cutoff_high_absF               ? 
_refine.pdbx_data_cutoff_low_absF                ? 
_refine.ls_percent_reflns_obs                    98.6700 
_refine.ls_number_reflns_obs                     20830 
_refine.ls_number_reflns_all                     ? 
_refine.pdbx_ls_cross_valid_method               THROUGHOUT 
_refine.ls_matrix_type                           ? 
_refine.pdbx_R_Free_selection_details            RANDOM 
_refine.details                                  
'HYDROGENS HAVE BEEN ADDED IN THE RIDING POSITIONS U VALUES : REFINED INDIVIDUALLY' 
_refine.ls_R_factor_all                          ? 
_refine.ls_R_factor_obs                          0.2007 
_refine.ls_R_factor_R_work                       0.1982 
_refine.ls_wR_factor_R_work                      ? 
_refine.ls_R_factor_R_free                       0.2523 
_refine.ls_wR_factor_R_free                      ? 
_refine.ls_percent_reflns_R_free                 4.9000 
_refine.ls_number_reflns_R_free                  1065 
_refine.ls_number_reflns_R_work                  ? 
_refine.ls_R_factor_R_free_error                 ? 
_refine.B_iso_mean                               34.1460 
_refine.solvent_model_param_bsol                 ? 
_refine.solvent_model_param_ksol                 ? 
_refine.pdbx_isotropic_thermal_model             ? 
_refine.aniso_B[1][1]                            1.8600 
_refine.aniso_B[2][2]                            -2.1200 
_refine.aniso_B[3][3]                            0.2600 
_refine.aniso_B[1][2]                            0.0000 
_refine.aniso_B[1][3]                            -0.0000 
_refine.aniso_B[2][3]                            0.0000 
_refine.correlation_coeff_Fo_to_Fc               0.9600 
_refine.correlation_coeff_Fo_to_Fc_free          0.9230 
_refine.overall_SU_R_Cruickshank_DPI             ? 
_refine.pdbx_overall_SU_R_free_Cruickshank_DPI   ? 
_refine.pdbx_overall_SU_R_Blow_DPI               ? 
_refine.pdbx_overall_SU_R_free_Blow_DPI          ? 
_refine.overall_SU_R_free                        ? 
_refine.pdbx_overall_ESU_R                       0.1120 
_refine.pdbx_overall_ESU_R_Free                  0.1190 
_refine.overall_SU_ML                            0.0890 
_refine.overall_SU_B                             2.7490 
_refine.solvent_model_details                    MASK 
_refine.pdbx_solvent_vdw_probe_radii             1.2000 
_refine.pdbx_solvent_ion_probe_radii             0.8000 
_refine.pdbx_solvent_shrinkage_radii             0.8000 
_refine.ls_number_parameters                     ? 
_refine.ls_number_restraints                     ? 
_refine.pdbx_starting_model                      'PDB entry 5MP0' 
_refine.pdbx_method_to_determine_struct          'FOURIER SYNTHESIS' 
_refine.pdbx_stereochemistry_target_values       'MAXIMUM LIKELIHOOD' 
_refine.pdbx_stereochem_target_val_spec_case     ? 
_refine.overall_FOM_work_R_set                   ? 
_refine.B_iso_max                                92.330 
_refine.B_iso_min                                17.380 
_refine.pdbx_overall_phase_error                 ? 
_refine.occupancy_max                            ? 
_refine.occupancy_min                            ? 
_refine.pdbx_diffrn_id                           1 
_refine.pdbx_TLS_residual_ADP_flag               ? 
_refine.pdbx_ls_sigma_I                          ? 
_refine.pdbx_data_cutoff_high_rms_absF           ? 
_refine.ls_R_factor_R_free_error_details         ? 
# 
_refine_hist.cycle_id                         final 
_refine_hist.pdbx_refine_id                   'X-RAY DIFFRACTION' 
_refine_hist.d_res_high                       1.6800 
_refine_hist.d_res_low                        44.3100 
_refine_hist.pdbx_number_atoms_ligand         41 
_refine_hist.number_atoms_solvent             88 
_refine_hist.number_atoms_total               1324 
_refine_hist.pdbx_number_residues_total       149 
_refine_hist.pdbx_B_iso_mean_ligand           56.39 
_refine_hist.pdbx_B_iso_mean_solvent          41.06 
_refine_hist.pdbx_number_atoms_protein        1195 
_refine_hist.pdbx_number_atoms_nucleic_acid   0 
# 
loop_
_refine_ls_restr.pdbx_refine_id 
_refine_ls_restr.type 
_refine_ls_restr.number 
_refine_ls_restr.dev_ideal 
_refine_ls_restr.dev_ideal_target 
_refine_ls_restr.weight 
_refine_ls_restr.pdbx_restraint_function 
'X-RAY DIFFRACTION' r_bond_refined_d       1724 0.019  0.019  ? ? 
'X-RAY DIFFRACTION' r_bond_other_d         1407 0.003  0.020  ? ? 
'X-RAY DIFFRACTION' r_angle_refined_deg    2066 2.039  1.965  ? ? 
'X-RAY DIFFRACTION' r_angle_other_deg      3248 1.189  2.985  ? ? 
'X-RAY DIFFRACTION' r_dihedral_angle_1_deg 190  6.583  5.000  ? ? 
'X-RAY DIFFRACTION' r_dihedral_angle_2_deg 73   29.359 21.781 ? ? 
'X-RAY DIFFRACTION' r_dihedral_angle_3_deg 256  14.353 15.000 ? ? 
'X-RAY DIFFRACTION' r_dihedral_angle_4_deg 19   19.718 15.000 ? ? 
'X-RAY DIFFRACTION' r_chiral_restr         205  0.134  0.200  ? ? 
'X-RAY DIFFRACTION' r_gen_planes_refined   1782 0.011  0.021  ? ? 
'X-RAY DIFFRACTION' r_gen_planes_other     369  0.002  0.020  ? ? 
'X-RAY DIFFRACTION' r_mcbond_it            795  3.107  3.196  ? ? 
'X-RAY DIFFRACTION' r_mcbond_other         788  3.096  3.175  ? ? 
'X-RAY DIFFRACTION' r_mcangle_it           916  4.645  4.714  ? ? 
# 
_refine_ls_shell.d_res_high                       1.6800 
_refine_ls_shell.d_res_low                        1.7240 
_refine_ls_shell.pdbx_total_number_of_bins_used   20 
_refine_ls_shell.percent_reflns_obs               96.4500 
_refine_ls_shell.number_reflns_R_work             1475 
_refine_ls_shell.R_factor_all                     ? 
_refine_ls_shell.R_factor_R_work                  0.3190 
_refine_ls_shell.R_factor_R_free                  0.3690 
_refine_ls_shell.percent_reflns_R_free            ? 
_refine_ls_shell.number_reflns_R_free             72 
_refine_ls_shell.R_factor_R_free_error            ? 
_refine_ls_shell.number_reflns_all                1547 
_refine_ls_shell.number_reflns_obs                ? 
_refine_ls_shell.pdbx_refine_id                   'X-RAY DIFFRACTION' 
# 
_struct.entry_id                  5QPB 
_struct.title                     
'PanDDA analysis group deposition -- Crystal Structure of DCP2 (NUDT20) in complex with FMOPL000701a' 
_struct.pdbx_model_details        ? 
_struct.pdbx_CASP_flag            ? 
_struct.pdbx_model_type_details   ? 
# 
_struct_keywords.entry_id        5QPB 
_struct_keywords.text            'SGC - Diamond I04-1 fragment screening, PanDDA, XChemExplorer, HYDROLASE' 
_struct_keywords.pdbx_keywords   HYDROLASE 
# 
loop_
_struct_asym.id 
_struct_asym.pdbx_blank_PDB_chainid_flag 
_struct_asym.pdbx_modified 
_struct_asym.entity_id 
_struct_asym.details 
A N N 1 ? 
B N N 2 ? 
C N N 2 ? 
D N N 3 ? 
E N N 4 ? 
F N N 4 ? 
G N N 5 ? 
H N N 6 ? 
I N N 7 ? 
# 
_struct_ref.id                         1 
_struct_ref.db_name                    UNP 
_struct_ref.db_code                    DCP2_HUMAN 
_struct_ref.pdbx_db_accession          Q8IU60 
_struct_ref.pdbx_db_isoform            ? 
_struct_ref.entity_id                  1 
_struct_ref.pdbx_seq_one_letter_code   
;MGVPTYGAIILDETLENVLLVQGYLAKSGWGFPKGKVNKEEAPHDCAAREVFEETGFDIKDYICKDDYIELRINDQLARL
YIIPGIPKDTKFNPKTRREIRNIEWFSIEKLPCHRNDMTPKSKLGLAPNKFFMAIPFIRPLRDWLSRRFGDSSDSDNGFS
STGSTP
;
_struct_ref.pdbx_align_begin           95 
# 
_struct_ref_seq.align_id                      1 
_struct_ref_seq.ref_id                        1 
_struct_ref_seq.pdbx_PDB_id_code              5QPB 
_struct_ref_seq.pdbx_strand_id                A 
_struct_ref_seq.seq_align_beg                 2 
_struct_ref_seq.pdbx_seq_align_beg_ins_code   ? 
_struct_ref_seq.seq_align_end                 167 
_struct_ref_seq.pdbx_seq_align_end_ins_code   ? 
_struct_ref_seq.pdbx_db_accession             Q8IU60 
_struct_ref_seq.db_align_beg                  95 
_struct_ref_seq.pdbx_db_align_beg_ins_code    ? 
_struct_ref_seq.db_align_end                  260 
_struct_ref_seq.pdbx_db_align_end_ins_code    ? 
_struct_ref_seq.pdbx_auth_seq_align_beg       95 
_struct_ref_seq.pdbx_auth_seq_align_end       260 
# 
_struct_ref_seq_dif.align_id                     1 
_struct_ref_seq_dif.pdbx_pdb_id_code             5QPB 
_struct_ref_seq_dif.mon_id                       SER 
_struct_ref_seq_dif.pdbx_pdb_strand_id           A 
_struct_ref_seq_dif.seq_num                      1 
_struct_ref_seq_dif.pdbx_pdb_ins_code            ? 
_struct_ref_seq_dif.pdbx_seq_db_name             UNP 
_struct_ref_seq_dif.pdbx_seq_db_accession_code   Q8IU60 
_struct_ref_seq_dif.db_mon_id                    ? 
_struct_ref_seq_dif.pdbx_seq_db_seq_num          ? 
_struct_ref_seq_dif.details                      'expression tag' 
_struct_ref_seq_dif.pdbx_auth_seq_num            94 
_struct_ref_seq_dif.pdbx_ordinal                 1 
# 
_pdbx_struct_assembly.id                   1 
_pdbx_struct_assembly.details              author_and_software_defined_assembly 
_pdbx_struct_assembly.method_details       PISA 
_pdbx_struct_assembly.oligomeric_details   monomeric 
_pdbx_struct_assembly.oligomeric_count     1 
# 
loop_
_pdbx_struct_assembly_prop.biol_id 
_pdbx_struct_assembly_prop.type 
_pdbx_struct_assembly_prop.value 
_pdbx_struct_assembly_prop.details 
1 'ABSA (A^2)' 1210 ? 
1 MORE         9    ? 
1 'SSA (A^2)'  8580 ? 
# 
_pdbx_struct_assembly_gen.assembly_id       1 
_pdbx_struct_assembly_gen.oper_expression   1 
_pdbx_struct_assembly_gen.asym_id_list      A,B,C,D,E,F,G,H,I 
# 
_pdbx_struct_oper_list.id                   1 
_pdbx_struct_oper_list.type                 'identity operation' 
_pdbx_struct_oper_list.name                 1_555 
_pdbx_struct_oper_list.symmetry_operation   x,y,z 
_pdbx_struct_oper_list.matrix[1][1]         1.0000000000 
_pdbx_struct_oper_list.matrix[1][2]         0.0000000000 
_pdbx_struct_oper_list.matrix[1][3]         0.0000000000 
_pdbx_struct_oper_list.vector[1]            0.0000000000 
_pdbx_struct_oper_list.matrix[2][1]         0.0000000000 
_pdbx_struct_oper_list.matrix[2][2]         1.0000000000 
_pdbx_struct_oper_list.matrix[2][3]         0.0000000000 
_pdbx_struct_oper_list.vector[2]            0.0000000000 
_pdbx_struct_oper_list.matrix[3][1]         0.0000000000 
_pdbx_struct_oper_list.matrix[3][2]         0.0000000000 
_pdbx_struct_oper_list.matrix[3][3]         1.0000000000 
_pdbx_struct_oper_list.vector[3]            0.0000000000 
# 
loop_
_struct_conf.conf_type_id 
_struct_conf.id 
_struct_conf.pdbx_PDB_helix_id 
_struct_conf.beg_label_comp_id 
_struct_conf.beg_label_asym_id 
_struct_conf.beg_label_seq_id 
_struct_conf.pdbx_beg_PDB_ins_code 
_struct_conf.end_label_comp_id 
_struct_conf.end_label_asym_id 
_struct_conf.end_label_seq_id 
_struct_conf.pdbx_end_PDB_ins_code 
_struct_conf.beg_auth_comp_id 
_struct_conf.beg_auth_asym_id 
_struct_conf.beg_auth_seq_id 
_struct_conf.end_auth_comp_id 
_struct_conf.end_auth_asym_id 
_struct_conf.end_auth_seq_id 
_struct_conf.pdbx_PDB_helix_class 
_struct_conf.details 
_struct_conf.pdbx_PDB_helix_length 
HELX_P HELX_P1 AA1 TYR A 25  ? SER A 29  ? TYR A 118 SER A 122 5 ? 5  
HELX_P HELX_P2 AA2 ALA A 43  ? GLY A 57  ? ALA A 136 GLY A 150 1 ? 15 
HELX_P HELX_P3 AA3 GLU A 110 ? LEU A 112 ? GLU A 203 LEU A 205 5 ? 3  
HELX_P HELX_P4 AA4 MET A 119 ? SER A 123 ? MET A 212 SER A 216 5 ? 5  
HELX_P HELX_P5 AA5 ALA A 135 ? PHE A 150 ? ALA A 228 PHE A 243 1 ? 16 
# 
_struct_conf_type.id          HELX_P 
_struct_conf_type.criteria    ? 
_struct_conf_type.reference   ? 
# 
loop_
_struct_sheet.id 
_struct_sheet.type 
_struct_sheet.number_strands 
_struct_sheet.details 
AA1 ? 4 ? 
AA2 ? 3 ? 
# 
loop_
_struct_sheet_order.sheet_id 
_struct_sheet_order.range_id_1 
_struct_sheet_order.range_id_2 
_struct_sheet_order.offset 
_struct_sheet_order.sense 
AA1 1 2 ? anti-parallel 
AA1 2 3 ? parallel      
AA1 3 4 ? anti-parallel 
AA2 1 2 ? anti-parallel 
AA2 2 3 ? anti-parallel 
# 
loop_
_struct_sheet_range.sheet_id 
_struct_sheet_range.id 
_struct_sheet_range.beg_label_comp_id 
_struct_sheet_range.beg_label_asym_id 
_struct_sheet_range.beg_label_seq_id 
_struct_sheet_range.pdbx_beg_PDB_ins_code 
_struct_sheet_range.end_label_comp_id 
_struct_sheet_range.end_label_asym_id 
_struct_sheet_range.end_label_seq_id 
_struct_sheet_range.pdbx_end_PDB_ins_code 
_struct_sheet_range.beg_auth_comp_id 
_struct_sheet_range.beg_auth_asym_id 
_struct_sheet_range.beg_auth_seq_id 
_struct_sheet_range.end_auth_comp_id 
_struct_sheet_range.end_auth_asym_id 
_struct_sheet_range.end_auth_seq_id 
AA1 1 LYS A 35  ? LYS A 37  ? LYS A 128 LYS A 130 
AA1 2 THR A 6   ? ILE A 11  ? THR A 99  ILE A 104 
AA1 3 GLN A 77  ? ILE A 84  ? GLN A 170 ILE A 177 
AA1 4 TYR A 69  ? ILE A 74  ? TYR A 162 ILE A 167 
AA2 1 TRP A 31  ? GLY A 32  ? TRP A 124 GLY A 125 
AA2 2 ASN A 18  ? GLN A 23  ? ASN A 111 GLN A 116 
AA2 3 ASN A 103 ? SER A 108 ? ASN A 196 SER A 201 
# 
loop_
_pdbx_struct_sheet_hbond.sheet_id 
_pdbx_struct_sheet_hbond.range_id_1 
_pdbx_struct_sheet_hbond.range_id_2 
_pdbx_struct_sheet_hbond.range_1_label_atom_id 
_pdbx_struct_sheet_hbond.range_1_label_comp_id 
_pdbx_struct_sheet_hbond.range_1_label_asym_id 
_pdbx_struct_sheet_hbond.range_1_label_seq_id 
_pdbx_struct_sheet_hbond.range_1_PDB_ins_code 
_pdbx_struct_sheet_hbond.range_1_auth_atom_id 
_pdbx_struct_sheet_hbond.range_1_auth_comp_id 
_pdbx_struct_sheet_hbond.range_1_auth_asym_id 
_pdbx_struct_sheet_hbond.range_1_auth_seq_id 
_pdbx_struct_sheet_hbond.range_2_label_atom_id 
_pdbx_struct_sheet_hbond.range_2_label_comp_id 
_pdbx_struct_sheet_hbond.range_2_label_asym_id 
_pdbx_struct_sheet_hbond.range_2_label_seq_id 
_pdbx_struct_sheet_hbond.range_2_PDB_ins_code 
_pdbx_struct_sheet_hbond.range_2_auth_atom_id 
_pdbx_struct_sheet_hbond.range_2_auth_comp_id 
_pdbx_struct_sheet_hbond.range_2_auth_asym_id 
_pdbx_struct_sheet_hbond.range_2_auth_seq_id 
AA1 1 2 O GLY A 36 ? O GLY A 129 N TYR A 7   ? N TYR A 100 
AA1 2 3 N ILE A 10 ? N ILE A 103 O ILE A 84  ? O ILE A 177 
AA1 3 4 O LEU A 81 ? O LEU A 174 N ILE A 70  ? N ILE A 163 
AA2 1 2 O GLY A 32 ? O GLY A 125 N VAL A 22  ? N VAL A 115 
AA2 2 3 N LEU A 21 ? N LEU A 114 O GLU A 105 ? O GLU A 198 
# 
loop_
_struct_site.id 
_struct_site.pdbx_evidence_code 
_struct_site.pdbx_auth_asym_id 
_struct_site.pdbx_auth_comp_id 
_struct_site.pdbx_auth_seq_id 
_struct_site.pdbx_auth_ins_code 
_struct_site.pdbx_num_residues 
_struct_site.details 
AC1 Software A EDO 301 ? 5 'binding site for residue EDO A 301' 
AC2 Software A EDO 302 ? 6 'binding site for residue EDO A 302' 
AC3 Software A DMS 303 ? 2 'binding site for residue DMS A 303' 
AC4 Software A ACT 304 ? 3 'binding site for residue ACT A 304' 
AC5 Software A ACT 305 ? 5 'binding site for residue ACT A 305' 
AC6 Software A PEG 306 ? 8 'binding site for residue PEG A 306' 
AC7 Software A LJA 307 ? 8 'binding site for residue LJA A 307' 
# 
loop_
_struct_site_gen.id 
_struct_site_gen.site_id 
_struct_site_gen.pdbx_num_res 
_struct_site_gen.label_comp_id 
_struct_site_gen.label_asym_id 
_struct_site_gen.label_seq_id 
_struct_site_gen.pdbx_auth_ins_code 
_struct_site_gen.auth_comp_id 
_struct_site_gen.auth_asym_id 
_struct_site_gen.auth_seq_id 
_struct_site_gen.label_atom_id 
_struct_site_gen.label_alt_id 
_struct_site_gen.symmetry 
_struct_site_gen.details 
1  AC1 5 ALA A 49  ? ALA A 142 . ? 1_555 ? 
2  AC1 5 PHE A 53  ? PHE A 146 . ? 1_555 ? 
3  AC1 5 ASP A 59  ? ASP A 152 . ? 1_555 ? 
4  AC1 5 LYS A 61  ? LYS A 154 . ? 1_555 ? 
5  AC1 5 HOH I .   ? HOH A 429 . ? 1_555 ? 
6  AC2 6 PRO A 129 ? PRO A 222 . ? 1_555 ? 
7  AC2 6 ASN A 130 ? ASN A 223 . ? 1_555 ? 
8  AC2 6 LYS A 131 ? LYS A 224 . ? 1_555 ? 
9  AC2 6 ACT F .   ? ACT A 305 . ? 1_555 ? 
10 AC2 6 HOH I .   ? HOH A 403 . ? 1_555 ? 
11 AC2 6 HOH I .   ? HOH A 409 . ? 3_357 ? 
12 AC3 2 ASN A 18  ? ASN A 111 . ? 1_555 ? 
13 AC3 2 TRP A 106 ? TRP A 199 . ? 1_555 ? 
14 AC4 3 SER A 29  ? SER A 122 . ? 1_555 ? 
15 AC4 3 TYR A 63  ? TYR A 156 . ? 3_357 ? 
16 AC4 3 HOH I .   ? HOH A 412 . ? 1_555 ? 
17 AC5 5 ARG A 116 ? ARG A 209 . ? 1_555 ? 
18 AC5 5 PRO A 129 ? PRO A 222 . ? 1_555 ? 
19 AC5 5 ASN A 130 ? ASN A 223 . ? 1_555 ? 
20 AC5 5 PHE A 133 ? PHE A 226 . ? 1_555 ? 
21 AC5 5 EDO C .   ? EDO A 302 . ? 1_555 ? 
22 AC6 8 VAL A 22  ? VAL A 115 . ? 1_555 ? 
23 AC6 8 GLY A 24  ? GLY A 117 . ? 1_555 ? 
24 AC6 8 LYS A 28  ? LYS A 121 . ? 1_555 ? 
25 AC6 8 GLY A 30  ? GLY A 123 . ? 1_555 ? 
26 AC6 8 GLY A 32  ? GLY A 125 . ? 1_555 ? 
27 AC6 8 LYS A 35  ? LYS A 128 . ? 1_555 ? 
28 AC6 8 GLU A 55  ? GLU A 148 . ? 1_555 ? 
29 AC6 8 MET A 134 ? MET A 227 . ? 1_555 ? 
30 AC7 8 THR A 6   ? THR A 99  . ? 1_555 ? 
31 AC7 8 LYS A 35  ? LYS A 128 . ? 1_555 ? 
32 AC7 8 ILE A 74  ? ILE A 167 . ? 1_555 ? 
33 AC7 8 GLN A 77  ? GLN A 170 . ? 1_555 ? 
34 AC7 8 ALA A 79  ? ALA A 172 . ? 1_555 ? 
35 AC7 8 GLU A 110 ? GLU A 203 . ? 4_557 ? 
36 AC7 8 PHE A 133 ? PHE A 226 . ? 1_555 ? 
37 AC7 8 MET A 134 ? MET A 227 . ? 1_555 ? 
# 
_pdbx_validate_close_contact.id               1 
_pdbx_validate_close_contact.PDB_model_num    1 
_pdbx_validate_close_contact.auth_atom_id_1   O 
_pdbx_validate_close_contact.auth_asym_id_1   A 
_pdbx_validate_close_contact.auth_comp_id_1   HOH 
_pdbx_validate_close_contact.auth_seq_id_1    430 
_pdbx_validate_close_contact.PDB_ins_code_1   ? 
_pdbx_validate_close_contact.label_alt_id_1   ? 
_pdbx_validate_close_contact.auth_atom_id_2   O 
_pdbx_validate_close_contact.auth_asym_id_2   A 
_pdbx_validate_close_contact.auth_comp_id_2   HOH 
_pdbx_validate_close_contact.auth_seq_id_2    487 
_pdbx_validate_close_contact.PDB_ins_code_2   ? 
_pdbx_validate_close_contact.label_alt_id_2   ? 
_pdbx_validate_close_contact.dist             2.18 
# 
loop_
_pdbx_validate_rmsd_angle.id 
_pdbx_validate_rmsd_angle.PDB_model_num 
_pdbx_validate_rmsd_angle.auth_atom_id_1 
_pdbx_validate_rmsd_angle.auth_asym_id_1 
_pdbx_validate_rmsd_angle.auth_comp_id_1 
_pdbx_validate_rmsd_angle.auth_seq_id_1 
_pdbx_validate_rmsd_angle.PDB_ins_code_1 
_pdbx_validate_rmsd_angle.label_alt_id_1 
_pdbx_validate_rmsd_angle.auth_atom_id_2 
_pdbx_validate_rmsd_angle.auth_asym_id_2 
_pdbx_validate_rmsd_angle.auth_comp_id_2 
_pdbx_validate_rmsd_angle.auth_seq_id_2 
_pdbx_validate_rmsd_angle.PDB_ins_code_2 
_pdbx_validate_rmsd_angle.label_alt_id_2 
_pdbx_validate_rmsd_angle.auth_atom_id_3 
_pdbx_validate_rmsd_angle.auth_asym_id_3 
_pdbx_validate_rmsd_angle.auth_comp_id_3 
_pdbx_validate_rmsd_angle.auth_seq_id_3 
_pdbx_validate_rmsd_angle.PDB_ins_code_3 
_pdbx_validate_rmsd_angle.label_alt_id_3 
_pdbx_validate_rmsd_angle.angle_value 
_pdbx_validate_rmsd_angle.angle_target_value 
_pdbx_validate_rmsd_angle.angle_deviation 
_pdbx_validate_rmsd_angle.angle_standard_deviation 
_pdbx_validate_rmsd_angle.linker_flag 
1 1 CB A ASP 152 ? ? CG A ASP 152 ? ? OD1 A ASP 152 ? ? 124.55 118.30 6.25   0.90 N 
2 1 CB A ASP 169 ? ? CG A ASP 169 ? ? OD1 A ASP 169 ? ? 124.41 118.30 6.11   0.90 N 
3 1 CB A ASP 169 ? ? CG A ASP 169 ? ? OD2 A ASP 169 ? ? 106.51 118.30 -11.79 0.90 N 
4 1 NE A ARG 209 ? A CZ A ARG 209 ? A NH1 A ARG 209 ? A 123.94 120.30 3.64   0.50 N 
# 
_pdbx_validate_torsion.id              1 
_pdbx_validate_torsion.PDB_model_num   1 
_pdbx_validate_torsion.auth_comp_id    LEU 
_pdbx_validate_torsion.auth_asym_id    A 
_pdbx_validate_torsion.auth_seq_id     119 
_pdbx_validate_torsion.PDB_ins_code    ? 
_pdbx_validate_torsion.label_alt_id    ? 
_pdbx_validate_torsion.phi             59.81 
_pdbx_validate_torsion.psi             -115.75 
# 
_phasing.method   MR 
# 
loop_
_pdbx_unobs_or_zero_occ_residues.id 
_pdbx_unobs_or_zero_occ_residues.PDB_model_num 
_pdbx_unobs_or_zero_occ_residues.polymer_flag 
_pdbx_unobs_or_zero_occ_residues.occupancy_flag 
_pdbx_unobs_or_zero_occ_residues.auth_asym_id 
_pdbx_unobs_or_zero_occ_residues.auth_comp_id 
_pdbx_unobs_or_zero_occ_residues.auth_seq_id 
_pdbx_unobs_or_zero_occ_residues.PDB_ins_code 
_pdbx_unobs_or_zero_occ_residues.label_asym_id 
_pdbx_unobs_or_zero_occ_residues.label_comp_id 
_pdbx_unobs_or_zero_occ_residues.label_seq_id 
1  1 Y 1 A SER 94  ? A SER 1   
2  1 Y 1 A MET 95  ? A MET 2   
3  1 Y 1 A ASP 245 ? A ASP 152 
4  1 Y 1 A SER 246 ? A SER 153 
5  1 Y 1 A SER 247 ? A SER 154 
6  1 Y 1 A ASP 248 ? A ASP 155 
7  1 Y 1 A SER 249 ? A SER 156 
8  1 Y 1 A ASP 250 ? A ASP 157 
9  1 Y 1 A ASN 251 ? A ASN 158 
10 1 Y 1 A GLY 252 ? A GLY 159 
11 1 Y 1 A PHE 253 ? A PHE 160 
12 1 Y 1 A SER 254 ? A SER 161 
13 1 Y 1 A SER 255 ? A SER 162 
14 1 Y 1 A THR 256 ? A THR 163 
15 1 Y 1 A GLY 257 ? A GLY 164 
16 1 Y 1 A SER 258 ? A SER 165 
17 1 Y 1 A THR 259 ? A THR 166 
18 1 Y 1 A PRO 260 ? A PRO 167 
# 
loop_
_chem_comp_atom.comp_id 
_chem_comp_atom.atom_id 
_chem_comp_atom.type_symbol 
_chem_comp_atom.pdbx_aromatic_flag 
_chem_comp_atom.pdbx_stereo_config 
_chem_comp_atom.pdbx_ordinal 
ACT C    C N N 1   
ACT O    O N N 2   
ACT OXT  O N N 3   
ACT CH3  C N N 4   
ACT H1   H N N 5   
ACT H2   H N N 6   
ACT H3   H N N 7   
ALA N    N N N 8   
ALA CA   C N S 9   
ALA C    C N N 10  
ALA O    O N N 11  
ALA CB   C N N 12  
ALA OXT  O N N 13  
ALA H    H N N 14  
ALA H2   H N N 15  
ALA HA   H N N 16  
ALA HB1  H N N 17  
ALA HB2  H N N 18  
ALA HB3  H N N 19  
ALA HXT  H N N 20  
ARG N    N N N 21  
ARG CA   C N S 22  
ARG C    C N N 23  
ARG O    O N N 24  
ARG CB   C N N 25  
ARG CG   C N N 26  
ARG CD   C N N 27  
ARG NE   N N N 28  
ARG CZ   C N N 29  
ARG NH1  N N N 30  
ARG NH2  N N N 31  
ARG OXT  O N N 32  
ARG H    H N N 33  
ARG H2   H N N 34  
ARG HA   H N N 35  
ARG HB2  H N N 36  
ARG HB3  H N N 37  
ARG HG2  H N N 38  
ARG HG3  H N N 39  
ARG HD2  H N N 40  
ARG HD3  H N N 41  
ARG HE   H N N 42  
ARG HH11 H N N 43  
ARG HH12 H N N 44  
ARG HH21 H N N 45  
ARG HH22 H N N 46  
ARG HXT  H N N 47  
ASN N    N N N 48  
ASN CA   C N S 49  
ASN C    C N N 50  
ASN O    O N N 51  
ASN CB   C N N 52  
ASN CG   C N N 53  
ASN OD1  O N N 54  
ASN ND2  N N N 55  
ASN OXT  O N N 56  
ASN H    H N N 57  
ASN H2   H N N 58  
ASN HA   H N N 59  
ASN HB2  H N N 60  
ASN HB3  H N N 61  
ASN HD21 H N N 62  
ASN HD22 H N N 63  
ASN HXT  H N N 64  
ASP N    N N N 65  
ASP CA   C N S 66  
ASP C    C N N 67  
ASP O    O N N 68  
ASP CB   C N N 69  
ASP CG   C N N 70  
ASP OD1  O N N 71  
ASP OD2  O N N 72  
ASP OXT  O N N 73  
ASP H    H N N 74  
ASP H2   H N N 75  
ASP HA   H N N 76  
ASP HB2  H N N 77  
ASP HB3  H N N 78  
ASP HD2  H N N 79  
ASP HXT  H N N 80  
CYS N    N N N 81  
CYS CA   C N R 82  
CYS C    C N N 83  
CYS O    O N N 84  
CYS CB   C N N 85  
CYS SG   S N N 86  
CYS OXT  O N N 87  
CYS H    H N N 88  
CYS H2   H N N 89  
CYS HA   H N N 90  
CYS HB2  H N N 91  
CYS HB3  H N N 92  
CYS HG   H N N 93  
CYS HXT  H N N 94  
DMS S    S N N 95  
DMS O    O N N 96  
DMS C1   C N N 97  
DMS C2   C N N 98  
DMS H11  H N N 99  
DMS H12  H N N 100 
DMS H13  H N N 101 
DMS H21  H N N 102 
DMS H22  H N N 103 
DMS H23  H N N 104 
EDO C1   C N N 105 
EDO O1   O N N 106 
EDO C2   C N N 107 
EDO O2   O N N 108 
EDO H11  H N N 109 
EDO H12  H N N 110 
EDO HO1  H N N 111 
EDO H21  H N N 112 
EDO H22  H N N 113 
EDO HO2  H N N 114 
GLN N    N N N 115 
GLN CA   C N S 116 
GLN C    C N N 117 
GLN O    O N N 118 
GLN CB   C N N 119 
GLN CG   C N N 120 
GLN CD   C N N 121 
GLN OE1  O N N 122 
GLN NE2  N N N 123 
GLN OXT  O N N 124 
GLN H    H N N 125 
GLN H2   H N N 126 
GLN HA   H N N 127 
GLN HB2  H N N 128 
GLN HB3  H N N 129 
GLN HG2  H N N 130 
GLN HG3  H N N 131 
GLN HE21 H N N 132 
GLN HE22 H N N 133 
GLN HXT  H N N 134 
GLU N    N N N 135 
GLU CA   C N S 136 
GLU C    C N N 137 
GLU O    O N N 138 
GLU CB   C N N 139 
GLU CG   C N N 140 
GLU CD   C N N 141 
GLU OE1  O N N 142 
GLU OE2  O N N 143 
GLU OXT  O N N 144 
GLU H    H N N 145 
GLU H2   H N N 146 
GLU HA   H N N 147 
GLU HB2  H N N 148 
GLU HB3  H N N 149 
GLU HG2  H N N 150 
GLU HG3  H N N 151 
GLU HE2  H N N 152 
GLU HXT  H N N 153 
GLY N    N N N 154 
GLY CA   C N N 155 
GLY C    C N N 156 
GLY O    O N N 157 
GLY OXT  O N N 158 
GLY H    H N N 159 
GLY H2   H N N 160 
GLY HA2  H N N 161 
GLY HA3  H N N 162 
GLY HXT  H N N 163 
HIS N    N N N 164 
HIS CA   C N S 165 
HIS C    C N N 166 
HIS O    O N N 167 
HIS CB   C N N 168 
HIS CG   C Y N 169 
HIS ND1  N Y N 170 
HIS CD2  C Y N 171 
HIS CE1  C Y N 172 
HIS NE2  N Y N 173 
HIS OXT  O N N 174 
HIS H    H N N 175 
HIS H2   H N N 176 
HIS HA   H N N 177 
HIS HB2  H N N 178 
HIS HB3  H N N 179 
HIS HD1  H N N 180 
HIS HD2  H N N 181 
HIS HE1  H N N 182 
HIS HE2  H N N 183 
HIS HXT  H N N 184 
HOH O    O N N 185 
HOH H1   H N N 186 
HOH H2   H N N 187 
ILE N    N N N 188 
ILE CA   C N S 189 
ILE C    C N N 190 
ILE O    O N N 191 
ILE CB   C N S 192 
ILE CG1  C N N 193 
ILE CG2  C N N 194 
ILE CD1  C N N 195 
ILE OXT  O N N 196 
ILE H    H N N 197 
ILE H2   H N N 198 
ILE HA   H N N 199 
ILE HB   H N N 200 
ILE HG12 H N N 201 
ILE HG13 H N N 202 
ILE HG21 H N N 203 
ILE HG22 H N N 204 
ILE HG23 H N N 205 
ILE HD11 H N N 206 
ILE HD12 H N N 207 
ILE HD13 H N N 208 
ILE HXT  H N N 209 
LEU N    N N N 210 
LEU CA   C N S 211 
LEU C    C N N 212 
LEU O    O N N 213 
LEU CB   C N N 214 
LEU CG   C N N 215 
LEU CD1  C N N 216 
LEU CD2  C N N 217 
LEU OXT  O N N 218 
LEU H    H N N 219 
LEU H2   H N N 220 
LEU HA   H N N 221 
LEU HB2  H N N 222 
LEU HB3  H N N 223 
LEU HG   H N N 224 
LEU HD11 H N N 225 
LEU HD12 H N N 226 
LEU HD13 H N N 227 
LEU HD21 H N N 228 
LEU HD22 H N N 229 
LEU HD23 H N N 230 
LEU HXT  H N N 231 
LJA N1   N N N 232 
LJA N3   N N N 233 
LJA C4   C Y N 234 
LJA C5   C Y N 235 
LJA C6   C Y N 236 
LJA C7   C Y N 237 
LJA C8   C Y N 238 
LJA C1   C N N 239 
LJA C2   C N N 240 
LJA C3   C Y N 241 
LJA C9   C N N 242 
LJA N2   N N N 243 
LJA O1   O N N 244 
LJA O2   O N N 245 
LJA H1   H N N 246 
LJA H2   H N N 247 
LJA H3   H N N 248 
LJA H4   H N N 249 
LJA H5   H N N 250 
LJA H6   H N N 251 
LJA H7   H N N 252 
LJA H8   H N N 253 
LJA H9   H N N 254 
LJA H10  H N N 255 
LJA H11  H N N 256 
LYS N    N N N 257 
LYS CA   C N S 258 
LYS C    C N N 259 
LYS O    O N N 260 
LYS CB   C N N 261 
LYS CG   C N N 262 
LYS CD   C N N 263 
LYS CE   C N N 264 
LYS NZ   N N N 265 
LYS OXT  O N N 266 
LYS H    H N N 267 
LYS H2   H N N 268 
LYS HA   H N N 269 
LYS HB2  H N N 270 
LYS HB3  H N N 271 
LYS HG2  H N N 272 
LYS HG3  H N N 273 
LYS HD2  H N N 274 
LYS HD3  H N N 275 
LYS HE2  H N N 276 
LYS HE3  H N N 277 
LYS HZ1  H N N 278 
LYS HZ2  H N N 279 
LYS HZ3  H N N 280 
LYS HXT  H N N 281 
MET N    N N N 282 
MET CA   C N S 283 
MET C    C N N 284 
MET O    O N N 285 
MET CB   C N N 286 
MET CG   C N N 287 
MET SD   S N N 288 
MET CE   C N N 289 
MET OXT  O N N 290 
MET H    H N N 291 
MET H2   H N N 292 
MET HA   H N N 293 
MET HB2  H N N 294 
MET HB3  H N N 295 
MET HG2  H N N 296 
MET HG3  H N N 297 
MET HE1  H N N 298 
MET HE2  H N N 299 
MET HE3  H N N 300 
MET HXT  H N N 301 
PEG C1   C N N 302 
PEG O1   O N N 303 
PEG C2   C N N 304 
PEG O2   O N N 305 
PEG C3   C N N 306 
PEG C4   C N N 307 
PEG O4   O N N 308 
PEG H11  H N N 309 
PEG H12  H N N 310 
PEG HO1  H N N 311 
PEG H21  H N N 312 
PEG H22  H N N 313 
PEG H31  H N N 314 
PEG H32  H N N 315 
PEG H41  H N N 316 
PEG H42  H N N 317 
PEG HO4  H N N 318 
PHE N    N N N 319 
PHE CA   C N S 320 
PHE C    C N N 321 
PHE O    O N N 322 
PHE CB   C N N 323 
PHE CG   C Y N 324 
PHE CD1  C Y N 325 
PHE CD2  C Y N 326 
PHE CE1  C Y N 327 
PHE CE2  C Y N 328 
PHE CZ   C Y N 329 
PHE OXT  O N N 330 
PHE H    H N N 331 
PHE H2   H N N 332 
PHE HA   H N N 333 
PHE HB2  H N N 334 
PHE HB3  H N N 335 
PHE HD1  H N N 336 
PHE HD2  H N N 337 
PHE HE1  H N N 338 
PHE HE2  H N N 339 
PHE HZ   H N N 340 
PHE HXT  H N N 341 
PRO N    N N N 342 
PRO CA   C N S 343 
PRO C    C N N 344 
PRO O    O N N 345 
PRO CB   C N N 346 
PRO CG   C N N 347 
PRO CD   C N N 348 
PRO OXT  O N N 349 
PRO H    H N N 350 
PRO HA   H N N 351 
PRO HB2  H N N 352 
PRO HB3  H N N 353 
PRO HG2  H N N 354 
PRO HG3  H N N 355 
PRO HD2  H N N 356 
PRO HD3  H N N 357 
PRO HXT  H N N 358 
SER N    N N N 359 
SER CA   C N S 360 
SER C    C N N 361 
SER O    O N N 362 
SER CB   C N N 363 
SER OG   O N N 364 
SER OXT  O N N 365 
SER H    H N N 366 
SER H2   H N N 367 
SER HA   H N N 368 
SER HB2  H N N 369 
SER HB3  H N N 370 
SER HG   H N N 371 
SER HXT  H N N 372 
THR N    N N N 373 
THR CA   C N S 374 
THR C    C N N 375 
THR O    O N N 376 
THR CB   C N R 377 
THR OG1  O N N 378 
THR CG2  C N N 379 
THR OXT  O N N 380 
THR H    H N N 381 
THR H2   H N N 382 
THR HA   H N N 383 
THR HB   H N N 384 
THR HG1  H N N 385 
THR HG21 H N N 386 
THR HG22 H N N 387 
THR HG23 H N N 388 
THR HXT  H N N 389 
TRP N    N N N 390 
TRP CA   C N S 391 
TRP C    C N N 392 
TRP O    O N N 393 
TRP CB   C N N 394 
TRP CG   C Y N 395 
TRP CD1  C Y N 396 
TRP CD2  C Y N 397 
TRP NE1  N Y N 398 
TRP CE2  C Y N 399 
TRP CE3  C Y N 400 
TRP CZ2  C Y N 401 
TRP CZ3  C Y N 402 
TRP CH2  C Y N 403 
TRP OXT  O N N 404 
TRP H    H N N 405 
TRP H2   H N N 406 
TRP HA   H N N 407 
TRP HB2  H N N 408 
TRP HB3  H N N 409 
TRP HD1  H N N 410 
TRP HE1  H N N 411 
TRP HE3  H N N 412 
TRP HZ2  H N N 413 
TRP HZ3  H N N 414 
TRP HH2  H N N 415 
TRP HXT  H N N 416 
TYR N    N N N 417 
TYR CA   C N S 418 
TYR C    C N N 419 
TYR O    O N N 420 
TYR CB   C N N 421 
TYR CG   C Y N 422 
TYR CD1  C Y N 423 
TYR CD2  C Y N 424 
TYR CE1  C Y N 425 
TYR CE2  C Y N 426 
TYR CZ   C Y N 427 
TYR OH   O N N 428 
TYR OXT  O N N 429 
TYR H    H N N 430 
TYR H2   H N N 431 
TYR HA   H N N 432 
TYR HB2  H N N 433 
TYR HB3  H N N 434 
TYR HD1  H N N 435 
TYR HD2  H N N 436 
TYR HE1  H N N 437 
TYR HE2  H N N 438 
TYR HH   H N N 439 
TYR HXT  H N N 440 
VAL N    N N N 441 
VAL CA   C N S 442 
VAL C    C N N 443 
VAL O    O N N 444 
VAL CB   C N N 445 
VAL CG1  C N N 446 
VAL CG2  C N N 447 
VAL OXT  O N N 448 
VAL H    H N N 449 
VAL H2   H N N 450 
VAL HA   H N N 451 
VAL HB   H N N 452 
VAL HG11 H N N 453 
VAL HG12 H N N 454 
VAL HG13 H N N 455 
VAL HG21 H N N 456 
VAL HG22 H N N 457 
VAL HG23 H N N 458 
VAL HXT  H N N 459 
# 
loop_
_chem_comp_bond.comp_id 
_chem_comp_bond.atom_id_1 
_chem_comp_bond.atom_id_2 
_chem_comp_bond.value_order 
_chem_comp_bond.pdbx_aromatic_flag 
_chem_comp_bond.pdbx_stereo_config 
_chem_comp_bond.pdbx_ordinal 
ACT C   O    doub N N 1   
ACT C   OXT  sing N N 2   
ACT C   CH3  sing N N 3   
ACT CH3 H1   sing N N 4   
ACT CH3 H2   sing N N 5   
ACT CH3 H3   sing N N 6   
ALA N   CA   sing N N 7   
ALA N   H    sing N N 8   
ALA N   H2   sing N N 9   
ALA CA  C    sing N N 10  
ALA CA  CB   sing N N 11  
ALA CA  HA   sing N N 12  
ALA C   O    doub N N 13  
ALA C   OXT  sing N N 14  
ALA CB  HB1  sing N N 15  
ALA CB  HB2  sing N N 16  
ALA CB  HB3  sing N N 17  
ALA OXT HXT  sing N N 18  
ARG N   CA   sing N N 19  
ARG N   H    sing N N 20  
ARG N   H2   sing N N 21  
ARG CA  C    sing N N 22  
ARG CA  CB   sing N N 23  
ARG CA  HA   sing N N 24  
ARG C   O    doub N N 25  
ARG C   OXT  sing N N 26  
ARG CB  CG   sing N N 27  
ARG CB  HB2  sing N N 28  
ARG CB  HB3  sing N N 29  
ARG CG  CD   sing N N 30  
ARG CG  HG2  sing N N 31  
ARG CG  HG3  sing N N 32  
ARG CD  NE   sing N N 33  
ARG CD  HD2  sing N N 34  
ARG CD  HD3  sing N N 35  
ARG NE  CZ   sing N N 36  
ARG NE  HE   sing N N 37  
ARG CZ  NH1  sing N N 38  
ARG CZ  NH2  doub N N 39  
ARG NH1 HH11 sing N N 40  
ARG NH1 HH12 sing N N 41  
ARG NH2 HH21 sing N N 42  
ARG NH2 HH22 sing N N 43  
ARG OXT HXT  sing N N 44  
ASN N   CA   sing N N 45  
ASN N   H    sing N N 46  
ASN N   H2   sing N N 47  
ASN CA  C    sing N N 48  
ASN CA  CB   sing N N 49  
ASN CA  HA   sing N N 50  
ASN C   O    doub N N 51  
ASN C   OXT  sing N N 52  
ASN CB  CG   sing N N 53  
ASN CB  HB2  sing N N 54  
ASN CB  HB3  sing N N 55  
ASN CG  OD1  doub N N 56  
ASN CG  ND2  sing N N 57  
ASN ND2 HD21 sing N N 58  
ASN ND2 HD22 sing N N 59  
ASN OXT HXT  sing N N 60  
ASP N   CA   sing N N 61  
ASP N   H    sing N N 62  
ASP N   H2   sing N N 63  
ASP CA  C    sing N N 64  
ASP CA  CB   sing N N 65  
ASP CA  HA   sing N N 66  
ASP C   O    doub N N 67  
ASP C   OXT  sing N N 68  
ASP CB  CG   sing N N 69  
ASP CB  HB2  sing N N 70  
ASP CB  HB3  sing N N 71  
ASP CG  OD1  doub N N 72  
ASP CG  OD2  sing N N 73  
ASP OD2 HD2  sing N N 74  
ASP OXT HXT  sing N N 75  
CYS N   CA   sing N N 76  
CYS N   H    sing N N 77  
CYS N   H2   sing N N 78  
CYS CA  C    sing N N 79  
CYS CA  CB   sing N N 80  
CYS CA  HA   sing N N 81  
CYS C   O    doub N N 82  
CYS C   OXT  sing N N 83  
CYS CB  SG   sing N N 84  
CYS CB  HB2  sing N N 85  
CYS CB  HB3  sing N N 86  
CYS SG  HG   sing N N 87  
CYS OXT HXT  sing N N 88  
DMS S   O    doub N N 89  
DMS S   C1   sing N N 90  
DMS S   C2   sing N N 91  
DMS C1  H11  sing N N 92  
DMS C1  H12  sing N N 93  
DMS C1  H13  sing N N 94  
DMS C2  H21  sing N N 95  
DMS C2  H22  sing N N 96  
DMS C2  H23  sing N N 97  
EDO C1  O1   sing N N 98  
EDO C1  C2   sing N N 99  
EDO C1  H11  sing N N 100 
EDO C1  H12  sing N N 101 
EDO O1  HO1  sing N N 102 
EDO C2  O2   sing N N 103 
EDO C2  H21  sing N N 104 
EDO C2  H22  sing N N 105 
EDO O2  HO2  sing N N 106 
GLN N   CA   sing N N 107 
GLN N   H    sing N N 108 
GLN N   H2   sing N N 109 
GLN CA  C    sing N N 110 
GLN CA  CB   sing N N 111 
GLN CA  HA   sing N N 112 
GLN C   O    doub N N 113 
GLN C   OXT  sing N N 114 
GLN CB  CG   sing N N 115 
GLN CB  HB2  sing N N 116 
GLN CB  HB3  sing N N 117 
GLN CG  CD   sing N N 118 
GLN CG  HG2  sing N N 119 
GLN CG  HG3  sing N N 120 
GLN CD  OE1  doub N N 121 
GLN CD  NE2  sing N N 122 
GLN NE2 HE21 sing N N 123 
GLN NE2 HE22 sing N N 124 
GLN OXT HXT  sing N N 125 
GLU N   CA   sing N N 126 
GLU N   H    sing N N 127 
GLU N   H2   sing N N 128 
GLU CA  C    sing N N 129 
GLU CA  CB   sing N N 130 
GLU CA  HA   sing N N 131 
GLU C   O    doub N N 132 
GLU C   OXT  sing N N 133 
GLU CB  CG   sing N N 134 
GLU CB  HB2  sing N N 135 
GLU CB  HB3  sing N N 136 
GLU CG  CD   sing N N 137 
GLU CG  HG2  sing N N 138 
GLU CG  HG3  sing N N 139 
GLU CD  OE1  doub N N 140 
GLU CD  OE2  sing N N 141 
GLU OE2 HE2  sing N N 142 
GLU OXT HXT  sing N N 143 
GLY N   CA   sing N N 144 
GLY N   H    sing N N 145 
GLY N   H2   sing N N 146 
GLY CA  C    sing N N 147 
GLY CA  HA2  sing N N 148 
GLY CA  HA3  sing N N 149 
GLY C   O    doub N N 150 
GLY C   OXT  sing N N 151 
GLY OXT HXT  sing N N 152 
HIS N   CA   sing N N 153 
HIS N   H    sing N N 154 
HIS N   H2   sing N N 155 
HIS CA  C    sing N N 156 
HIS CA  CB   sing N N 157 
HIS CA  HA   sing N N 158 
HIS C   O    doub N N 159 
HIS C   OXT  sing N N 160 
HIS CB  CG   sing N N 161 
HIS CB  HB2  sing N N 162 
HIS CB  HB3  sing N N 163 
HIS CG  ND1  sing Y N 164 
HIS CG  CD2  doub Y N 165 
HIS ND1 CE1  doub Y N 166 
HIS ND1 HD1  sing N N 167 
HIS CD2 NE2  sing Y N 168 
HIS CD2 HD2  sing N N 169 
HIS CE1 NE2  sing Y N 170 
HIS CE1 HE1  sing N N 171 
HIS NE2 HE2  sing N N 172 
HIS OXT HXT  sing N N 173 
HOH O   H1   sing N N 174 
HOH O   H2   sing N N 175 
ILE N   CA   sing N N 176 
ILE N   H    sing N N 177 
ILE N   H2   sing N N 178 
ILE CA  C    sing N N 179 
ILE CA  CB   sing N N 180 
ILE CA  HA   sing N N 181 
ILE C   O    doub N N 182 
ILE C   OXT  sing N N 183 
ILE CB  CG1  sing N N 184 
ILE CB  CG2  sing N N 185 
ILE CB  HB   sing N N 186 
ILE CG1 CD1  sing N N 187 
ILE CG1 HG12 sing N N 188 
ILE CG1 HG13 sing N N 189 
ILE CG2 HG21 sing N N 190 
ILE CG2 HG22 sing N N 191 
ILE CG2 HG23 sing N N 192 
ILE CD1 HD11 sing N N 193 
ILE CD1 HD12 sing N N 194 
ILE CD1 HD13 sing N N 195 
ILE OXT HXT  sing N N 196 
LEU N   CA   sing N N 197 
LEU N   H    sing N N 198 
LEU N   H2   sing N N 199 
LEU CA  C    sing N N 200 
LEU CA  CB   sing N N 201 
LEU CA  HA   sing N N 202 
LEU C   O    doub N N 203 
LEU C   OXT  sing N N 204 
LEU CB  CG   sing N N 205 
LEU CB  HB2  sing N N 206 
LEU CB  HB3  sing N N 207 
LEU CG  CD1  sing N N 208 
LEU CG  CD2  sing N N 209 
LEU CG  HG   sing N N 210 
LEU CD1 HD11 sing N N 211 
LEU CD1 HD12 sing N N 212 
LEU CD1 HD13 sing N N 213 
LEU CD2 HD21 sing N N 214 
LEU CD2 HD22 sing N N 215 
LEU CD2 HD23 sing N N 216 
LEU OXT HXT  sing N N 217 
LJA O2  C9   doub N N 218 
LJA N2  C9   sing N N 219 
LJA N2  C7   sing N N 220 
LJA C9  N3   sing N N 221 
LJA C7  C6   doub Y N 222 
LJA C7  C8   sing Y N 223 
LJA C6  C5   sing Y N 224 
LJA C8  C3   doub Y N 225 
LJA C5  C4   doub Y N 226 
LJA C3  C4   sing Y N 227 
LJA C3  N1   sing N N 228 
LJA N1  C2   sing N N 229 
LJA C2  O1   doub N N 230 
LJA C2  C1   sing N N 231 
LJA N1  H1   sing N N 232 
LJA N3  H2   sing N N 233 
LJA N3  H3   sing N N 234 
LJA C4  H4   sing N N 235 
LJA C5  H5   sing N N 236 
LJA C6  H6   sing N N 237 
LJA C8  H7   sing N N 238 
LJA C1  H8   sing N N 239 
LJA C1  H9   sing N N 240 
LJA C1  H10  sing N N 241 
LJA N2  H11  sing N N 242 
LYS N   CA   sing N N 243 
LYS N   H    sing N N 244 
LYS N   H2   sing N N 245 
LYS CA  C    sing N N 246 
LYS CA  CB   sing N N 247 
LYS CA  HA   sing N N 248 
LYS C   O    doub N N 249 
LYS C   OXT  sing N N 250 
LYS CB  CG   sing N N 251 
LYS CB  HB2  sing N N 252 
LYS CB  HB3  sing N N 253 
LYS CG  CD   sing N N 254 
LYS CG  HG2  sing N N 255 
LYS CG  HG3  sing N N 256 
LYS CD  CE   sing N N 257 
LYS CD  HD2  sing N N 258 
LYS CD  HD3  sing N N 259 
LYS CE  NZ   sing N N 260 
LYS CE  HE2  sing N N 261 
LYS CE  HE3  sing N N 262 
LYS NZ  HZ1  sing N N 263 
LYS NZ  HZ2  sing N N 264 
LYS NZ  HZ3  sing N N 265 
LYS OXT HXT  sing N N 266 
MET N   CA   sing N N 267 
MET N   H    sing N N 268 
MET N   H2   sing N N 269 
MET CA  C    sing N N 270 
MET CA  CB   sing N N 271 
MET CA  HA   sing N N 272 
MET C   O    doub N N 273 
MET C   OXT  sing N N 274 
MET CB  CG   sing N N 275 
MET CB  HB2  sing N N 276 
MET CB  HB3  sing N N 277 
MET CG  SD   sing N N 278 
MET CG  HG2  sing N N 279 
MET CG  HG3  sing N N 280 
MET SD  CE   sing N N 281 
MET CE  HE1  sing N N 282 
MET CE  HE2  sing N N 283 
MET CE  HE3  sing N N 284 
MET OXT HXT  sing N N 285 
PEG C1  O1   sing N N 286 
PEG C1  C2   sing N N 287 
PEG C1  H11  sing N N 288 
PEG C1  H12  sing N N 289 
PEG O1  HO1  sing N N 290 
PEG C2  O2   sing N N 291 
PEG C2  H21  sing N N 292 
PEG C2  H22  sing N N 293 
PEG O2  C3   sing N N 294 
PEG C3  C4   sing N N 295 
PEG C3  H31  sing N N 296 
PEG C3  H32  sing N N 297 
PEG C4  O4   sing N N 298 
PEG C4  H41  sing N N 299 
PEG C4  H42  sing N N 300 
PEG O4  HO4  sing N N 301 
PHE N   CA   sing N N 302 
PHE N   H    sing N N 303 
PHE N   H2   sing N N 304 
PHE CA  C    sing N N 305 
PHE CA  CB   sing N N 306 
PHE CA  HA   sing N N 307 
PHE C   O    doub N N 308 
PHE C   OXT  sing N N 309 
PHE CB  CG   sing N N 310 
PHE CB  HB2  sing N N 311 
PHE CB  HB3  sing N N 312 
PHE CG  CD1  doub Y N 313 
PHE CG  CD2  sing Y N 314 
PHE CD1 CE1  sing Y N 315 
PHE CD1 HD1  sing N N 316 
PHE CD2 CE2  doub Y N 317 
PHE CD2 HD2  sing N N 318 
PHE CE1 CZ   doub Y N 319 
PHE CE1 HE1  sing N N 320 
PHE CE2 CZ   sing Y N 321 
PHE CE2 HE2  sing N N 322 
PHE CZ  HZ   sing N N 323 
PHE OXT HXT  sing N N 324 
PRO N   CA   sing N N 325 
PRO N   CD   sing N N 326 
PRO N   H    sing N N 327 
PRO CA  C    sing N N 328 
PRO CA  CB   sing N N 329 
PRO CA  HA   sing N N 330 
PRO C   O    doub N N 331 
PRO C   OXT  sing N N 332 
PRO CB  CG   sing N N 333 
PRO CB  HB2  sing N N 334 
PRO CB  HB3  sing N N 335 
PRO CG  CD   sing N N 336 
PRO CG  HG2  sing N N 337 
PRO CG  HG3  sing N N 338 
PRO CD  HD2  sing N N 339 
PRO CD  HD3  sing N N 340 
PRO OXT HXT  sing N N 341 
SER N   CA   sing N N 342 
SER N   H    sing N N 343 
SER N   H2   sing N N 344 
SER CA  C    sing N N 345 
SER CA  CB   sing N N 346 
SER CA  HA   sing N N 347 
SER C   O    doub N N 348 
SER C   OXT  sing N N 349 
SER CB  OG   sing N N 350 
SER CB  HB2  sing N N 351 
SER CB  HB3  sing N N 352 
SER OG  HG   sing N N 353 
SER OXT HXT  sing N N 354 
THR N   CA   sing N N 355 
THR N   H    sing N N 356 
THR N   H2   sing N N 357 
THR CA  C    sing N N 358 
THR CA  CB   sing N N 359 
THR CA  HA   sing N N 360 
THR C   O    doub N N 361 
THR C   OXT  sing N N 362 
THR CB  OG1  sing N N 363 
THR CB  CG2  sing N N 364 
THR CB  HB   sing N N 365 
THR OG1 HG1  sing N N 366 
THR CG2 HG21 sing N N 367 
THR CG2 HG22 sing N N 368 
THR CG2 HG23 sing N N 369 
THR OXT HXT  sing N N 370 
TRP N   CA   sing N N 371 
TRP N   H    sing N N 372 
TRP N   H2   sing N N 373 
TRP CA  C    sing N N 374 
TRP CA  CB   sing N N 375 
TRP CA  HA   sing N N 376 
TRP C   O    doub N N 377 
TRP C   OXT  sing N N 378 
TRP CB  CG   sing N N 379 
TRP CB  HB2  sing N N 380 
TRP CB  HB3  sing N N 381 
TRP CG  CD1  doub Y N 382 
TRP CG  CD2  sing Y N 383 
TRP CD1 NE1  sing Y N 384 
TRP CD1 HD1  sing N N 385 
TRP CD2 CE2  doub Y N 386 
TRP CD2 CE3  sing Y N 387 
TRP NE1 CE2  sing Y N 388 
TRP NE1 HE1  sing N N 389 
TRP CE2 CZ2  sing Y N 390 
TRP CE3 CZ3  doub Y N 391 
TRP CE3 HE3  sing N N 392 
TRP CZ2 CH2  doub Y N 393 
TRP CZ2 HZ2  sing N N 394 
TRP CZ3 CH2  sing Y N 395 
TRP CZ3 HZ3  sing N N 396 
TRP CH2 HH2  sing N N 397 
TRP OXT HXT  sing N N 398 
TYR N   CA   sing N N 399 
TYR N   H    sing N N 400 
TYR N   H2   sing N N 401 
TYR CA  C    sing N N 402 
TYR CA  CB   sing N N 403 
TYR CA  HA   sing N N 404 
TYR C   O    doub N N 405 
TYR C   OXT  sing N N 406 
TYR CB  CG   sing N N 407 
TYR CB  HB2  sing N N 408 
TYR CB  HB3  sing N N 409 
TYR CG  CD1  doub Y N 410 
TYR CG  CD2  sing Y N 411 
TYR CD1 CE1  sing Y N 412 
TYR CD1 HD1  sing N N 413 
TYR CD2 CE2  doub Y N 414 
TYR CD2 HD2  sing N N 415 
TYR CE1 CZ   doub Y N 416 
TYR CE1 HE1  sing N N 417 
TYR CE2 CZ   sing Y N 418 
TYR CE2 HE2  sing N N 419 
TYR CZ  OH   sing N N 420 
TYR OH  HH   sing N N 421 
TYR OXT HXT  sing N N 422 
VAL N   CA   sing N N 423 
VAL N   H    sing N N 424 
VAL N   H2   sing N N 425 
VAL CA  C    sing N N 426 
VAL CA  CB   sing N N 427 
VAL CA  HA   sing N N 428 
VAL C   O    doub N N 429 
VAL C   OXT  sing N N 430 
VAL CB  CG1  sing N N 431 
VAL CB  CG2  sing N N 432 
VAL CB  HB   sing N N 433 
VAL CG1 HG11 sing N N 434 
VAL CG1 HG12 sing N N 435 
VAL CG1 HG13 sing N N 436 
VAL CG2 HG21 sing N N 437 
VAL CG2 HG22 sing N N 438 
VAL CG2 HG23 sing N N 439 
VAL OXT HXT  sing N N 440 
# 
_pdbx_deposit_group.group_id            G_1002061 
_pdbx_deposit_group.group_description   
;XDomainX of XOrganismX DCP2 (NUDT20) screened against the XXX Fragment Library by X-ray Crystallography at the XChem facility of Diamond Light Source beamline I04-1
;
_pdbx_deposit_group.group_title         'PanDDA analysis group deposition' 
_pdbx_deposit_group.group_type          'changed state' 
# 
_pdbx_related_exp_data_set.ordinal              1 
_pdbx_related_exp_data_set.data_reference       10.5281/zenodo.1437589 
_pdbx_related_exp_data_set.metadata_reference   10.5281/zenodo.1437589 
_pdbx_related_exp_data_set.data_set_type        'other data' 
_pdbx_related_exp_data_set.details              'Complete PanDDA analysis' 
# 
_atom_sites.entry_id                    5QPB 
_atom_sites.fract_transf_matrix[1][1]   0.00605848 
_atom_sites.fract_transf_matrix[1][2]   -0.00137060 
_atom_sites.fract_transf_matrix[1][3]   -0.01987076 
_atom_sites.fract_transf_matrix[2][1]   0.01561018 
_atom_sites.fract_transf_matrix[2][2]   0.00316781 
_atom_sites.fract_transf_matrix[2][3]   0.00454096 
_atom_sites.fract_transf_matrix[3][1]   0.00252702 
_atom_sites.fract_transf_matrix[3][2]   -0.01504446 
_atom_sites.fract_transf_matrix[3][3]   0.00180817 
_atom_sites.fract_transf_vector[1]      -0.882410 
_atom_sites.fract_transf_vector[2]      0.226689 
_atom_sites.fract_transf_vector[3]      1.168227 
# 
loop_
_atom_type.symbol 
C 
N 
O 
S 
# 
loop_
_atom_site.group_PDB 
_atom_site.id 
_atom_site.type_symbol 
_atom_site.label_atom_id 
_atom_site.label_alt_id 
_atom_site.label_comp_id 
_atom_site.label_asym_id 
_atom_site.label_entity_id 
_atom_site.label_seq_id 
_atom_site.pdbx_PDB_ins_code 
_atom_site.Cartn_x 
_atom_site.Cartn_y 
_atom_site.Cartn_z 
_atom_site.occupancy 
_atom_site.B_iso_or_equiv 
_atom_site.pdbx_formal_charge 
_atom_site.auth_seq_id 
_atom_site.auth_comp_id 
_atom_site.auth_asym_id 
_atom_site.auth_atom_id 
_atom_site.pdbx_PDB_model_num 
ATOM   1    N N   . GLY A 1 3   ? 6.694   -2.020  -17.816 1.00 60.46 ? 96  GLY A N   1 
ATOM   2    C CA  . GLY A 1 3   ? 6.965   -2.770  -16.555 1.00 61.90 ? 96  GLY A CA  1 
ATOM   3    C C   . GLY A 1 3   ? 5.899   -3.825  -16.266 1.00 52.98 ? 96  GLY A C   1 
ATOM   4    O O   . GLY A 1 3   ? 4.764   -3.774  -16.769 1.00 49.62 ? 96  GLY A O   1 
ATOM   5    N N   . VAL A 1 4   ? 6.263   -4.816  -15.465 1.00 50.90 ? 97  VAL A N   1 
ATOM   6    C CA  . VAL A 1 4   ? 5.293   -5.875  -15.124 1.00 46.75 ? 97  VAL A CA  1 
ATOM   7    C C   . VAL A 1 4   ? 4.252   -5.253  -14.130 1.00 36.53 ? 97  VAL A C   1 
ATOM   8    O O   . VAL A 1 4   ? 4.721   -4.645  -13.198 1.00 40.18 ? 97  VAL A O   1 
ATOM   9    C CB  . VAL A 1 4   ? 5.993   -7.024  -14.384 1.00 49.35 ? 97  VAL A CB  1 
ATOM   10   C CG1 . VAL A 1 4   ? 4.985   -8.109  -14.109 1.00 46.62 ? 97  VAL A CG1 1 
ATOM   11   C CG2 . VAL A 1 4   ? 7.225   -7.545  -15.158 1.00 55.98 ? 97  VAL A CG2 1 
ATOM   12   N N   . PRO A 1 5   ? 2.910   -5.410  -14.356 1.00 39.51 ? 98  PRO A N   1 
ATOM   13   C CA  . PRO A 1 5   ? 1.896   -4.850  -13.419 1.00 34.87 ? 98  PRO A CA  1 
ATOM   14   C C   . PRO A 1 5   ? 2.060   -5.377  -12.015 1.00 34.52 ? 98  PRO A C   1 
ATOM   15   O O   . PRO A 1 5   ? 2.509   -6.502  -11.831 1.00 30.92 ? 98  PRO A O   1 
ATOM   16   C CB  . PRO A 1 5   ? 0.546   -5.242  -14.025 1.00 42.40 ? 98  PRO A CB  1 
ATOM   17   C CG  . PRO A 1 5   ? 0.858   -5.629  -15.473 1.00 42.15 ? 98  PRO A CG  1 
ATOM   18   C CD  . PRO A 1 5   ? 2.285   -6.017  -15.533 1.00 40.07 ? 98  PRO A CD  1 
ATOM   19   N N   . THR A 1 6   ? 1.738   -4.541  -11.014 1.00 29.97 ? 99  THR A N   1 
ATOM   20   C CA  . THR A 1 6   ? 1.821   -4.963  -9.601  1.00 29.79 ? 99  THR A CA  1 
ATOM   21   C C   . THR A 1 6   ? 0.427   -4.905  -9.004  1.00 24.92 ? 99  THR A C   1 
ATOM   22   O O   . THR A 1 6   ? -0.407  -4.107  -9.396  1.00 26.41 ? 99  THR A O   1 
ATOM   23   C CB  . THR A 1 6   ? 2.814   -4.102  -8.782  1.00 35.11 ? 99  THR A CB  1 
ATOM   24   O OG1 . THR A 1 6   ? 2.442   -2.736  -8.877  1.00 30.89 ? 99  THR A OG1 1 
ATOM   25   C CG2 . THR A 1 6   ? 4.209   -4.239  -9.359  1.00 36.15 ? 99  THR A CG2 1 
ATOM   26   N N   . TYR A 1 7   ? 0.184   -5.813  -8.025  1.00 27.47 ? 100 TYR A N   1 
ATOM   27   C CA  . TYR A 1 7   ? -1.071  -5.903  -7.378  1.00 26.26 ? 100 TYR A CA  1 
ATOM   28   C C   . TYR A 1 7   ? -0.832  -6.069  -5.916  1.00 21.06 ? 100 TYR A C   1 
ATOM   29   O O   . TYR A 1 7   ? 0.126   -6.683  -5.520  1.00 22.35 ? 100 TYR A O   1 
ATOM   30   C CB  . TYR A 1 7   ? -1.930  -7.127  -7.934  1.00 25.01 ? 100 TYR A CB  1 
ATOM   31   C CG  . TYR A 1 7   ? -2.255  -6.987  -9.390  1.00 26.89 ? 100 TYR A CG  1 
ATOM   32   C CD1 . TYR A 1 7   ? -3.310  -6.234  -9.804  1.00 29.28 ? 100 TYR A CD1 1 
ATOM   33   C CD2 . TYR A 1 7   ? -1.484  -7.622  -10.313 1.00 32.74 ? 100 TYR A CD2 1 
ATOM   34   C CE1 . TYR A 1 7   ? -3.562  -6.018  -11.189 1.00 31.72 ? 100 TYR A CE1 1 
ATOM   35   C CE2 . TYR A 1 7   ? -1.697  -7.451  -11.672 1.00 32.89 ? 100 TYR A CE2 1 
ATOM   36   C CZ  . TYR A 1 7   ? -2.784  -6.726  -12.088 1.00 33.30 ? 100 TYR A CZ  1 
ATOM   37   O OH  . TYR A 1 7   ? -2.958  -6.637  -13.462 1.00 39.31 ? 100 TYR A OH  1 
ATOM   38   N N   . GLY A 1 8   ? -1.744  -5.514  -5.121  1.00 21.98 ? 101 GLY A N   1 
ATOM   39   C CA  . GLY A 1 8   ? -1.684  -5.658  -3.691  1.00 20.55 ? 101 GLY A CA  1 
ATOM   40   C C   . GLY A 1 8   ? -2.944  -5.079  -3.044  1.00 21.09 ? 101 GLY A C   1 
ATOM   41   O O   . GLY A 1 8   ? -4.068  -5.127  -3.632  1.00 21.02 ? 101 GLY A O   1 
ATOM   42   N N   . ALA A 1 9   ? -2.834  -4.592  -1.816  1.00 20.44 ? 102 ALA A N   1 
ATOM   43   C CA  . ALA A 1 9   ? -4.024  -4.137  -1.063  1.00 19.18 ? 102 ALA A CA  1 
ATOM   44   C C   . ALA A 1 9   ? -3.753  -2.935  -0.194  1.00 19.23 ? 102 ALA A C   1 
ATOM   45   O O   . ALA A 1 9   ? -2.666  -2.792  0.298   1.00 18.60 ? 102 ALA A O   1 
ATOM   46   C CB  . ALA A 1 9   ? -4.618  -5.232  -0.192  1.00 21.50 ? 102 ALA A CB  1 
ATOM   47   N N   . ILE A 1 10  ? -4.796  -2.157  -0.049  1.00 18.96 ? 103 ILE A N   1 
ATOM   48   C CA  . ILE A 1 10  ? -4.925  -1.150  0.996   1.00 18.98 ? 103 ILE A CA  1 
ATOM   49   C C   . ILE A 1 10  ? -5.864  -1.744  1.978   1.00 17.64 ? 103 ILE A C   1 
ATOM   50   O O   . ILE A 1 10  ? -7.131  -1.782  1.753   1.00 18.62 ? 103 ILE A O   1 
ATOM   51   C CB  . ILE A 1 10  ? -5.498  0.173   0.421   1.00 20.46 ? 103 ILE A CB  1 
ATOM   52   C CG1 . ILE A 1 10  ? -4.521  0.747   -0.565  1.00 21.87 ? 103 ILE A CG1 1 
ATOM   53   C CG2 . ILE A 1 10  ? -5.861  1.138   1.542   1.00 23.58 ? 103 ILE A CG2 1 
ATOM   54   C CD1 . ILE A 1 10  ? -5.128  1.862   -1.416  1.00 24.64 ? 103 ILE A CD1 1 
ATOM   55   N N   . ILE A 1 11  ? -5.357  -2.104  3.132   1.00 17.85 ? 104 ILE A N   1 
ATOM   56   C CA  . ILE A 1 11  ? -6.084  -2.715  4.199   1.00 18.39 ? 104 ILE A CA  1 
ATOM   57   C C   . ILE A 1 11  ? -6.394  -1.614  5.191   1.00 18.65 ? 104 ILE A C   1 
ATOM   58   O O   . ILE A 1 11  ? -5.460  -0.935  5.621   1.00 18.06 ? 104 ILE A O   1 
ATOM   59   C CB  . ILE A 1 11  ? -5.266  -3.837  4.861   1.00 19.62 ? 104 ILE A CB  1 
ATOM   60   C CG1 . ILE A 1 11  ? -5.117  -5.011  3.897   1.00 20.16 ? 104 ILE A CG1 1 
ATOM   61   C CG2 . ILE A 1 11  ? -5.901  -4.311  6.106   1.00 22.32 ? 104 ILE A CG2 1 
ATOM   62   C CD1 . ILE A 1 11  ? -4.073  -6.010  4.332   1.00 23.17 ? 104 ILE A CD1 1 
ATOM   63   N N   . LEU A 1 12  ? -7.672  -1.464  5.559   1.00 17.38 ? 105 LEU A N   1 
ATOM   64   C CA  . LEU A 1 12  ? -8.104  -0.486  6.587   1.00 18.40 ? 105 LEU A CA  1 
ATOM   65   C C   . LEU A 1 12  ? -8.708  -1.265  7.775   1.00 19.55 ? 105 LEU A C   1 
ATOM   66   O O   . LEU A 1 12  ? -9.230  -2.388  7.609   1.00 20.17 ? 105 LEU A O   1 
ATOM   67   C CB  . LEU A 1 12  ? -9.148  0.430   6.021   1.00 21.33 ? 105 LEU A CB  1 
ATOM   68   C CG  . LEU A 1 12  ? -8.697  1.292   4.831   1.00 26.13 ? 105 LEU A CG  1 
ATOM   69   C CD1 . LEU A 1 12  ? -9.076  0.736   3.528   1.00 33.41 ? 105 LEU A CD1 1 
ATOM   70   C CD2 . LEU A 1 12  ? -9.186  2.717   4.945   1.00 34.26 ? 105 LEU A CD2 1 
ATOM   71   N N   . ASP A 1 13  ? -8.692  -0.607  8.921   1.00 21.43 ? 106 ASP A N   1 
ATOM   72   C CA  . ASP A 1 13  ? -9.272  -1.155  10.090  1.00 24.76 ? 106 ASP A CA  1 
ATOM   73   C C   . ASP A 1 13  ? -10.770 -0.897  10.121  1.00 23.20 ? 106 ASP A C   1 
ATOM   74   O O   . ASP A 1 13  ? -11.377 -0.440  9.184   1.00 23.59 ? 106 ASP A O   1 
ATOM   75   C CB  . ASP A 1 13  ? -8.587  -0.593  11.313  1.00 27.56 ? 106 ASP A CB  1 
ATOM   76   C CG  . ASP A 1 13  ? -8.846  0.926   11.508  1.00 29.47 ? 106 ASP A CG  1 
ATOM   77   O OD1 . ASP A 1 13  ? -9.135  1.683   10.577  1.00 28.02 ? 106 ASP A OD1 1 
ATOM   78   O OD2 . ASP A 1 13  ? -8.637  1.341   12.616  1.00 36.43 ? 106 ASP A OD2 1 
ATOM   79   N N   . GLU A 1 14  ? -11.349 -1.177  11.267  1.00 25.09 ? 107 GLU A N   1 
ATOM   80   C CA  . GLU A 1 14  ? -12.805 -1.069  11.402  1.00 27.14 ? 107 GLU A CA  1 
ATOM   81   C C   . GLU A 1 14  ? -13.308 0.366   11.508  1.00 26.32 ? 107 GLU A C   1 
ATOM   82   O O   . GLU A 1 14  ? -14.399 0.654   11.114  1.00 28.10 ? 107 GLU A O   1 
ATOM   83   C CB  . GLU A 1 14  ? -13.354 -1.892  12.590  1.00 33.45 ? 107 GLU A CB  1 
ATOM   84   C CG  . GLU A 1 14  ? -12.846 -1.549  13.959  1.00 37.26 ? 107 GLU A CG  1 
ATOM   85   C CD  . GLU A 1 14  ? -11.629 -2.388  14.349  1.00 51.22 ? 107 GLU A CD  1 
ATOM   86   O OE1 . GLU A 1 14  ? -10.536 -2.110  13.826  1.00 45.31 ? 107 GLU A OE1 1 
ATOM   87   O OE2 . GLU A 1 14  ? -11.717 -3.337  15.188  1.00 66.04 ? 107 GLU A OE2 1 
ATOM   88   N N   . THR A 1 15  ? -12.426 1.308   11.898  1.00 26.29 ? 108 THR A N   1 
ATOM   89   C CA  . THR A 1 15  ? -12.790 2.666   12.020  1.00 26.09 ? 108 THR A CA  1 
ATOM   90   C C   . THR A 1 15  ? -12.645 3.442   10.748  1.00 26.47 ? 108 THR A C   1 
ATOM   91   O O   . THR A 1 15  ? -13.110 4.555   10.671  1.00 27.48 ? 108 THR A O   1 
ATOM   92   C CB  . THR A 1 15  ? -11.865 3.386   13.024  1.00 29.70 ? 108 THR A CB  1 
ATOM   93   O OG1 . THR A 1 15  ? -10.622 3.589   12.379  1.00 28.92 ? 108 THR A OG1 1 
ATOM   94   C CG2 . THR A 1 15  ? -11.679 2.615   14.231  1.00 33.71 ? 108 THR A CG2 1 
ATOM   95   N N   . LEU A 1 16  ? -11.967 2.846   9.768   1.00 24.10 ? 109 LEU A N   1 
ATOM   96   C CA  . LEU A 1 16  ? -11.631 3.462   8.471   1.00 25.24 ? 109 LEU A CA  1 
ATOM   97   C C   . LEU A 1 16  ? -10.617 4.611   8.585   1.00 26.34 ? 109 LEU A C   1 
ATOM   98   O O   . LEU A 1 16  ? -10.447 5.366   7.589   1.00 29.68 ? 109 LEU A O   1 
ATOM   99   C CB  . LEU A 1 16  ? -12.821 4.026   7.681   1.00 27.46 ? 109 LEU A CB  1 
ATOM   100  C CG  . LEU A 1 16  ? -13.985 3.041   7.567   1.00 29.36 ? 109 LEU A CG  1 
ATOM   101  C CD1 . LEU A 1 16  ? -15.173 3.727   6.933   1.00 36.16 ? 109 LEU A CD1 1 
ATOM   102  C CD2 . LEU A 1 16  ? -13.425 1.914   6.685   1.00 31.86 ? 109 LEU A CD2 1 
ATOM   103  N N   . GLU A 1 17  ? -9.953  4.756   9.709   0.50 26.91 ? 110 GLU A N   1 
ATOM   104  C CA  . GLU A 1 17  ? -9.021  5.879   9.868   0.50 27.98 ? 110 GLU A CA  1 
ATOM   105  C C   . GLU A 1 17  ? -7.556  5.411   9.894   0.50 27.16 ? 110 GLU A C   1 
ATOM   106  O O   . GLU A 1 17  ? -6.644  6.247   9.993   0.50 24.43 ? 110 GLU A O   1 
ATOM   107  C CB  . GLU A 1 17  ? -9.392  6.684   11.108  0.50 31.40 ? 110 GLU A CB  1 
ATOM   108  C CG  . GLU A 1 17  ? -10.703 7.446   10.923  0.50 34.41 ? 110 GLU A CG  1 
ATOM   109  C CD  . GLU A 1 17  ? -10.981 8.473   11.997  0.50 40.46 ? 110 GLU A CD  1 
ATOM   110  O OE1 . GLU A 1 17  ? -10.434 8.353   13.118  0.50 43.67 ? 110 GLU A OE1 1 
ATOM   111  O OE2 . GLU A 1 17  ? -11.779 9.401   11.718  0.50 45.68 ? 110 GLU A OE2 1 
ATOM   112  N N   . ASN A 1 18  ? -7.322  4.098   9.789   1.00 24.35 ? 111 ASN A N   1 
ATOM   113  C CA  . ASN A 1 18  ? -5.978  3.536   9.782   1.00 22.43 ? 111 ASN A CA  1 
ATOM   114  C C   . ASN A 1 18  ? -5.782  2.588   8.606   1.00 26.21 ? 111 ASN A C   1 
ATOM   115  O O   . ASN A 1 18  ? -6.711  1.910   8.205   1.00 23.05 ? 111 ASN A O   1 
ATOM   116  C CB  . ASN A 1 18  ? -5.593  2.838   11.042  1.00 25.54 ? 111 ASN A CB  1 
ATOM   117  C CG  . ASN A 1 18  ? -5.792  3.727   12.262  1.00 34.97 ? 111 ASN A CG  1 
ATOM   118  O OD1 . ASN A 1 18  ? -5.133  4.769   12.399  1.00 34.62 ? 111 ASN A OD1 1 
ATOM   119  N ND2 . ASN A 1 18  ? -6.758  3.413   13.038  1.00 32.50 ? 111 ASN A ND2 1 
ATOM   120  N N   . VAL A 1 19  ? -4.564  2.632   8.063   1.00 21.91 ? 112 VAL A N   1 
ATOM   121  C CA  . VAL A 1 19  ? -4.163  1.774   6.960   1.00 19.38 ? 112 VAL A CA  1 
ATOM   122  C C   . VAL A 1 19  ? -2.967  0.975   7.336   1.00 18.36 ? 112 VAL A C   1 
ATOM   123  O O   . VAL A 1 19  ? -2.120  1.437   8.068   1.00 18.74 ? 112 VAL A O   1 
ATOM   124  C CB  . VAL A 1 19  ? -3.848  2.495   5.637   1.00 21.79 ? 112 VAL A CB  1 
ATOM   125  C CG1 . VAL A 1 19  ? -5.070  3.040   5.012   1.00 26.01 ? 112 VAL A CG1 1 
ATOM   126  C CG2 . VAL A 1 19  ? -2.745  3.565   5.830   1.00 21.30 ? 112 VAL A CG2 1 
ATOM   127  N N   . LEU A 1 20  ? -2.818  -0.207  6.738   1.00 17.76 ? 113 LEU A N   1 
ATOM   128  C CA  . LEU A 1 20  ? -1.687  -1.099  7.052   1.00 20.53 ? 113 LEU A CA  1 
ATOM   129  C C   . LEU A 1 20  ? -0.563  -0.911  6.026   1.00 20.05 ? 113 LEU A C   1 
ATOM   130  O O   . LEU A 1 20  ? -0.768  -1.045  4.840   1.00 20.93 ? 113 LEU A O   1 
ATOM   131  C CB  . LEU A 1 20  ? -2.126  -2.576  7.033   1.00 19.65 ? 113 LEU A CB  1 
ATOM   132  C CG  . LEU A 1 20  ? -1.121  -3.560  7.669   1.00 20.40 ? 113 LEU A CG  1 
ATOM   133  C CD1 . LEU A 1 20  ? -1.141  -3.396  9.220   1.00 21.92 ? 113 LEU A CD1 1 
ATOM   134  C CD2 . LEU A 1 20  ? -1.468  -4.965  7.202   1.00 24.31 ? 113 LEU A CD2 1 
ATOM   135  N N   . LEU A 1 21  ? 0.608   -0.496  6.478   1.00 19.06 ? 114 LEU A N   1 
ATOM   136  C CA  . LEU A 1 21  ? 1.734   -0.355  5.595   1.00 17.90 ? 114 LEU A CA  1 
ATOM   137  C C   . LEU A 1 21  ? 2.823   -1.380  6.027   1.00 18.13 ? 114 LEU A C   1 
ATOM   138  O O   . LEU A 1 21  ? 2.852   -1.828  7.189   1.00 20.65 ? 114 LEU A O   1 
ATOM   139  C CB  . LEU A 1 21  ? 2.356   1.050   5.620   1.00 18.23 ? 114 LEU A CB  1 
ATOM   140  C CG  . LEU A 1 21  ? 1.404   2.152   5.254   1.00 20.86 ? 114 LEU A CG  1 
ATOM   141  C CD1 . LEU A 1 21  ? 2.138   3.517   5.308   1.00 21.25 ? 114 LEU A CD1 1 
ATOM   142  C CD2 . LEU A 1 21  ? 0.828   1.963   3.879   1.00 22.30 ? 114 LEU A CD2 1 
ATOM   143  N N   . VAL A 1 22  ? 3.669   -1.655  5.085   1.00 17.79 ? 115 VAL A N   1 
ATOM   144  C CA  . VAL A 1 22  ? 4.830   -2.522  5.295   1.00 19.98 ? 115 VAL A CA  1 
ATOM   145  C C   . VAL A 1 22  ? 6.108   -1.833  4.939   1.00 20.15 ? 115 VAL A C   1 
ATOM   146  O O   . VAL A 1 22  ? 6.117   -0.942  4.086   1.00 19.58 ? 115 VAL A O   1 
ATOM   147  C CB  . VAL A 1 22  ? 4.720   -3.845  4.550   1.00 19.90 ? 115 VAL A CB  1 
ATOM   148  C CG1 . VAL A 1 22  ? 3.468   -4.609  5.020   1.00 23.02 ? 115 VAL A CG1 1 
ATOM   149  C CG2 . VAL A 1 22  ? 4.757   -3.675  3.039   1.00 22.94 ? 115 VAL A CG2 1 
ATOM   150  N N   . GLN A 1 23  ? 7.179   -2.173  5.680   1.00 19.82 ? 116 GLN A N   1 
ATOM   151  C CA  . GLN A 1 23  ? 8.475   -1.564  5.468   1.00 19.54 ? 116 GLN A CA  1 
ATOM   152  C C   . GLN A 1 23  ? 9.417   -2.613  4.958   1.00 20.95 ? 116 GLN A C   1 
ATOM   153  O O   . GLN A 1 23  ? 9.516   -3.662  5.541   1.00 22.52 ? 116 GLN A O   1 
ATOM   154  C CB  . GLN A 1 23  ? 8.968   -0.998  6.816   1.00 20.01 ? 116 GLN A CB  1 
ATOM   155  C CG  . GLN A 1 23  ? 10.287  -0.262  6.770   1.00 20.81 ? 116 GLN A CG  1 
ATOM   156  C CD  . GLN A 1 23  ? 10.677  0.224   8.127   1.00 23.14 ? 116 GLN A CD  1 
ATOM   157  O OE1 . GLN A 1 23  ? 10.429  -0.449  9.138   1.00 24.92 ? 116 GLN A OE1 1 
ATOM   158  N NE2 . GLN A 1 23  ? 11.315  1.367   8.170   1.00 24.94 ? 116 GLN A NE2 1 
ATOM   159  N N   . GLY A 1 24  ? 10.026  -2.317  3.835   1.00 22.05 ? 117 GLY A N   1 
ATOM   160  C CA  . GLY A 1 24  ? 10.977  -3.288  3.245   1.00 22.70 ? 117 GLY A CA  1 
ATOM   161  C C   . GLY A 1 24  ? 12.415  -2.948  3.635   1.00 25.45 ? 117 GLY A C   1 
ATOM   162  O O   . GLY A 1 24  ? 12.662  -2.245  4.603   1.00 25.85 ? 117 GLY A O   1 
ATOM   163  N N   . TYR A 1 25  ? 13.327  -3.370  2.784   1.00 25.34 ? 118 TYR A N   1 
ATOM   164  C CA  . TYR A 1 25  ? 14.752  -3.156  2.969   1.00 25.73 ? 118 TYR A CA  1 
ATOM   165  C C   . TYR A 1 25  ? 15.351  -2.523  1.710   1.00 30.15 ? 118 TYR A C   1 
ATOM   166  O O   . TYR A 1 25  ? 14.809  -2.646  0.613   1.00 28.34 ? 118 TYR A O   1 
ATOM   167  C CB  . TYR A 1 25  ? 15.404  -4.499  3.151   1.00 26.03 ? 118 TYR A CB  1 
ATOM   168  C CG  . TYR A 1 25  ? 15.121  -5.123  4.517   1.00 22.88 ? 118 TYR A CG  1 
ATOM   169  C CD1 . TYR A 1 25  ? 15.642  -4.597  5.679   1.00 24.47 ? 118 TYR A CD1 1 
ATOM   170  C CD2 . TYR A 1 25  ? 14.401  -6.220  4.618   1.00 22.24 ? 118 TYR A CD2 1 
ATOM   171  C CE1 . TYR A 1 25  ? 15.368  -5.183  6.896   1.00 22.88 ? 118 TYR A CE1 1 
ATOM   172  C CE2 . TYR A 1 25  ? 14.120  -6.795  5.832   1.00 23.67 ? 118 TYR A CE2 1 
ATOM   173  C CZ  . TYR A 1 25  ? 14.610  -6.269  6.965   1.00 23.93 ? 118 TYR A CZ  1 
ATOM   174  O OH  . TYR A 1 25  ? 14.330  -6.913  8.145   1.00 30.04 ? 118 TYR A OH  1 
ATOM   175  N N   . LEU A 1 26  ? 16.502  -1.860  1.906   1.00 30.91 ? 119 LEU A N   1 
ATOM   176  C CA  . LEU A 1 26  ? 17.317  -1.380  0.769   1.00 36.73 ? 119 LEU A CA  1 
ATOM   177  C C   . LEU A 1 26  ? 16.571  -0.404  -0.134  1.00 34.01 ? 119 LEU A C   1 
ATOM   178  O O   . LEU A 1 26  ? 16.228  0.674   0.303   1.00 33.10 ? 119 LEU A O   1 
ATOM   179  C CB  . LEU A 1 26  ? 17.880  -2.574  -0.009  1.00 40.36 ? 119 LEU A CB  1 
ATOM   180  C CG  . LEU A 1 26  ? 18.805  -3.464  0.861   1.00 44.19 ? 119 LEU A CG  1 
ATOM   181  C CD1 . LEU A 1 26  ? 19.152  -4.702  0.053   1.00 42.13 ? 119 LEU A CD1 1 
ATOM   182  C CD2 . LEU A 1 26  ? 20.019  -2.674  1.373   1.00 44.46 ? 119 LEU A CD2 1 
ATOM   183  N N   . ALA A 1 27  ? 16.332  -0.767  -1.387  1.00 32.43 ? 120 ALA A N   1 
ATOM   184  C CA  . ALA A 1 27  ? 15.604  0.084   -2.302  1.00 39.04 ? 120 ALA A CA  1 
ATOM   185  C C   . ALA A 1 27  ? 14.155  0.292   -1.857  1.00 37.81 ? 120 ALA A C   1 
ATOM   186  O O   . ALA A 1 27  ? 13.571  1.316   -2.211  1.00 38.86 ? 120 ALA A O   1 
ATOM   187  C CB  . ALA A 1 27  ? 15.629  -0.504  -3.732  1.00 41.07 ? 120 ALA A CB  1 
ATOM   188  N N   . LYS A 1 28  ? 13.607  -0.676  -1.108  1.00 32.75 ? 121 LYS A N   1 
ATOM   189  C CA  . LYS A 1 28  ? 12.268  -0.629  -0.565  1.00 32.69 ? 121 LYS A CA  1 
ATOM   190  C C   . LYS A 1 28  ? 12.280  -0.367  0.938   1.00 29.76 ? 121 LYS A C   1 
ATOM   191  O O   . LYS A 1 28  ? 11.388  -0.758  1.649   1.00 28.92 ? 121 LYS A O   1 
ATOM   192  C CB  . LYS A 1 28  ? 11.598  -1.942  -0.823  1.00 35.73 ? 121 LYS A CB  1 
ATOM   193  C CG  . LYS A 1 28  ? 11.427  -2.205  -2.315  1.00 40.01 ? 121 LYS A CG  1 
ATOM   194  C CD  . LYS A 1 28  ? 10.809  -3.568  -2.503  1.00 47.12 ? 121 LYS A CD  1 
ATOM   195  C CE  . LYS A 1 28  ? 10.295  -3.742  -3.925  1.00 57.88 ? 121 LYS A CE  1 
ATOM   196  N NZ  . LYS A 1 28  ? 10.166  -5.183  -4.238  1.00 56.87 ? 121 LYS A NZ  1 
ATOM   197  N N   . SER A 1 29  ? 13.290  0.353   1.378   1.00 27.55 ? 122 SER A N   1 
ATOM   198  C CA  . SER A 1 29  ? 13.533  0.655   2.763   1.00 33.94 ? 122 SER A CA  1 
ATOM   199  C C   . SER A 1 29  ? 12.470  1.455   3.597   1.00 38.52 ? 122 SER A C   1 
ATOM   200  O O   . SER A 1 29  ? 12.519  1.459   4.894   1.00 37.82 ? 122 SER A O   1 
ATOM   201  C CB  . SER A 1 29  ? 14.861  1.399   2.835   1.00 36.42 ? 122 SER A CB  1 
ATOM   202  O OG  . SER A 1 29  ? 15.018  1.685   4.144   1.00 45.53 ? 122 SER A OG  1 
ATOM   203  N N   . GLY A 1 30  ? 11.590  2.127   2.878   1.00 26.94 ? 123 GLY A N   1 
ATOM   204  C CA  . GLY A 1 30  ? 10.487  2.954   3.436   1.00 24.75 ? 123 GLY A CA  1 
ATOM   205  C C   . GLY A 1 30  ? 9.182   2.144   3.588   1.00 25.10 ? 123 GLY A C   1 
ATOM   206  O O   . GLY A 1 30  ? 9.209   0.901   3.522   1.00 25.96 ? 123 GLY A O   1 
ATOM   207  N N   . TRP A 1 31  ? 8.104   2.868   3.824   1.00 20.38 ? 124 TRP A N   1 
ATOM   208  C CA  . TRP A 1 31  ? 6.815   2.291   4.056   1.00 19.78 ? 124 TRP A CA  1 
ATOM   209  C C   . TRP A 1 31  ? 5.998   2.312   2.792   1.00 21.74 ? 124 TRP A C   1 
ATOM   210  O O   . TRP A 1 31  ? 6.003   3.323   2.127   1.00 23.61 ? 124 TRP A O   1 
ATOM   211  C CB  . TRP A 1 31  ? 6.100   3.072   5.179   1.00 19.55 ? 124 TRP A CB  1 
ATOM   212  C CG  . TRP A 1 31  ? 6.755   2.866   6.518   1.00 19.22 ? 124 TRP A CG  1 
ATOM   213  C CD1 . TRP A 1 31  ? 7.660   3.678   7.114   1.00 20.18 ? 124 TRP A CD1 1 
ATOM   214  C CD2 . TRP A 1 31  ? 6.580   1.748   7.404   1.00 18.81 ? 124 TRP A CD2 1 
ATOM   215  N NE1 . TRP A 1 31  ? 8.061   3.127   8.341   1.00 21.68 ? 124 TRP A NE1 1 
ATOM   216  C CE2 . TRP A 1 31  ? 7.361   1.980   8.551   1.00 20.55 ? 124 TRP A CE2 1 
ATOM   217  C CE3 . TRP A 1 31  ? 5.715   0.645   7.396   1.00 19.39 ? 124 TRP A CE3 1 
ATOM   218  C CZ2 . TRP A 1 31  ? 7.318   1.116   9.663   1.00 22.19 ? 124 TRP A CZ2 1 
ATOM   219  C CZ3 . TRP A 1 31  ? 5.723   -0.232  8.456   1.00 21.26 ? 124 TRP A CZ3 1 
ATOM   220  C CH2 . TRP A 1 31  ? 6.565   -0.025  9.542   1.00 23.59 ? 124 TRP A CH2 1 
ATOM   221  N N   . GLY A 1 32  ? 5.207   1.267   2.516   1.00 19.72 ? 125 GLY A N   1 
ATOM   222  C CA  . GLY A 1 32  ? 4.410   1.280   1.330   1.00 21.12 ? 125 GLY A CA  1 
ATOM   223  C C   . GLY A 1 32  ? 3.325   0.237   1.582   1.00 18.65 ? 125 GLY A C   1 
ATOM   224  O O   . GLY A 1 32  ? 3.296   -0.456  2.583   1.00 19.21 ? 125 GLY A O   1 
ATOM   225  N N   . PHE A 1 33  ? 2.311   0.245   0.702   1.00 21.11 ? 126 PHE A N   1 
ATOM   226  C CA  . PHE A 1 33  ? 1.328   -0.758  0.703   1.00 19.26 ? 126 PHE A CA  1 
ATOM   227  C C   . PHE A 1 33  ? 1.901   -2.086  0.218   1.00 20.91 ? 126 PHE A C   1 
ATOM   228  O O   . PHE A 1 33  ? 2.778   -2.118  -0.600  1.00 21.43 ? 126 PHE A O   1 
ATOM   229  C CB  . PHE A 1 33  ? 0.155   -0.342  -0.215  1.00 19.69 ? 126 PHE A CB  1 
ATOM   230  C CG  . PHE A 1 33  ? -0.557  0.850   0.279   1.00 20.00 ? 126 PHE A CG  1 
ATOM   231  C CD1 . PHE A 1 33  ? -1.321  0.817   1.400   1.00 20.28 ? 126 PHE A CD1 1 
ATOM   232  C CD2 . PHE A 1 33  ? -0.293  2.075   -0.268  1.00 21.31 ? 126 PHE A CD2 1 
ATOM   233  C CE1 . PHE A 1 33  ? -1.965  1.923   1.881   1.00 22.87 ? 126 PHE A CE1 1 
ATOM   234  C CE2 . PHE A 1 33  ? -0.888  3.225   0.254   1.00 20.50 ? 126 PHE A CE2 1 
ATOM   235  C CZ  . PHE A 1 33  ? -1.734  3.163   1.305   1.00 22.53 ? 126 PHE A CZ  1 
ATOM   236  N N   . PRO A 1 34  ? 1.399   -3.207  0.800   1.00 19.31 ? 127 PRO A N   1 
ATOM   237  C CA  . PRO A 1 34  ? 1.819   -4.529  0.348   1.00 21.20 ? 127 PRO A CA  1 
ATOM   238  C C   . PRO A 1 34  ? 1.373   -4.812  -1.054  1.00 21.73 ? 127 PRO A C   1 
ATOM   239  O O   . PRO A 1 34  ? 0.179   -4.671  -1.408  1.00 20.60 ? 127 PRO A O   1 
ATOM   240  C CB  . PRO A 1 34  ? 1.257   -5.450  1.426   1.00 20.89 ? 127 PRO A CB  1 
ATOM   241  C CG  . PRO A 1 34  ? 0.007   -4.703  1.914   1.00 20.59 ? 127 PRO A CG  1 
ATOM   242  C CD  . PRO A 1 34  ? 0.460   -3.243  1.921   1.00 19.71 ? 127 PRO A CD  1 
ATOM   243  N N   . LYS A 1 35  ? 2.352   -5.177  -1.913  1.00 21.95 ? 128 LYS A N   1 
ATOM   244  C CA  . LYS A 1 35  ? 2.098   -5.381  -3.314  1.00 24.19 ? 128 LYS A CA  1 
ATOM   245  C C   . LYS A 1 35  ? 3.295   -6.038  -3.967  1.00 26.28 ? 128 LYS A C   1 
ATOM   246  O O   . LYS A 1 35  ? 4.400   -5.940  -3.452  1.00 27.20 ? 128 LYS A O   1 
ATOM   247  C CB  . LYS A 1 35  ? 1.780   -4.091  -4.090  1.00 24.92 ? 128 LYS A CB  1 
ATOM   248  C CG  . LYS A 1 35  ? 2.872   -3.026  -4.098  1.00 25.69 ? 128 LYS A CG  1 
ATOM   249  C CD  . LYS A 1 35  ? 2.489   -1.804  -4.842  1.00 29.88 ? 128 LYS A CD  1 
ATOM   250  C CE  . LYS A 1 35  ? 3.567   -0.715  -4.794  1.00 35.99 ? 128 LYS A CE  1 
ATOM   251  N NZ  . LYS A 1 35  ? 4.834   -1.191  -5.342  1.00 41.79 ? 128 LYS A NZ  1 
ATOM   252  N N   . GLY A 1 36  ? 3.088   -6.537  -5.159  1.00 26.17 ? 129 GLY A N   1 
ATOM   253  C CA  . GLY A 1 36  ? 4.238   -7.111  -5.898  1.00 26.13 ? 129 GLY A CA  1 
ATOM   254  C C   . GLY A 1 36  ? 3.854   -7.443  -7.317  1.00 30.74 ? 129 GLY A C   1 
ATOM   255  O O   . GLY A 1 36  ? 2.732   -7.291  -7.742  1.00 28.96 ? 129 GLY A O   1 
ATOM   256  N N   . LYS A 1 37  ? 4.819   -8.021  -8.034  1.00 30.72 ? 130 LYS A N   1 
ATOM   257  C CA  . LYS A 1 37  ? 4.692   -8.173  -9.468  1.00 31.11 ? 130 LYS A CA  1 
ATOM   258  C C   . LYS A 1 37  ? 3.874   -9.424  -9.816  1.00 26.23 ? 130 LYS A C   1 
ATOM   259  O O   . LYS A 1 37  ? 3.974   -10.423 -9.113  1.00 33.30 ? 130 LYS A O   1 
ATOM   260  C CB  . LYS A 1 37  ? 6.130   -8.277  -10.077 1.00 38.78 ? 130 LYS A CB  1 
ATOM   261  C CG  . LYS A 1 37  ? 6.843   -6.939  -10.303 1.00 43.65 ? 130 LYS A CG  1 
ATOM   262  C CD  . LYS A 1 37  ? 8.205   -7.095  -10.975 1.00 49.58 ? 130 LYS A CD  1 
ATOM   263  N N   . VAL A 1 38  ? 3.029   -9.294  -10.816 1.00 30.14 ? 131 VAL A N   1 
ATOM   264  C CA  . VAL A 1 38  ? 2.185   -10.397 -11.277 1.00 36.78 ? 131 VAL A CA  1 
ATOM   265  C C   . VAL A 1 38  ? 3.067   -11.479 -11.921 1.00 39.48 ? 131 VAL A C   1 
ATOM   266  O O   . VAL A 1 38  ? 3.987   -11.122 -12.671 1.00 39.57 ? 131 VAL A O   1 
ATOM   267  C CB  . VAL A 1 38  ? 1.057   -9.919  -12.189 1.00 35.54 ? 131 VAL A CB  1 
ATOM   268  C CG1 . VAL A 1 38  ? 1.505   -9.277  -13.527 1.00 38.48 ? 131 VAL A CG1 1 
ATOM   269  C CG2 . VAL A 1 38  ? 0.034   -11.031 -12.423 1.00 39.89 ? 131 VAL A CG2 1 
ATOM   270  N N   . ASN A 1 39  ? 2.761   -12.759 -11.622 1.00 36.62 ? 132 ASN A N   1 
ATOM   271  C CA  . ASN A 1 39  ? 3.425   -13.919 -12.290 1.00 40.75 ? 132 ASN A CA  1 
ATOM   272  C C   . ASN A 1 39  ? 2.778   -14.140 -13.682 1.00 40.46 ? 132 ASN A C   1 
ATOM   273  O O   . ASN A 1 39  ? 1.621   -13.756 -13.949 1.00 41.33 ? 132 ASN A O   1 
ATOM   274  C CB  . ASN A 1 39  ? 3.312   -15.182 -11.413 1.00 38.30 ? 132 ASN A CB  1 
ATOM   275  C CG  . ASN A 1 39  ? 4.165   -15.144 -10.156 1.00 40.81 ? 132 ASN A CG  1 
ATOM   276  O OD1 . ASN A 1 39  ? 5.276   -14.599 -10.125 1.00 46.27 ? 132 ASN A OD1 1 
ATOM   277  N ND2 . ASN A 1 39  ? 3.683   -15.781 -9.123  1.00 39.98 ? 132 ASN A ND2 1 
ATOM   278  N N   . LYS A 1 40  ? 3.526   -14.738 -14.622 1.00 50.24 ? 133 LYS A N   1 
ATOM   279  C CA  . LYS A 1 40  ? 2.938   -15.105 -15.928 1.00 51.93 ? 133 LYS A CA  1 
ATOM   280  C C   . LYS A 1 40  ? 1.654   -15.939 -15.727 1.00 46.30 ? 133 LYS A C   1 
ATOM   281  O O   . LYS A 1 40  ? 1.608   -16.830 -14.884 1.00 48.01 ? 133 LYS A O   1 
ATOM   282  C CB  . LYS A 1 40  ? 3.966   -15.865 -16.810 1.00 55.93 ? 133 LYS A CB  1 
ATOM   283  N N   . GLU A 1 41  ? 0.600   -15.594 -16.450 1.00 52.01 ? 134 GLU A N   1 
ATOM   284  C CA  . GLU A 1 41  ? -0.684  -16.284 -16.353 1.00 57.99 ? 134 GLU A CA  1 
ATOM   285  C C   . GLU A 1 41  ? -1.440  -16.158 -14.983 1.00 61.04 ? 134 GLU A C   1 
ATOM   286  O O   . GLU A 1 41  ? -2.443  -16.837 -14.809 1.00 59.37 ? 134 GLU A O   1 
ATOM   287  C CB  . GLU A 1 41  ? -0.539  -17.777 -16.781 1.00 61.26 ? 134 GLU A CB  1 
ATOM   288  N N   . GLU A 1 42  ? -1.023  -15.267 -14.056 1.00 46.57 ? 135 GLU A N   1 
ATOM   289  C CA  . GLU A 1 42  ? -1.693  -15.114 -12.738 1.00 38.80 ? 135 GLU A CA  1 
ATOM   290  C C   . GLU A 1 42  ? -2.742  -14.051 -12.838 1.00 38.30 ? 135 GLU A C   1 
ATOM   291  O O   . GLU A 1 42  ? -2.520  -13.032 -13.488 1.00 39.57 ? 135 GLU A O   1 
ATOM   292  C CB  . GLU A 1 42  ? -0.671  -14.762 -11.655 1.00 36.89 ? 135 GLU A CB  1 
ATOM   293  C CG  . GLU A 1 42  ? -1.226  -14.593 -10.254 1.00 37.57 ? 135 GLU A CG  1 
ATOM   294  C CD  . GLU A 1 42  ? -0.147  -14.307 -9.271  1.00 33.63 ? 135 GLU A CD  1 
ATOM   295  O OE1 . GLU A 1 42  ? 0.784   -13.549 -9.701  1.00 36.86 ? 135 GLU A OE1 1 
ATOM   296  O OE2 . GLU A 1 42  ? -0.207  -14.838 -8.114  1.00 33.09 ? 135 GLU A OE2 1 
ATOM   297  N N   . ALA A 1 43  ? -3.902  -14.297 -12.225 1.00 39.07 ? 136 ALA A N   1 
ATOM   298  C CA  . ALA A 1 43  ? -5.026  -13.380 -12.290 1.00 36.47 ? 136 ALA A CA  1 
ATOM   299  C C   . ALA A 1 43  ? -4.731  -12.164 -11.339 1.00 33.16 ? 136 ALA A C   1 
ATOM   300  O O   . ALA A 1 43  ? -4.054  -12.358 -10.351 1.00 33.12 ? 136 ALA A O   1 
ATOM   301  C CB  . ALA A 1 43  ? -6.298  -14.058 -11.862 1.00 39.04 ? 136 ALA A CB  1 
ATOM   302  N N   . PRO A 1 44  ? -5.309  -11.002 -11.615 1.00 37.52 ? 137 PRO A N   1 
ATOM   303  C CA  . PRO A 1 44  ? -5.003  -9.870  -10.682 1.00 37.51 ? 137 PRO A CA  1 
ATOM   304  C C   . PRO A 1 44  ? -5.344  -10.144 -9.217  1.00 33.68 ? 137 PRO A C   1 
ATOM   305  O O   . PRO A 1 44  ? -4.479  -9.922  -8.317  1.00 31.22 ? 137 PRO A O   1 
ATOM   306  C CB  . PRO A 1 44  ? -5.841  -8.728  -11.274 1.00 39.64 ? 137 PRO A CB  1 
ATOM   307  C CG  . PRO A 1 44  ? -5.752  -8.973  -12.780 1.00 39.29 ? 137 PRO A CG  1 
ATOM   308  C CD  . PRO A 1 44  ? -5.907  -10.510 -12.873 1.00 40.19 ? 137 PRO A CD  1 
ATOM   309  N N   . HIS A 1 45  ? -6.550  -10.632 -8.943  1.00 35.16 ? 138 HIS A N   1 
ATOM   310  C CA  . HIS A 1 45  ? -6.937  -10.942 -7.541  1.00 34.91 ? 138 HIS A CA  1 
ATOM   311  C C   . HIS A 1 45  ? -6.028  -11.937 -6.874  1.00 32.24 ? 138 HIS A C   1 
ATOM   312  O O   . HIS A 1 45  ? -5.756  -11.858 -5.671  1.00 26.59 ? 138 HIS A O   1 
ATOM   313  C CB  . HIS A 1 45  ? -8.436  -11.320 -7.452  1.00 41.59 ? 138 HIS A CB  1 
ATOM   314  C CG  . HIS A 1 45  ? -8.776  -12.683 -7.977  1.00 57.33 ? 138 HIS A CG  1 
ATOM   315  N ND1 . HIS A 1 45  ? -9.091  -12.917 -9.308  1.00 65.94 ? 138 HIS A ND1 1 
ATOM   316  C CD2 . HIS A 1 45  ? -8.904  -13.880 -7.348  1.00 59.41 ? 138 HIS A CD2 1 
ATOM   317  C CE1 . HIS A 1 45  ? -9.389  -14.198 -9.471  1.00 55.21 ? 138 HIS A CE1 1 
ATOM   318  N NE2 . HIS A 1 45  ? -9.277  -14.806 -8.301  1.00 64.16 ? 138 HIS A NE2 1 
ATOM   319  N N   . ASP A 1 46  ? -5.569  -12.948 -7.623  1.00 29.02 ? 139 ASP A N   1 
ATOM   320  C CA  . ASP A 1 46  ? -4.706  -13.943 -7.038  1.00 30.96 ? 139 ASP A CA  1 
ATOM   321  C C   . ASP A 1 46  ? -3.317  -13.375 -6.728  1.00 28.19 ? 139 ASP A C   1 
ATOM   322  O O   . ASP A 1 46  ? -2.757  -13.701 -5.676  1.00 27.45 ? 139 ASP A O   1 
ATOM   323  C CB  . ASP A 1 46  ? -4.550  -15.134 -7.976  1.00 31.08 ? 139 ASP A CB  1 
ATOM   324  C CG  . ASP A 1 46  ? -5.795  -15.981 -8.055  1.00 38.23 ? 139 ASP A CG  1 
ATOM   325  O OD1 . ASP A 1 46  ? -6.579  -16.086 -7.084  1.00 36.25 ? 139 ASP A OD1 1 
ATOM   326  O OD2 . ASP A 1 46  ? -5.965  -16.574 -9.145  1.00 43.26 ? 139 ASP A OD2 1 
ATOM   327  N N   . CYS A 1 47  ? -2.757  -12.552 -7.624  1.00 28.71 ? 140 CYS A N   1 
ATOM   328  C CA  . CYS A 1 47  ? -1.516  -11.883 -7.363  1.00 27.37 ? 140 CYS A CA  1 
ATOM   329  C C   . CYS A 1 47  ? -1.652  -10.984 -6.086  1.00 23.26 ? 140 CYS A C   1 
ATOM   330  O O   . CYS A 1 47  ? -0.785  -11.040 -5.204  1.00 23.35 ? 140 CYS A O   1 
ATOM   331  C CB  . CYS A 1 47  ? -1.122  -10.997 -8.538  1.00 26.82 ? 140 CYS A CB  1 
ATOM   332  S SG  . CYS A 1 47  ? 0.330   -9.985  -8.191  1.00 29.76 ? 140 CYS A SG  1 
ATOM   333  N N   . ALA A 1 48  ? -2.708  -10.183 -6.035  1.00 25.42 ? 141 ALA A N   1 
ATOM   334  C CA  . ALA A 1 48  ? -2.905  -9.291  -4.791  1.00 22.40 ? 141 ALA A CA  1 
ATOM   335  C C   . ALA A 1 48  ? -2.910  -10.113 -3.539  1.00 25.40 ? 141 ALA A C   1 
ATOM   336  O O   . ALA A 1 48  ? -2.261  -9.832  -2.565  1.00 21.05 ? 141 ALA A O   1 
ATOM   337  C CB  . ALA A 1 48  ? -4.219  -8.518  -4.890  1.00 21.92 ? 141 ALA A CB  1 
ATOM   338  N N   . ALA A 1 49  ? -3.714  -11.190 -3.513  1.00 22.92 ? 142 ALA A N   1 
ATOM   339  C CA  . ALA A 1 49  ? -3.723  -11.998 -2.330  1.00 22.34 ? 142 ALA A CA  1 
ATOM   340  C C   . ALA A 1 49  ? -2.383  -12.671 -1.996  1.00 22.74 ? 142 ALA A C   1 
ATOM   341  O O   . ALA A 1 49  ? -2.040  -12.769 -0.818  1.00 23.36 ? 142 ALA A O   1 
ATOM   342  C CB  . ALA A 1 49  ? -4.799  -13.085 -2.450  1.00 25.67 ? 142 ALA A CB  1 
ATOM   343  N N   . ARG A 1 50  ? -1.685  -13.162 -3.009  1.00 23.84 ? 143 ARG A N   1 
ATOM   344  C CA  . ARG A 1 50  ? -0.412  -13.802 -2.785  1.00 26.48 ? 143 ARG A CA  1 
ATOM   345  C C   . ARG A 1 50  ? 0.587   -12.853 -2.195  1.00 25.17 ? 143 ARG A C   1 
ATOM   346  O O   . ARG A 1 50  ? 1.286   -13.138 -1.230  1.00 23.44 ? 143 ARG A O   1 
ATOM   347  C CB  . ARG A 1 50  ? 0.132   -14.330 -4.109  1.00 28.41 ? 143 ARG A CB  1 
ATOM   348  C CG  . ARG A 1 50  ? 1.405   -15.127 -4.002  1.00 30.18 ? 143 ARG A CG  1 
ATOM   349  C CD  . ARG A 1 50  ? 1.885   -15.622 -5.368  1.00 30.96 ? 143 ARG A CD  1 
ATOM   350  N NE  . ARG A 1 50  ? 1.917   -14.606 -6.438  1.00 31.48 ? 143 ARG A NE  1 
ATOM   351  C CZ  . ARG A 1 50  ? 2.883   -13.682 -6.654  1.00 30.25 ? 143 ARG A CZ  1 
ATOM   352  N NH1 . ARG A 1 50  ? 3.949   -13.607 -5.894  1.00 34.91 ? 143 ARG A NH1 1 
ATOM   353  N NH2 . ARG A 1 50  ? 2.771   -12.864 -7.649  1.00 32.82 ? 143 ARG A NH2 1 
ATOM   354  N N   . GLU A 1 51  ? 0.678   -11.695 -2.829  1.00 26.77 ? 144 GLU A N   1 
ATOM   355  C CA  . GLU A 1 51  ? 1.690   -10.709 -2.361  1.00 25.80 ? 144 GLU A CA  1 
ATOM   356  C C   . GLU A 1 51  ? 1.338   -10.238 -0.959  1.00 21.32 ? 144 GLU A C   1 
ATOM   357  O O   . GLU A 1 51  ? 2.185   -10.105 -0.107  1.00 24.37 ? 144 GLU A O   1 
ATOM   358  C CB  . GLU A 1 51  ? 1.714   -9.560  -3.259  1.00 26.84 ? 144 GLU A CB  1 
ATOM   359  C CG  . GLU A 1 51  ? 2.231   -9.825  -4.626  1.00 28.41 ? 144 GLU A CG  1 
ATOM   360  C CD  . GLU A 1 51  ? 3.730   -10.035 -4.647  1.00 37.20 ? 144 GLU A CD  1 
ATOM   361  O OE1 . GLU A 1 51  ? 4.406   -9.800  -3.621  1.00 36.56 ? 144 GLU A OE1 1 
ATOM   362  O OE2 . GLU A 1 51  ? 4.230   -10.423 -5.721  1.00 41.38 ? 144 GLU A OE2 1 
ATOM   363  N N   . VAL A 1 52  ? 0.030   -9.954  -0.704  1.00 21.26 ? 145 VAL A N   1 
ATOM   364  C CA  . VAL A 1 52  ? -0.323  -9.523  0.651   1.00 19.89 ? 145 VAL A CA  1 
ATOM   365  C C   . VAL A 1 52  ? -0.040  -10.608 1.716   1.00 23.32 ? 145 VAL A C   1 
ATOM   366  O O   . VAL A 1 52  ? 0.414   -10.311 2.821   1.00 23.82 ? 145 VAL A O   1 
ATOM   367  C CB  . VAL A 1 52  ? -1.762  -8.954  0.680   1.00 20.27 ? 145 VAL A CB  1 
ATOM   368  C CG1 . VAL A 1 52  ? -2.190  -8.701  2.078   1.00 24.18 ? 145 VAL A CG1 1 
ATOM   369  C CG2 . VAL A 1 52  ? -1.855  -7.745  -0.230  1.00 21.80 ? 145 VAL A CG2 1 
ATOM   370  N N   . PHE A 1 53  ? -0.360  -11.880 1.378   1.00 23.62 ? 146 PHE A N   1 
ATOM   371  C CA  . PHE A 1 53  ? -0.125  -12.962 2.313   1.00 21.70 ? 146 PHE A CA  1 
ATOM   372  C C   . PHE A 1 53  ? 1.408   -13.126 2.514   1.00 24.41 ? 146 PHE A C   1 
ATOM   373  O O   . PHE A 1 53  ? 1.833   -13.266 3.620   1.00 27.67 ? 146 PHE A O   1 
ATOM   374  C CB  . PHE A 1 53  ? -0.708  -14.252 1.806   1.00 23.90 ? 146 PHE A CB  1 
ATOM   375  C CG  . PHE A 1 53  ? -0.649  -15.316 2.835   1.00 27.00 ? 146 PHE A CG  1 
ATOM   376  C CD1 . PHE A 1 53  ? -1.492  -15.324 3.894   1.00 30.71 ? 146 PHE A CD1 1 
ATOM   377  C CD2 . PHE A 1 53  ? 0.345   -16.301 2.728   1.00 36.56 ? 146 PHE A CD2 1 
ATOM   378  C CE1 . PHE A 1 53  ? -1.415  -16.292 4.883   1.00 37.23 ? 146 PHE A CE1 1 
ATOM   379  C CE2 . PHE A 1 53  ? 0.453   -17.264 3.718   1.00 40.48 ? 146 PHE A CE2 1 
ATOM   380  C CZ  . PHE A 1 53  ? -0.444  -17.261 4.795   1.00 38.46 ? 146 PHE A CZ  1 
ATOM   381  N N   . GLU A 1 54  ? 2.180   -13.053 1.452   1.00 23.75 ? 147 GLU A N   1 
ATOM   382  C CA  . GLU A 1 54  ? 3.683   -13.155 1.605   1.00 28.38 ? 147 GLU A CA  1 
ATOM   383  C C   . GLU A 1 54  ? 4.248   -12.070 2.483   1.00 29.81 ? 147 GLU A C   1 
ATOM   384  O O   . GLU A 1 54  ? 5.154   -12.292 3.290   1.00 28.87 ? 147 GLU A O   1 
ATOM   385  C CB  . GLU A 1 54  ? 4.345   -12.985 0.254   1.00 35.29 ? 147 GLU A CB  1 
ATOM   386  C CG  . GLU A 1 54  ? 4.245   -14.212 -0.625  1.00 43.53 ? 147 GLU A CG  1 
ATOM   387  C CD  . GLU A 1 54  ? 4.832   -13.991 -2.042  1.00 44.48 ? 147 GLU A CD  1 
ATOM   388  O OE1 . GLU A 1 54  ? 5.395   -12.886 -2.343  1.00 48.68 ? 147 GLU A OE1 1 
ATOM   389  O OE2 . GLU A 1 54  ? 4.708   -14.934 -2.885  1.00 47.72 ? 147 GLU A OE2 1 
ATOM   390  N N   . GLU A 1 55  ? 3.688   -10.869 2.342   1.00 27.16 ? 148 GLU A N   1 
ATOM   391  C CA  . GLU A 1 55  ? 4.206   -9.694  3.086   1.00 25.71 ? 148 GLU A CA  1 
ATOM   392  C C   . GLU A 1 55  ? 3.629   -9.436  4.450   1.00 26.14 ? 148 GLU A C   1 
ATOM   393  O O   . GLU A 1 55  ? 4.212   -8.704  5.199   1.00 28.82 ? 148 GLU A O   1 
ATOM   394  C CB  . GLU A 1 55  ? 4.106   -8.465  2.187   1.00 25.61 ? 148 GLU A CB  1 
ATOM   395  C CG  . GLU A 1 55  ? 4.916   -8.592  0.939   1.00 27.36 ? 148 GLU A CG  1 
ATOM   396  C CD  . GLU A 1 55  ? 4.838   -7.425  -0.022  1.00 32.27 ? 148 GLU A CD  1 
ATOM   397  O OE1 . GLU A 1 55  ? 4.467   -6.327  0.363   1.00 28.98 ? 148 GLU A OE1 1 
ATOM   398  O OE2 . GLU A 1 55  ? 5.104   -7.640  -1.216  1.00 40.14 ? 148 GLU A OE2 1 
ATOM   399  N N   . THR A 1 56  ? 2.428   -9.959  4.746   1.00 24.05 ? 149 THR A N   1 
ATOM   400  C CA  . THR A 1 56  ? 1.741   -9.643  6.007   1.00 24.00 ? 149 THR A CA  1 
ATOM   401  C C   . THR A 1 56  ? 1.245   -10.860 6.728   1.00 23.45 ? 149 THR A C   1 
ATOM   402  O O   . THR A 1 56  ? 0.852   -10.739 7.878   1.00 28.27 ? 149 THR A O   1 
ATOM   403  C CB  . THR A 1 56  ? 0.482   -8.743  5.779   1.00 25.02 ? 149 THR A CB  1 
ATOM   404  O OG1 . THR A 1 56  ? -0.533  -9.511  5.112   1.00 23.28 ? 149 THR A OG1 1 
ATOM   405  C CG2 . THR A 1 56  ? 0.804   -7.532  4.853   1.00 23.17 ? 149 THR A CG2 1 
ATOM   406  N N   . GLY A 1 57  ? 1.108   -11.979 6.039   1.00 26.78 ? 150 GLY A N   1 
ATOM   407  C CA  . GLY A 1 57  ? 0.570   -13.174 6.676   1.00 28.10 ? 150 GLY A CA  1 
ATOM   408  C C   . GLY A 1 57  ? -0.951  -13.153 6.802   1.00 31.06 ? 150 GLY A C   1 
ATOM   409  O O   . GLY A 1 57  ? -1.523  -14.008 7.491   1.00 32.31 ? 150 GLY A O   1 
ATOM   410  N N   . PHE A 1 58  ? -1.606  -12.214 6.137   1.00 25.89 ? 151 PHE A N   1 
ATOM   411  C CA  . PHE A 1 58  ? -3.055  -12.045 6.238   1.00 25.70 ? 151 PHE A CA  1 
ATOM   412  C C   . PHE A 1 58  ? -3.614  -12.359 4.879   1.00 24.62 ? 151 PHE A C   1 
ATOM   413  O O   . PHE A 1 58  ? -3.123  -11.907 3.800   1.00 25.90 ? 151 PHE A O   1 
ATOM   414  C CB  . PHE A 1 58  ? -3.413  -10.701 6.795   1.00 26.63 ? 151 PHE A CB  1 
ATOM   415  C CG  . PHE A 1 58  ? -4.919  -10.490 6.885   1.00 23.70 ? 151 PHE A CG  1 
ATOM   416  C CD1 . PHE A 1 58  ? -5.615  -11.000 7.952   1.00 27.31 ? 151 PHE A CD1 1 
ATOM   417  C CD2 . PHE A 1 58  ? -5.602  -9.862  5.856   1.00 28.84 ? 151 PHE A CD2 1 
ATOM   418  C CE1 . PHE A 1 58  ? -6.999  -10.836 8.026   1.00 30.03 ? 151 PHE A CE1 1 
ATOM   419  C CE2 . PHE A 1 58  ? -6.997  -9.677  5.934   1.00 30.55 ? 151 PHE A CE2 1 
ATOM   420  C CZ  . PHE A 1 58  ? -7.668  -10.205 7.022   1.00 30.43 ? 151 PHE A CZ  1 
ATOM   421  N N   . ASP A 1 59  ? -4.646  -13.219 4.848   1.00 25.24 ? 152 ASP A N   1 
ATOM   422  C CA  . ASP A 1 59  ? -5.228  -13.663 3.612   1.00 27.00 ? 152 ASP A CA  1 
ATOM   423  C C   . ASP A 1 59  ? -6.454  -12.872 3.249   1.00 27.83 ? 152 ASP A C   1 
ATOM   424  O O   . ASP A 1 59  ? -7.495  -12.930 3.951   1.00 26.99 ? 152 ASP A O   1 
ATOM   425  C CB  . ASP A 1 59  ? -5.599  -15.177 3.725   1.00 28.15 ? 152 ASP A CB  1 
ATOM   426  C CG  . ASP A 1 59  ? -6.082  -15.765 2.422   1.00 34.08 ? 152 ASP A CG  1 
ATOM   427  O OD1 . ASP A 1 59  ? -6.205  -15.115 1.344   1.00 30.34 ? 152 ASP A OD1 1 
ATOM   428  O OD2 . ASP A 1 59  ? -6.411  -16.978 2.488   1.00 39.35 ? 152 ASP A OD2 1 
ATOM   429  N N   . ILE A 1 60  ? -6.347  -12.108 2.167   1.00 24.43 ? 153 ILE A N   1 
ATOM   430  C CA  . ILE A 1 60  ? -7.466  -11.196 1.760   1.00 24.15 ? 153 ILE A CA  1 
ATOM   431  C C   . ILE A 1 60  ? -8.456  -11.824 0.793   1.00 24.27 ? 153 ILE A C   1 
ATOM   432  O O   . ILE A 1 60  ? -9.361  -11.188 0.355   1.00 25.13 ? 153 ILE A O   1 
ATOM   433  C CB  . ILE A 1 60  ? -6.967  -9.926  1.112   1.00 25.69 ? 153 ILE A CB  1 
ATOM   434  C CG1 . ILE A 1 60  ? -6.204  -10.158 -0.168  1.00 26.68 ? 153 ILE A CG1 1 
ATOM   435  C CG2 . ILE A 1 60  ? -6.186  -9.128  2.122   1.00 25.48 ? 153 ILE A CG2 1 
ATOM   436  C CD1 . ILE A 1 60  ? -5.873  -8.816  -0.883  1.00 26.51 ? 153 ILE A CD1 1 
ATOM   437  N N   . LYS A 1 61  ? -8.236  -13.057 0.448   1.00 26.11 ? 154 LYS A N   1 
ATOM   438  C CA  . LYS A 1 61  ? -8.915  -13.677 -0.646  1.00 29.19 ? 154 LYS A CA  1 
ATOM   439  C C   . LYS A 1 61  ? -10.448 -13.585 -0.489  1.00 25.89 ? 154 LYS A C   1 
ATOM   440  O O   . LYS A 1 61  ? -11.112 -13.219 -1.440  1.00 30.24 ? 154 LYS A O   1 
ATOM   441  C CB  . LYS A 1 61  ? -8.492  -15.156 -0.743  1.00 34.08 ? 154 LYS A CB  1 
ATOM   442  C CG  . LYS A 1 61  ? -9.420  -16.065 -1.545  1.00 45.05 ? 154 LYS A CG  1 
ATOM   443  C CD  . LYS A 1 61  ? -8.815  -17.464 -1.822  1.00 50.14 ? 154 LYS A CD  1 
ATOM   444  C CE  . LYS A 1 61  ? -8.373  -18.211 -0.557  1.00 56.89 ? 154 LYS A CE  1 
ATOM   445  N NZ  . LYS A 1 61  ? -9.543  -18.685 0.255   1.00 62.02 ? 154 LYS A NZ  1 
ATOM   446  N N   . ASP A 1 62  ? -10.897 -13.893 0.717   1.00 27.75 ? 155 ASP A N   1 
ATOM   447  C CA  . ASP A 1 62  ? -12.366 -13.929 0.976   1.00 28.45 ? 155 ASP A CA  1 
ATOM   448  C C   . ASP A 1 62  ? -12.959 -12.514 1.067   1.00 29.83 ? 155 ASP A C   1 
ATOM   449  O O   . ASP A 1 62  ? -14.199 -12.346 1.064   1.00 29.25 ? 155 ASP A O   1 
ATOM   450  C CB  . ASP A 1 62  ? -12.659 -14.645 2.274   1.00 33.90 ? 155 ASP A CB  1 
ATOM   451  C CG  . ASP A 1 62  ? -12.432 -16.156 2.221   1.00 37.36 ? 155 ASP A CG  1 
ATOM   452  O OD1 . ASP A 1 62  ? -12.346 -16.732 1.138   1.00 39.92 ? 155 ASP A OD1 1 
ATOM   453  O OD2 . ASP A 1 62  ? -12.408 -16.744 3.316   1.00 41.40 ? 155 ASP A OD2 1 
ATOM   454  N N   . TYR A 1 63  ? -12.111 -11.476 1.079   1.00 27.23 ? 156 TYR A N   1 
ATOM   455  C CA  . TYR A 1 63  ? -12.563 -10.052 1.247   1.00 27.86 ? 156 TYR A CA  1 
ATOM   456  C C   . TYR A 1 63  ? -12.421 -9.163  0.023   1.00 27.13 ? 156 TYR A C   1 
ATOM   457  O O   . TYR A 1 63  ? -13.044 -8.086  -0.130  1.00 28.90 ? 156 TYR A O   1 
ATOM   458  C CB  . TYR A 1 63  ? -11.803 -9.433  2.391   1.00 27.56 ? 156 TYR A CB  1 
ATOM   459  C CG  . TYR A 1 63  ? -11.868 -10.209 3.587   1.00 27.25 ? 156 TYR A CG  1 
ATOM   460  C CD1 . TYR A 1 63  ? -13.143 -10.647 4.065   1.00 29.79 ? 156 TYR A CD1 1 
ATOM   461  C CD2 . TYR A 1 63  ? -10.761 -10.745 4.139   1.00 29.63 ? 156 TYR A CD2 1 
ATOM   462  C CE1 . TYR A 1 63  ? -13.246 -11.479 5.118   1.00 30.91 ? 156 TYR A CE1 1 
ATOM   463  C CE2 . TYR A 1 63  ? -10.832 -11.583 5.257   1.00 32.90 ? 156 TYR A CE2 1 
ATOM   464  C CZ  . TYR A 1 63  ? -12.091 -11.926 5.731   1.00 37.78 ? 156 TYR A CZ  1 
ATOM   465  O OH  . TYR A 1 63  ? -12.202 -12.755 6.781   1.00 40.95 ? 156 TYR A OH  1 
ATOM   466  N N   . ILE A 1 64  ? -11.628 -9.591  -0.921  1.00 25.22 ? 157 ILE A N   1 
ATOM   467  C CA  . ILE A 1 64  ? -11.505 -8.800  -2.138  1.00 26.04 ? 157 ILE A CA  1 
ATOM   468  C C   . ILE A 1 64  ? -12.781 -8.552  -2.846  1.00 33.14 ? 157 ILE A C   1 
ATOM   469  O O   . ILE A 1 64  ? -13.564 -9.527  -3.091  1.00 33.35 ? 157 ILE A O   1 
ATOM   470  C CB  . ILE A 1 64  ? -10.565 -9.460  -3.163  1.00 29.30 ? 157 ILE A CB  1 
ATOM   471  C CG1 . ILE A 1 64  ? -9.143  -9.272  -2.733  1.00 31.82 ? 157 ILE A CG1 1 
ATOM   472  C CG2 . ILE A 1 64  ? -10.588 -8.758  -4.513  1.00 28.19 ? 157 ILE A CG2 1 
ATOM   473  C CD1 . ILE A 1 64  ? -8.135  -10.197 -3.431  1.00 33.70 ? 157 ILE A CD1 1 
ATOM   474  N N   A CYS A 1 65  ? -13.048 -7.287  -3.162  0.25 27.31 ? 158 CYS A N   1 
ATOM   475  N N   B CYS A 1 65  ? -13.025 -7.305  -3.234  0.25 32.13 ? 158 CYS A N   1 
ATOM   476  C CA  A CYS A 1 65  ? -14.145 -6.943  -4.051  0.25 26.17 ? 158 CYS A CA  1 
ATOM   477  C CA  B CYS A 1 65  ? -14.216 -6.951  -3.994  0.25 34.18 ? 158 CYS A CA  1 
ATOM   478  C C   A CYS A 1 65  ? -13.560 -6.526  -5.376  0.25 30.32 ? 158 CYS A C   1 
ATOM   479  C C   B CYS A 1 65  ? -13.746 -6.401  -5.346  0.25 35.17 ? 158 CYS A C   1 
ATOM   480  O O   A CYS A 1 65  ? -12.611 -5.733  -5.458  0.25 26.97 ? 158 CYS A O   1 
ATOM   481  O O   B CYS A 1 65  ? -13.073 -5.356  -5.401  0.25 33.20 ? 158 CYS A O   1 
ATOM   482  C CB  A CYS A 1 65  ? -15.037 -5.868  -3.470  0.25 24.50 ? 158 CYS A CB  1 
ATOM   483  C CB  B CYS A 1 65  ? -15.078 -5.982  -3.175  0.25 36.72 ? 158 CYS A CB  1 
ATOM   484  S SG  A CYS A 1 65  ? -15.776 -6.316  -1.910  0.25 21.58 ? 158 CYS A SG  1 
ATOM   485  S SG  B CYS A 1 65  ? -16.521 -5.267  -3.997  0.25 47.89 ? 158 CYS A SG  1 
ATOM   486  N N   . LYS A 1 66  ? -14.092 -7.120  -6.430  1.00 34.06 ? 159 LYS A N   1 
ATOM   487  C CA  . LYS A 1 66  ? -13.564 -6.886  -7.789  1.00 35.77 ? 159 LYS A CA  1 
ATOM   488  C C   . LYS A 1 66  ? -13.520 -5.477  -8.266  1.00 32.00 ? 159 LYS A C   1 
ATOM   489  O O   . LYS A 1 66  ? -12.553 -5.110  -8.974  1.00 36.69 ? 159 LYS A O   1 
ATOM   490  C CB  . LYS A 1 66  ? -14.361 -7.709  -8.822  1.00 37.62 ? 159 LYS A CB  1 
ATOM   491  C CG  . LYS A 1 66  ? -15.771 -7.175  -9.087  1.00 46.70 ? 159 LYS A CG  1 
ATOM   492  N N   . ASP A 1 67  ? -14.500 -4.667  -7.907  1.00 32.38 ? 160 ASP A N   1 
ATOM   493  C CA  . ASP A 1 67  ? -14.531 -3.291  -8.396  1.00 39.23 ? 160 ASP A CA  1 
ATOM   494  C C   . ASP A 1 67  ? -13.948 -2.280  -7.444  1.00 35.43 ? 160 ASP A C   1 
ATOM   495  O O   . ASP A 1 67  ? -14.006 -1.083  -7.727  1.00 34.52 ? 160 ASP A O   1 
ATOM   496  C CB  . ASP A 1 67  ? -15.972 -2.903  -8.689  1.00 43.58 ? 160 ASP A CB  1 
ATOM   497  C CG  . ASP A 1 67  ? -16.522 -3.714  -9.844  1.00 54.03 ? 160 ASP A CG  1 
ATOM   498  O OD1 . ASP A 1 67  ? -15.813 -3.768  -10.887 1.00 55.96 ? 160 ASP A OD1 1 
ATOM   499  O OD2 . ASP A 1 67  ? -17.579 -4.347  -9.660  1.00 56.82 ? 160 ASP A OD2 1 
ATOM   500  N N   . ASP A 1 68  ? -13.398 -2.741  -6.311  1.00 31.90 ? 161 ASP A N   1 
ATOM   501  C CA  . ASP A 1 68  ? -12.992 -1.783  -5.244  1.00 28.21 ? 161 ASP A CA  1 
ATOM   502  C C   . ASP A 1 68  ? -11.451 -1.768  -5.180  1.00 25.81 ? 161 ASP A C   1 
ATOM   503  O O   . ASP A 1 68  ? -10.834 -2.564  -4.477  1.00 23.75 ? 161 ASP A O   1 
ATOM   504  C CB  . ASP A 1 68  ? -13.500 -2.221  -3.872  1.00 28.00 ? 161 ASP A CB  1 
ATOM   505  C CG  . ASP A 1 68  ? -15.023 -2.084  -3.704  1.00 34.98 ? 161 ASP A CG  1 
ATOM   506  O OD1 . ASP A 1 68  ? -15.698 -1.551  -4.612  1.00 30.85 ? 161 ASP A OD1 1 
ATOM   507  O OD2 . ASP A 1 68  ? -15.527 -2.470  -2.615  1.00 28.65 ? 161 ASP A OD2 1 
ATOM   508  N N   . TYR A 1 69  ? -10.863 -0.833  -5.887  1.00 27.27 ? 162 TYR A N   1 
ATOM   509  C CA  . TYR A 1 69  ? -9.428  -0.724  -5.968  1.00 24.70 ? 162 TYR A CA  1 
ATOM   510  C C   . TYR A 1 69  ? -9.068  0.661   -6.426  1.00 30.17 ? 162 TYR A C   1 
ATOM   511  O O   . TYR A 1 69  ? -9.925  1.398   -6.928  1.00 32.58 ? 162 TYR A O   1 
ATOM   512  C CB  . TYR A 1 69  ? -8.868  -1.795  -6.901  1.00 25.24 ? 162 TYR A CB  1 
ATOM   513  C CG  . TYR A 1 69  ? -9.324  -1.719  -8.367  1.00 30.26 ? 162 TYR A CG  1 
ATOM   514  C CD1 . TYR A 1 69  ? -8.771  -0.796  -9.281  1.00 33.30 ? 162 TYR A CD1 1 
ATOM   515  C CD2 . TYR A 1 69  ? -10.337 -2.568  -8.812  1.00 35.28 ? 162 TYR A CD2 1 
ATOM   516  C CE1 . TYR A 1 69  ? -9.199  -0.740  -10.605 1.00 35.30 ? 162 TYR A CE1 1 
ATOM   517  C CE2 . TYR A 1 69  ? -10.758 -2.511  -10.146 1.00 37.99 ? 162 TYR A CE2 1 
ATOM   518  C CZ  . TYR A 1 69  ? -10.181 -1.621  -11.021 1.00 42.97 ? 162 TYR A CZ  1 
ATOM   519  O OH  . TYR A 1 69  ? -10.617 -1.583  -12.326 1.00 48.47 ? 162 TYR A OH  1 
ATOM   520  N N   . ILE A 1 70  ? -7.819  1.017   -6.207  1.00 27.10 ? 163 ILE A N   1 
ATOM   521  C CA  . ILE A 1 70  ? -7.192  2.219   -6.781  1.00 30.59 ? 163 ILE A CA  1 
ATOM   522  C C   . ILE A 1 70  ? -6.074  1.739   -7.625  1.00 26.47 ? 163 ILE A C   1 
ATOM   523  O O   . ILE A 1 70  ? -5.243  0.947   -7.185  1.00 25.64 ? 163 ILE A O   1 
ATOM   524  C CB  . ILE A 1 70  ? -6.682  3.137   -5.651  1.00 33.20 ? 163 ILE A CB  1 
ATOM   525  C CG1 . ILE A 1 70  ? -7.930  3.805   -5.069  1.00 38.12 ? 163 ILE A CG1 1 
ATOM   526  C CG2 . ILE A 1 70  ? -5.789  4.259   -6.149  1.00 38.41 ? 163 ILE A CG2 1 
ATOM   527  C CD1 . ILE A 1 70  ? -7.671  4.301   -3.669  1.00 40.21 ? 163 ILE A CD1 1 
ATOM   528  N N   . GLU A 1 71  ? -6.006  2.284   -8.854  1.00 25.67 ? 164 GLU A N   1 
ATOM   529  C CA  . GLU A 1 71  ? -4.989  1.912   -9.771  1.00 28.45 ? 164 GLU A CA  1 
ATOM   530  C C   . GLU A 1 71  ? -4.303  3.182   -10.285 1.00 30.82 ? 164 GLU A C   1 
ATOM   531  O O   . GLU A 1 71  ? -4.974  4.142   -10.541 1.00 33.60 ? 164 GLU A O   1 
ATOM   532  C CB  . GLU A 1 71  ? -5.630  1.113   -10.876 1.00 31.56 ? 164 GLU A CB  1 
ATOM   533  C CG  . GLU A 1 71  ? -4.762  0.760   -12.049 1.00 40.07 ? 164 GLU A CG  1 
ATOM   534  C CD  . GLU A 1 71  ? -5.578  -0.050  -13.066 1.00 49.03 ? 164 GLU A CD  1 
ATOM   535  O OE1 . GLU A 1 71  ? -6.176  0.577   -13.980 1.00 54.57 ? 164 GLU A OE1 1 
ATOM   536  O OE2 . GLU A 1 71  ? -5.662  -1.270  -12.887 1.00 45.59 ? 164 GLU A OE2 1 
ATOM   537  N N   . LEU A 1 72  ? -2.993  3.151   -10.294 1.00 26.96 ? 165 LEU A N   1 
ATOM   538  C CA  . LEU A 1 72  ? -2.158  4.230   -10.762 1.00 29.22 ? 165 LEU A CA  1 
ATOM   539  C C   . LEU A 1 72  ? -1.110  3.723   -11.729 1.00 31.71 ? 165 LEU A C   1 
ATOM   540  O O   . LEU A 1 72  ? -0.503  2.687   -11.571 1.00 29.79 ? 165 LEU A O   1 
ATOM   541  C CB  . LEU A 1 72  ? -1.370  4.874   -9.620  1.00 29.27 ? 165 LEU A CB  1 
ATOM   542  C CG  . LEU A 1 72  ? -2.201  5.444   -8.513  1.00 31.13 ? 165 LEU A CG  1 
ATOM   543  C CD1 . LEU A 1 72  ? -1.280  6.038   -7.439  1.00 31.93 ? 165 LEU A CD1 1 
ATOM   544  C CD2 . LEU A 1 72  ? -3.164  6.502   -9.090  1.00 39.83 ? 165 LEU A CD2 1 
ATOM   545  N N   . ARG A 1 73  ? -0.803  4.562   -12.712 1.00 32.74 ? 166 ARG A N   1 
ATOM   546  C CA  . ARG A 1 73  ? 0.264   4.197   -13.630 1.00 34.30 ? 166 ARG A CA  1 
ATOM   547  C C   . ARG A 1 73  ? 1.404   5.149   -13.309 1.00 35.36 ? 166 ARG A C   1 
ATOM   548  O O   . ARG A 1 73  ? 1.268   6.390   -13.408 1.00 36.49 ? 166 ARG A O   1 
ATOM   549  C CB  . ARG A 1 73  ? -0.177  4.321   -15.103 1.00 34.73 ? 166 ARG A CB  1 
ATOM   550  C CG  . ARG A 1 73  ? 0.914   3.869   -16.076 1.00 40.14 ? 166 ARG A CG  1 
ATOM   551  C CD  . ARG A 1 73  ? 0.608   4.193   -17.566 1.00 47.26 ? 166 ARG A CD  1 
ATOM   552  N NE  . ARG A 1 73  ? 0.502   5.659   -17.791 1.00 42.18 ? 166 ARG A NE  1 
ATOM   553  C CZ  . ARG A 1 73  ? -0.412  6.268   -18.564 1.00 47.00 ? 166 ARG A CZ  1 
ATOM   554  N NH1 . ARG A 1 73  ? -1.295  5.575   -19.287 1.00 46.07 ? 166 ARG A NH1 1 
ATOM   555  N NH2 . ARG A 1 73  ? -0.448  7.606   -18.640 1.00 42.98 ? 166 ARG A NH2 1 
ATOM   556  N N   . ILE A 1 74  ? 2.496   4.606   -12.836 1.00 27.66 ? 167 ILE A N   1 
ATOM   557  C CA  . ILE A 1 74  ? 3.649   5.372   -12.479 1.00 32.28 ? 167 ILE A CA  1 
ATOM   558  C C   . ILE A 1 74  ? 4.798   4.956   -13.336 1.00 35.05 ? 167 ILE A C   1 
ATOM   559  O O   . ILE A 1 74  ? 5.187   3.772   -13.294 1.00 34.94 ? 167 ILE A O   1 
ATOM   560  C CB  . ILE A 1 74  ? 3.983   5.106   -11.007 1.00 36.40 ? 167 ILE A CB  1 
ATOM   561  C CG1 . ILE A 1 74  ? 2.806   5.696   -10.200 1.00 40.57 ? 167 ILE A CG1 1 
ATOM   562  C CG2 . ILE A 1 74  ? 5.355   5.727   -10.625 1.00 41.75 ? 167 ILE A CG2 1 
ATOM   563  C CD1 . ILE A 1 74  ? 2.858   5.470   -8.728  1.00 41.76 ? 167 ILE A CD1 1 
ATOM   564  N N   . ASN A 1 75  ? 5.354   5.889   -14.136 1.00 32.98 ? 168 ASN A N   1 
ATOM   565  C CA  . ASN A 1 75  ? 6.463   5.566   -15.052 1.00 35.11 ? 168 ASN A CA  1 
ATOM   566  C C   . ASN A 1 75  ? 6.221   4.330   -15.882 1.00 35.38 ? 168 ASN A C   1 
ATOM   567  O O   . ASN A 1 75  ? 7.079   3.441   -16.021 1.00 44.69 ? 168 ASN A O   1 
ATOM   568  C CB  . ASN A 1 75  ? 7.751   5.425   -14.294 1.00 36.72 ? 168 ASN A CB  1 
ATOM   569  C CG  . ASN A 1 75  ? 8.140   6.711   -13.634 1.00 36.81 ? 168 ASN A CG  1 
ATOM   570  O OD1 . ASN A 1 75  ? 7.881   7.778   -14.191 1.00 40.38 ? 168 ASN A OD1 1 
ATOM   571  N ND2 . ASN A 1 75  ? 8.707   6.640   -12.407 1.00 35.05 ? 168 ASN A ND2 1 
ATOM   572  N N   . ASP A 1 76  ? 5.043   4.303   -16.392 1.00 33.73 ? 169 ASP A N   1 
ATOM   573  C CA  . ASP A 1 76  ? 4.601   3.331   -17.351 1.00 50.62 ? 169 ASP A CA  1 
ATOM   574  C C   . ASP A 1 76  ? 4.638   1.886   -16.774 1.00 47.37 ? 169 ASP A C   1 
ATOM   575  O O   . ASP A 1 76  ? 4.981   0.900   -17.440 1.00 48.41 ? 169 ASP A O   1 
ATOM   576  C CB  . ASP A 1 76  ? 5.359   3.570   -18.662 1.00 56.34 ? 169 ASP A CB  1 
ATOM   577  C CG  . ASP A 1 76  ? 4.417   3.752   -19.813 1.00 63.21 ? 169 ASP A CG  1 
ATOM   578  O OD1 . ASP A 1 76  ? 3.878   4.939   -20.182 1.00 41.57 ? 169 ASP A OD1 1 
ATOM   579  O OD2 . ASP A 1 76  ? 4.179   2.599   -20.266 1.00 54.72 ? 169 ASP A OD2 1 
ATOM   580  N N   . GLN A 1 77  ? 4.265   1.819   -15.502 1.00 42.18 ? 170 GLN A N   1 
ATOM   581  C CA  . GLN A 1 77  ? 4.040   0.553   -14.757 1.00 45.74 ? 170 GLN A CA  1 
ATOM   582  C C   . GLN A 1 77  ? 2.752   0.734   -13.981 1.00 42.24 ? 170 GLN A C   1 
ATOM   583  O O   . GLN A 1 77  ? 2.514   1.775   -13.343 1.00 34.97 ? 170 GLN A O   1 
ATOM   584  C CB  . GLN A 1 77  ? 5.182   0.255   -13.831 1.00 51.08 ? 170 GLN A CB  1 
ATOM   585  C CG  . GLN A 1 77  ? 4.948   -0.954  -12.902 1.00 68.76 ? 170 GLN A CG  1 
ATOM   586  C CD  . GLN A 1 77  ? 6.176   -1.835  -12.675 1.00 75.76 ? 170 GLN A CD  1 
ATOM   587  O OE1 . GLN A 1 77  ? 7.260   -1.585  -13.203 1.00 89.86 ? 170 GLN A OE1 1 
ATOM   588  N NE2 . GLN A 1 77  ? 5.993   -2.898  -11.900 1.00 92.33 ? 170 GLN A NE2 1 
ATOM   589  N N   . LEU A 1 78  ? 1.887   -0.244  -14.080 1.00 34.44 ? 171 LEU A N   1 
ATOM   590  C CA  . LEU A 1 78  ? 0.582   -0.119  -13.521 1.00 37.50 ? 171 LEU A CA  1 
ATOM   591  C C   . LEU A 1 78  ? 0.559   -0.777  -12.136 1.00 32.21 ? 171 LEU A C   1 
ATOM   592  O O   . LEU A 1 78  ? 0.995   -1.886  -12.072 1.00 33.10 ? 171 LEU A O   1 
ATOM   593  C CB  . LEU A 1 78  ? -0.378  -0.845  -14.424 1.00 43.66 ? 171 LEU A CB  1 
ATOM   594  C CG  . LEU A 1 78  ? -1.838  -0.667  -14.099 1.00 49.83 ? 171 LEU A CG  1 
ATOM   595  C CD1 . LEU A 1 78  ? -2.393  0.459   -14.972 1.00 63.72 ? 171 LEU A CD1 1 
ATOM   596  C CD2 . LEU A 1 78  ? -2.565  -1.996  -14.296 1.00 55.24 ? 171 LEU A CD2 1 
ATOM   597  N N   . ALA A 1 79  ? 0.018   -0.103  -11.087 1.00 27.62 ? 172 ALA A N   1 
ATOM   598  C CA  . ALA A 1 79  ? -0.100  -0.686  -9.700  1.00 28.09 ? 172 ALA A CA  1 
ATOM   599  C C   . ALA A 1 79  ? -1.573  -0.564  -9.302  1.00 29.91 ? 172 ALA A C   1 
ATOM   600  O O   . ALA A 1 79  ? -2.190  0.521   -9.318  1.00 29.01 ? 172 ALA A O   1 
ATOM   601  C CB  . ALA A 1 79  ? 0.824   0.028   -8.715  1.00 30.65 ? 172 ALA A CB  1 
ATOM   602  N N   . ARG A 1 80  ? -2.185  -1.712  -9.002  1.00 25.17 ? 173 ARG A N   1 
ATOM   603  C CA  . ARG A 1 80  ? -3.521  -1.779  -8.605  1.00 25.19 ? 173 ARG A CA  1 
ATOM   604  C C   . ARG A 1 80  ? -3.636  -2.337  -7.173  1.00 22.06 ? 173 ARG A C   1 
ATOM   605  O O   . ARG A 1 80  ? -3.090  -3.454  -6.871  1.00 24.65 ? 173 ARG A O   1 
ATOM   606  C CB  . ARG A 1 80  ? -4.362  -2.658  -9.553  1.00 26.65 ? 173 ARG A CB  1 
ATOM   607  C CG  . ARG A 1 80  ? -5.787  -2.771  -9.020  1.00 27.73 ? 173 ARG A CG  1 
ATOM   608  C CD  . ARG A 1 80  ? -6.580  -3.799  -9.783  1.00 30.27 ? 173 ARG A CD  1 
ATOM   609  N NE  . ARG A 1 80  ? -6.641  -3.374  -11.184 1.00 36.78 ? 173 ARG A NE  1 
ATOM   610  C CZ  . ARG A 1 80  ? -7.189  -4.126  -12.135 1.00 43.35 ? 173 ARG A CZ  1 
ATOM   611  N NH1 . ARG A 1 80  ? -7.728  -5.309  -11.830 1.00 40.97 ? 173 ARG A NH1 1 
ATOM   612  N NH2 . ARG A 1 80  ? -7.154  -3.706  -13.373 1.00 46.04 ? 173 ARG A NH2 1 
ATOM   613  N N   . LEU A 1 81  ? -4.220  -1.539  -6.245  1.00 22.11 ? 174 LEU A N   1 
ATOM   614  C CA  . LEU A 1 81  ? -4.381  -1.972  -4.831  1.00 20.82 ? 174 LEU A CA  1 
ATOM   615  C C   . LEU A 1 81  ? -5.855  -2.126  -4.566  1.00 20.33 ? 174 LEU A C   1 
ATOM   616  O O   . LEU A 1 81  ? -6.602  -1.128  -4.608  1.00 21.33 ? 174 LEU A O   1 
ATOM   617  C CB  . LEU A 1 81  ? -3.805  -0.930  -3.828  1.00 21.42 ? 174 LEU A CB  1 
ATOM   618  C CG  . LEU A 1 81  ? -2.304  -0.667  -4.068  1.00 24.26 ? 174 LEU A CG  1 
ATOM   619  C CD1 . LEU A 1 81  ? -1.834  0.447   -3.182  1.00 23.08 ? 174 LEU A CD1 1 
ATOM   620  C CD2 . LEU A 1 81  ? -1.413  -1.964  -3.928  1.00 25.93 ? 174 LEU A CD2 1 
ATOM   621  N N   . TYR A 1 82  ? -6.267  -3.344  -4.209  1.00 21.30 ? 175 TYR A N   1 
ATOM   622  C CA  . TYR A 1 82  ? -7.580  -3.611  -3.803  1.00 20.93 ? 175 TYR A CA  1 
ATOM   623  C C   . TYR A 1 82  ? -7.841  -3.048  -2.424  1.00 23.68 ? 175 TYR A C   1 
ATOM   624  O O   . TYR A 1 82  ? -6.991  -3.157  -1.551  1.00 20.75 ? 175 TYR A O   1 
ATOM   625  C CB  . TYR A 1 82  ? -7.855  -5.114  -3.857  1.00 22.71 ? 175 TYR A CB  1 
ATOM   626  C CG  . TYR A 1 82  ? -7.884  -5.607  -5.244  1.00 21.90 ? 175 TYR A CG  1 
ATOM   627  C CD1 . TYR A 1 82  ? -9.097  -5.548  -5.976  1.00 24.67 ? 175 TYR A CD1 1 
ATOM   628  C CD2 . TYR A 1 82  ? -6.777  -6.067  -5.867  1.00 26.50 ? 175 TYR A CD2 1 
ATOM   629  C CE1 . TYR A 1 82  ? -9.139  -6.047  -7.282  1.00 27.14 ? 175 TYR A CE1 1 
ATOM   630  C CE2 . TYR A 1 82  ? -6.814  -6.449  -7.194  1.00 27.65 ? 175 TYR A CE2 1 
ATOM   631  C CZ  . TYR A 1 82  ? -8.016  -6.435  -7.870  1.00 30.21 ? 175 TYR A CZ  1 
ATOM   632  O OH  . TYR A 1 82  ? -8.066  -6.859  -9.175  1.00 33.28 ? 175 TYR A OH  1 
ATOM   633  N N   . ILE A 1 83  ? -8.981  -2.377  -2.239  1.00 20.39 ? 176 ILE A N   1 
ATOM   634  C CA  . ILE A 1 83  ? -9.362  -1.824  -0.989  1.00 20.95 ? 176 ILE A CA  1 
ATOM   635  C C   . ILE A 1 83  ? -10.057 -2.834  -0.092  1.00 22.36 ? 176 ILE A C   1 
ATOM   636  O O   . ILE A 1 83  ? -11.060 -3.425  -0.495  1.00 24.00 ? 176 ILE A O   1 
ATOM   637  C CB  . ILE A 1 83  ? -10.177 -0.509  -1.201  1.00 21.46 ? 176 ILE A CB  1 
ATOM   638  C CG1 . ILE A 1 83  ? -9.225  0.480   -1.941  1.00 28.58 ? 176 ILE A CG1 1 
ATOM   639  C CG2 . ILE A 1 83  ? -10.541 0.117   0.114   1.00 21.79 ? 176 ILE A CG2 1 
ATOM   640  C CD1 . ILE A 1 83  ? -9.986  1.568   -2.653  1.00 38.74 ? 176 ILE A CD1 1 
ATOM   641  N N   . ILE A 1 84  ? -9.517  -3.057  1.107   1.00 21.63 ? 177 ILE A N   1 
ATOM   642  C CA  . ILE A 1 84  ? -9.969  -4.112  2.055   1.00 22.30 ? 177 ILE A CA  1 
ATOM   643  C C   . ILE A 1 84  ? -10.275 -3.457  3.390   1.00 18.82 ? 177 ILE A C   1 
ATOM   644  O O   . ILE A 1 84  ? -9.438  -3.437  4.263   1.00 19.60 ? 177 ILE A O   1 
ATOM   645  C CB  . ILE A 1 84  ? -8.937  -5.217  2.252   1.00 22.05 ? 177 ILE A CB  1 
ATOM   646  C CG1 . ILE A 1 84  ? -8.397  -5.679  0.918   1.00 22.54 ? 177 ILE A CG1 1 
ATOM   647  C CG2 . ILE A 1 84  ? -9.521  -6.359  3.058   1.00 23.40 ? 177 ILE A CG2 1 
ATOM   648  C CD1 . ILE A 1 84  ? -9.359  -6.490  0.083   1.00 24.13 ? 177 ILE A CD1 1 
ATOM   649  N N   . PRO A 1 85  ? -11.479 -2.947  3.573   1.00 20.83 ? 178 PRO A N   1 
ATOM   650  C CA  . PRO A 1 85  ? -11.808 -2.312  4.875   1.00 19.25 ? 178 PRO A CA  1 
ATOM   651  C C   . PRO A 1 85  ? -12.173 -3.258  5.920   1.00 20.79 ? 178 PRO A C   1 
ATOM   652  O O   . PRO A 1 85  ? -12.459 -4.446  5.644   1.00 22.81 ? 178 PRO A O   1 
ATOM   653  C CB  . PRO A 1 85  ? -13.081 -1.475  4.566   1.00 23.01 ? 178 PRO A CB  1 
ATOM   654  C CG  . PRO A 1 85  ? -13.236 -1.505  3.130   1.00 26.67 ? 178 PRO A CG  1 
ATOM   655  C CD  . PRO A 1 85  ? -12.526 -2.694  2.564   1.00 21.70 ? 178 PRO A CD  1 
ATOM   656  N N   . GLY A 1 86  ? -12.185 -2.780  7.120   1.00 20.51 ? 179 GLY A N   1 
ATOM   657  C CA  . GLY A 1 86  ? -12.784 -3.496  8.313   1.00 22.71 ? 179 GLY A CA  1 
ATOM   658  C C   . GLY A 1 86  ? -11.989 -4.598  8.930   1.00 25.04 ? 179 GLY A C   1 
ATOM   659  O O   . GLY A 1 86  ? -12.517 -5.574  9.465   1.00 25.56 ? 179 GLY A O   1 
ATOM   660  N N   . ILE A 1 87  ? -10.683 -4.602  8.682   1.00 23.36 ? 180 ILE A N   1 
ATOM   661  C CA  . ILE A 1 87  ? -9.810  -5.627  9.267   1.00 24.49 ? 180 ILE A CA  1 
ATOM   662  C C   . ILE A 1 87  ? -9.406  -5.172  10.698  1.00 26.99 ? 180 ILE A C   1 
ATOM   663  O O   . ILE A 1 87  ? -8.861  -4.124  10.878  1.00 24.83 ? 180 ILE A O   1 
ATOM   664  C CB  . ILE A 1 87  ? -8.593  -5.832  8.332   1.00 23.19 ? 180 ILE A CB  1 
ATOM   665  C CG1 . ILE A 1 87  ? -9.020  -6.221  6.946   1.00 24.82 ? 180 ILE A CG1 1 
ATOM   666  C CG2 . ILE A 1 87  ? -7.631  -6.829  8.906   1.00 24.70 ? 180 ILE A CG2 1 
ATOM   667  C CD1 . ILE A 1 87  ? -10.085 -7.312  6.851   1.00 24.86 ? 180 ILE A CD1 1 
ATOM   668  N N   . PRO A 1 88  ? -9.680  -5.976  11.747  1.00 28.90 ? 181 PRO A N   1 
ATOM   669  C CA  . PRO A 1 88  ? -9.422  -5.473  13.106  1.00 30.22 ? 181 PRO A CA  1 
ATOM   670  C C   . PRO A 1 88  ? -7.984  -5.156  13.410  1.00 29.80 ? 181 PRO A C   1 
ATOM   671  O O   . PRO A 1 88  ? -7.051  -5.869  12.936  1.00 26.61 ? 181 PRO A O   1 
ATOM   672  C CB  . PRO A 1 88  ? -9.954  -6.619  14.035  1.00 35.28 ? 181 PRO A CB  1 
ATOM   673  C CG  . PRO A 1 88  ? -10.851 -7.428  13.181  1.00 36.63 ? 181 PRO A CG  1 
ATOM   674  C CD  . PRO A 1 88  ? -10.443 -7.239  11.726  1.00 33.88 ? 181 PRO A CD  1 
ATOM   675  N N   . LYS A 1 89  ? -7.772  -4.054  14.132  1.00 29.34 ? 182 LYS A N   1 
ATOM   676  C CA  . LYS A 1 89  ? -6.430  -3.633  14.448  1.00 35.70 ? 182 LYS A CA  1 
ATOM   677  C C   . LYS A 1 89  ? -5.683  -4.616  15.305  1.00 34.44 ? 182 LYS A C   1 
ATOM   678  O O   . LYS A 1 89  ? -4.470  -4.528  15.381  1.00 39.88 ? 182 LYS A O   1 
ATOM   679  C CB  . LYS A 1 89  ? -6.337  -2.238  15.118  1.00 45.28 ? 182 LYS A CB  1 
ATOM   680  C CG  . LYS A 1 89  ? -6.281  -1.070  14.146  1.00 48.01 ? 182 LYS A CG  1 
ATOM   681  C CD  . LYS A 1 89  ? -5.957  0.247   14.825  1.00 48.43 ? 182 LYS A CD  1 
ATOM   682  C CE  . LYS A 1 89  ? -7.015  0.669   15.840  1.00 52.35 ? 182 LYS A CE  1 
ATOM   683  N NZ  . LYS A 1 89  ? -8.400  0.830   15.255  1.00 49.15 ? 182 LYS A NZ  1 
ATOM   684  N N   . ASP A 1 90  ? -6.357  -5.561  15.960  1.00 31.86 ? 183 ASP A N   1 
ATOM   685  C CA  . ASP A 1 90  ? -5.614  -6.564  16.722  1.00 36.52 ? 183 ASP A CA  1 
ATOM   686  C C   . ASP A 1 90  ? -5.263  -7.820  15.941  1.00 34.94 ? 183 ASP A C   1 
ATOM   687  O O   . ASP A 1 90  ? -4.699  -8.758  16.505  1.00 36.71 ? 183 ASP A O   1 
ATOM   688  C CB  . ASP A 1 90  ? -6.352  -6.895  18.022  1.00 40.98 ? 183 ASP A CB  1 
ATOM   689  C CG  . ASP A 1 90  ? -7.702  -7.501  17.789  1.00 47.07 ? 183 ASP A CG  1 
ATOM   690  O OD1 . ASP A 1 90  ? -8.178  -7.577  16.634  1.00 47.42 ? 183 ASP A OD1 1 
ATOM   691  O OD2 . ASP A 1 90  ? -8.320  -7.916  18.771  1.00 52.88 ? 183 ASP A OD2 1 
ATOM   692  N N   . THR A 1 91  ? -5.494  -7.813  14.628  1.00 32.57 ? 184 THR A N   1 
ATOM   693  C CA  . THR A 1 91  ? -4.944  -8.851  13.745  1.00 30.21 ? 184 THR A CA  1 
ATOM   694  C C   . THR A 1 91  ? -3.446  -9.069  13.870  1.00 33.95 ? 184 THR A C   1 
ATOM   695  O O   . THR A 1 91  ? -2.640  -8.142  13.864  1.00 36.07 ? 184 THR A O   1 
ATOM   696  C CB  . THR A 1 91  ? -5.343  -8.589  12.280  1.00 27.97 ? 184 THR A CB  1 
ATOM   697  O OG1 . THR A 1 91  ? -6.789  -8.383  12.194  1.00 30.25 ? 184 THR A OG1 1 
ATOM   698  C CG2 . THR A 1 91  ? -4.948  -9.700  11.334  1.00 30.31 ? 184 THR A CG2 1 
ATOM   699  N N   . LYS A 1 92  ? -3.040  -10.314 13.921  1.00 38.65 ? 185 LYS A N   1 
ATOM   700  C CA  . LYS A 1 92  ? -1.624  -10.655 13.966  1.00 39.13 ? 185 LYS A CA  1 
ATOM   701  C C   . LYS A 1 92  ? -1.043  -10.808 12.609  1.00 37.08 ? 185 LYS A C   1 
ATOM   702  O O   . LYS A 1 92  ? -1.420  -11.680 11.894  1.00 40.53 ? 185 LYS A O   1 
ATOM   703  C CB  . LYS A 1 92  ? -1.404  -11.955 14.809  1.00 44.58 ? 185 LYS A CB  1 
ATOM   704  C CG  . LYS A 1 92  ? -1.645  -11.728 16.300  1.00 44.63 ? 185 LYS A CG  1 
ATOM   705  C CD  . LYS A 1 92  ? -1.530  -10.276 16.790  1.00 52.91 ? 185 LYS A CD  1 
ATOM   706  N N   . PHE A 1 93  ? -0.156  -9.902  12.249  1.00 35.30 ? 186 PHE A N   1 
ATOM   707  C CA  . PHE A 1 93  ? 0.399   -9.862  10.944  1.00 29.79 ? 186 PHE A CA  1 
ATOM   708  C C   . PHE A 1 93  ? 1.834   -10.296 11.143  1.00 36.86 ? 186 PHE A C   1 
ATOM   709  O O   . PHE A 1 93  ? 2.500   -9.818  12.043  1.00 41.86 ? 186 PHE A O   1 
ATOM   710  C CB  . PHE A 1 93  ? 0.418   -8.445  10.354  1.00 28.34 ? 186 PHE A CB  1 
ATOM   711  C CG  . PHE A 1 93  ? -0.956  -7.864  10.105  1.00 27.08 ? 186 PHE A CG  1 
ATOM   712  C CD1 . PHE A 1 93  ? -1.713  -8.333  9.077   1.00 26.64 ? 186 PHE A CD1 1 
ATOM   713  C CD2 . PHE A 1 93  ? -1.482  -6.874  10.907  1.00 25.29 ? 186 PHE A CD2 1 
ATOM   714  C CE1 . PHE A 1 93  ? -2.952  -7.849  8.798   1.00 24.46 ? 186 PHE A CE1 1 
ATOM   715  C CE2 . PHE A 1 93  ? -2.757  -6.365  10.647  1.00 24.88 ? 186 PHE A CE2 1 
ATOM   716  C CZ  . PHE A 1 93  ? -3.503  -6.849  9.587   1.00 24.88 ? 186 PHE A CZ  1 
ATOM   717  N N   . ASN A 1 94  ? 2.289   -11.162 10.272  1.00 39.68 ? 187 ASN A N   1 
ATOM   718  C CA  . ASN A 1 94  ? 3.649   -11.720 10.312  1.00 46.68 ? 187 ASN A CA  1 
ATOM   719  C C   . ASN A 1 94  ? 4.074   -12.013 8.876   1.00 36.80 ? 187 ASN A C   1 
ATOM   720  O O   . ASN A 1 94  ? 3.492   -12.875 8.225   1.00 39.10 ? 187 ASN A O   1 
ATOM   721  C CB  . ASN A 1 94  ? 3.620   -13.059 11.074  1.00 51.80 ? 187 ASN A CB  1 
ATOM   722  C CG  . ASN A 1 94  ? 3.082   -12.946 12.496  1.00 59.41 ? 187 ASN A CG  1 
ATOM   723  O OD1 . ASN A 1 94  ? 2.117   -13.637 12.855  1.00 69.61 ? 187 ASN A OD1 1 
ATOM   724  N ND2 . ASN A 1 94  ? 3.723   -12.118 13.328  1.00 58.51 ? 187 ASN A ND2 1 
ATOM   725  N N   . PRO A 1 95  ? 5.129   -11.353 8.363   1.00 38.21 ? 188 PRO A N   1 
ATOM   726  C CA  . PRO A 1 95  ? 5.512   -11.770 7.006   1.00 34.95 ? 188 PRO A CA  1 
ATOM   727  C C   . PRO A 1 95  ? 6.007   -13.199 6.936   1.00 44.78 ? 188 PRO A C   1 
ATOM   728  O O   . PRO A 1 95  ? 6.513   -13.770 7.903   1.00 42.73 ? 188 PRO A O   1 
ATOM   729  C CB  . PRO A 1 95  ? 6.608   -10.770 6.609   1.00 38.36 ? 188 PRO A CB  1 
ATOM   730  C CG  . PRO A 1 95  ? 7.168   -10.424 7.913   1.00 42.93 ? 188 PRO A CG  1 
ATOM   731  C CD  . PRO A 1 95  ? 6.119   -10.436 8.955   1.00 43.88 ? 188 PRO A CD  1 
ATOM   732  N N   . LYS A 1 96  ? 5.848   -13.758 5.763   1.00 43.06 ? 189 LYS A N   1 
ATOM   733  C CA  . LYS A 1 96  ? 6.429   -15.035 5.418   1.00 50.21 ? 189 LYS A CA  1 
ATOM   734  C C   . LYS A 1 96  ? 7.954   -14.879 5.322   1.00 54.56 ? 189 LYS A C   1 
ATOM   735  O O   . LYS A 1 96  ? 8.685   -15.721 5.821   1.00 51.43 ? 189 LYS A O   1 
ATOM   736  C CB  . LYS A 1 96  ? 5.896   -15.504 4.069   1.00 58.14 ? 189 LYS A CB  1 
ATOM   737  C CG  . LYS A 1 96  ? 4.367   -15.727 4.003   1.00 68.40 ? 189 LYS A CG  1 
ATOM   738  C CD  . LYS A 1 96  ? 3.794   -16.573 5.131   1.00 70.30 ? 189 LYS A CD  1 
ATOM   739  C CE  . LYS A 1 96  ? 3.309   -15.752 6.318   1.00 70.56 ? 189 LYS A CE  1 
ATOM   740  N NZ  . LYS A 1 96  ? 2.408   -16.615 7.130   1.00 67.54 ? 189 LYS A NZ  1 
ATOM   741  N N   A THR A 1 97  ? 8.297   -13.688 4.813   0.25 50.18 ? 190 THR A N   1 
ATOM   742  N N   B THR A 1 97  ? 8.466   -13.839 4.671   0.25 54.61 ? 190 THR A N   1 
ATOM   743  C CA  A THR A 1 97  ? 9.481   -13.318 4.093   0.25 44.90 ? 190 THR A CA  1 
ATOM   744  C CA  B THR A 1 97  ? 9.926   -13.700 4.512   0.25 52.44 ? 190 THR A CA  1 
ATOM   745  C C   A THR A 1 97  ? 10.198  -12.179 4.830   0.25 43.58 ? 190 THR A C   1 
ATOM   746  C C   B THR A 1 97  ? 10.426  -12.476 5.262   0.25 50.57 ? 190 THR A C   1 
ATOM   747  O O   A THR A 1 97  ? 10.161  -11.033 4.351   0.25 36.04 ? 190 THR A O   1 
ATOM   748  O O   B THR A 1 97  ? 10.159  -11.328 4.878   0.25 45.78 ? 190 THR A O   1 
ATOM   749  C CB  A THR A 1 97  ? 9.022   -12.735 2.727   0.25 44.21 ? 190 THR A CB  1 
ATOM   750  C CB  B THR A 1 97  ? 10.335  -13.606 3.026   0.25 50.38 ? 190 THR A CB  1 
ATOM   751  O OG1 A THR A 1 97  ? 7.957   -11.785 2.935   0.25 32.35 ? 190 THR A OG1 1 
ATOM   752  O OG1 B THR A 1 97  ? 9.739   -14.687 2.297   0.25 53.02 ? 190 THR A OG1 1 
ATOM   753  C CG2 A THR A 1 97  ? 8.510   -13.839 1.767   0.25 44.53 ? 190 THR A CG2 1 
ATOM   754  C CG2 B THR A 1 97  ? 11.848  -13.666 2.868   0.25 46.16 ? 190 THR A CG2 1 
ATOM   755  N N   A ARG A 1 98  ? 10.839  -12.472 5.968   0.25 40.70 ? 191 ARG A N   1 
ATOM   756  N N   B ARG A 1 98  ? 11.163  -12.725 6.335   0.25 47.45 ? 191 ARG A N   1 
ATOM   757  C CA  A ARG A 1 98  ? 11.451  -11.405 6.781   0.25 40.72 ? 191 ARG A CA  1 
ATOM   758  C CA  B ARG A 1 98  ? 11.735  -11.634 7.089   0.25 45.42 ? 191 ARG A CA  1 
ATOM   759  C C   A ARG A 1 98  ? 12.855  -10.974 6.312   0.25 37.54 ? 191 ARG A C   1 
ATOM   760  C C   B ARG A 1 98  ? 12.925  -11.005 6.365   0.25 40.33 ? 191 ARG A C   1 
ATOM   761  O O   A ARG A 1 98  ? 13.396  -9.989  6.812   0.25 34.84 ? 191 ARG A O   1 
ATOM   762  O O   B ARG A 1 98  ? 13.378  -9.920  6.735   0.25 37.56 ? 191 ARG A O   1 
ATOM   763  C CB  A ARG A 1 98  ? 11.379  -11.671 8.301   0.25 41.65 ? 191 ARG A CB  1 
ATOM   764  C CB  B ARG A 1 98  ? 12.100  -12.092 8.490   0.25 50.26 ? 191 ARG A CB  1 
ATOM   765  C CG  A ARG A 1 98  ? 10.126  -11.038 8.930   0.25 38.44 ? 191 ARG A CG  1 
ATOM   766  C CG  B ARG A 1 98  ? 10.885  -12.615 9.226   0.25 50.72 ? 191 ARG A CG  1 
ATOM   767  C CD  A ARG A 1 98  ? 10.259  -10.388 10.312  0.25 37.84 ? 191 ARG A CD  1 
ATOM   768  C CD  B ARG A 1 98  ? 10.783  -12.005 10.607  0.25 51.76 ? 191 ARG A CD  1 
ATOM   769  N NE  A ARG A 1 98  ? 10.887  -9.062  10.356  0.25 29.78 ? 191 ARG A NE  1 
ATOM   770  N NE  B ARG A 1 98  ? 9.423   -12.136 11.109  0.25 53.42 ? 191 ARG A NE  1 
ATOM   771  C CZ  A ARG A 1 98  ? 11.498  -8.586  11.448  0.25 31.54 ? 191 ARG A CZ  1 
ATOM   772  C CZ  B ARG A 1 98  ? 8.969   -13.201 11.750  0.25 53.92 ? 191 ARG A CZ  1 
ATOM   773  N NH1 A ARG A 1 98  ? 11.570  -9.322  12.547  0.25 30.71 ? 191 ARG A NH1 1 
ATOM   774  N NH1 B ARG A 1 98  ? 9.772   -14.232 11.986  0.25 57.28 ? 191 ARG A NH1 1 
ATOM   775  N NH2 A ARG A 1 98  ? 12.058  -7.394  11.459  0.25 30.39 ? 191 ARG A NH2 1 
ATOM   776  N NH2 B ARG A 1 98  ? 7.714   -13.229 12.158  0.25 55.04 ? 191 ARG A NH2 1 
ATOM   777  N N   . ARG A 1 99  ? 13.402  -11.665 5.311   1.00 36.93 ? 192 ARG A N   1 
ATOM   778  C CA  . ARG A 1 99  ? 14.485  -11.137 4.481   1.00 33.69 ? 192 ARG A CA  1 
ATOM   779  C C   . ARG A 1 99  ? 13.963  -10.090 3.558   1.00 27.63 ? 192 ARG A C   1 
ATOM   780  O O   . ARG A 1 99  ? 14.715  -9.337  2.995   1.00 25.95 ? 192 ARG A O   1 
ATOM   781  C CB  . ARG A 1 99  ? 15.126  -12.299 3.639   1.00 38.95 ? 192 ARG A CB  1 
ATOM   782  C CG  . ARG A 1 99  ? 15.778  -13.408 4.475   1.00 44.13 ? 192 ARG A CG  1 
ATOM   783  C CD  . ARG A 1 99  ? 16.254  -14.596 3.572   1.00 51.65 ? 192 ARG A CD  1 
ATOM   784  N NE  . ARG A 1 99  ? 17.658  -14.900 3.811   1.00 66.28 ? 192 ARG A NE  1 
ATOM   785  C CZ  . ARG A 1 99  ? 18.130  -15.713 4.752   1.00 72.41 ? 192 ARG A CZ  1 
ATOM   786  N NH1 . ARG A 1 99  ? 17.313  -16.393 5.554   1.00 82.06 ? 192 ARG A NH1 1 
ATOM   787  N NH2 . ARG A 1 99  ? 19.443  -15.869 4.881   1.00 70.22 ? 192 ARG A NH2 1 
ATOM   788  N N   . GLU A 1 100 ? 12.601  -9.932  3.417   1.00 30.84 ? 193 GLU A N   1 
ATOM   789  C CA  . GLU A 1 100 ? 12.051  -8.858  2.643   1.00 29.17 ? 193 GLU A CA  1 
ATOM   790  C C   . GLU A 1 100 ? 11.284  -7.763  3.380   1.00 23.22 ? 193 GLU A C   1 
ATOM   791  O O   . GLU A 1 100 ? 11.272  -6.682  2.882   1.00 27.76 ? 193 GLU A O   1 
ATOM   792  C CB  . GLU A 1 100 ? 11.078  -9.445  1.584   1.00 41.42 ? 193 GLU A CB  1 
ATOM   793  C CG  . GLU A 1 100 ? 11.761  -10.522 0.750   1.00 47.38 ? 193 GLU A CG  1 
ATOM   794  C CD  . GLU A 1 100 ? 10.884  -11.030 -0.364  1.00 61.58 ? 193 GLU A CD  1 
ATOM   795  O OE1 . GLU A 1 100 ? 10.679  -10.241 -1.322  1.00 58.77 ? 193 GLU A OE1 1 
ATOM   796  O OE2 . GLU A 1 100 ? 10.396  -12.196 -0.247  1.00 77.92 ? 193 GLU A OE2 1 
ATOM   797  N N   . ILE A 1 101 ? 10.710  -8.066  4.510   1.00 20.72 ? 194 ILE A N   1 
ATOM   798  C CA  . ILE A 1 101 ? 9.857   -7.115  5.269   1.00 23.88 ? 194 ILE A CA  1 
ATOM   799  C C   . ILE A 1 101 ? 10.405  -6.903  6.655   1.00 23.00 ? 194 ILE A C   1 
ATOM   800  O O   . ILE A 1 101 ? 10.444  -7.842  7.509   1.00 24.11 ? 194 ILE A O   1 
ATOM   801  C CB  . ILE A 1 101 ? 8.383   -7.584  5.426   1.00 23.96 ? 194 ILE A CB  1 
ATOM   802  C CG1 . ILE A 1 101 ? 7.785   -7.775  4.025   1.00 26.91 ? 194 ILE A CG1 1 
ATOM   803  C CG2 . ILE A 1 101 ? 7.568   -6.583  6.248   1.00 24.35 ? 194 ILE A CG2 1 
ATOM   804  C CD1 . ILE A 1 101 ? 7.639   -6.551  3.141   1.00 24.85 ? 194 ILE A CD1 1 
ATOM   805  N N   . ARG A 1 102 ? 10.804  -5.668  6.877   1.00 23.04 ? 195 ARG A N   1 
ATOM   806  C CA  . ARG A 1 102 ? 11.229  -5.268  8.263   1.00 22.70 ? 195 ARG A CA  1 
ATOM   807  C C   . ARG A 1 102 ? 10.200  -5.160  9.298   1.00 25.64 ? 195 ARG A C   1 
ATOM   808  O O   . ARG A 1 102 ? 10.331  -5.678  10.439  1.00 25.86 ? 195 ARG A O   1 
ATOM   809  C CB  . ARG A 1 102 ? 12.031  -3.926  8.199   1.00 23.07 ? 195 ARG A CB  1 
ATOM   810  C CG  . ARG A 1 102 ? 12.889  -3.692  9.478   1.00 23.21 ? 195 ARG A CG  1 
ATOM   811  C CD  . ARG A 1 102 ? 13.333  -2.298  9.566   1.00 21.80 ? 195 ARG A CD  1 
ATOM   812  N NE  . ARG A 1 102 ? 14.292  -1.923  8.576   1.00 22.53 ? 195 ARG A NE  1 
ATOM   813  C CZ  . ARG A 1 102 ? 15.606  -2.205  8.637   1.00 24.46 ? 195 ARG A CZ  1 
ATOM   814  N NH1 . ARG A 1 102 ? 16.082  -2.857  9.704   1.00 22.91 ? 195 ARG A NH1 1 
ATOM   815  N NH2 . ARG A 1 102 ? 16.399  -1.871  7.676   1.00 25.52 ? 195 ARG A NH2 1 
ATOM   816  N N   . ASN A 1 103 ? 9.074   -4.562  8.952   1.00 22.46 ? 196 ASN A N   1 
ATOM   817  C CA  . ASN A 1 103 ? 8.089   -4.240  9.949   1.00 24.51 ? 196 ASN A CA  1 
ATOM   818  C C   . ASN A 1 103 ? 6.753   -3.962  9.198   1.00 22.84 ? 196 ASN A C   1 
ATOM   819  O O   . ASN A 1 103 ? 6.719   -3.830  7.989   1.00 21.30 ? 196 ASN A O   1 
ATOM   820  C CB  . ASN A 1 103 ? 8.481   -2.958  10.675  1.00 22.89 ? 196 ASN A CB  1 
ATOM   821  C CG  . ASN A 1 103 ? 7.920   -2.881  12.069  1.00 27.09 ? 196 ASN A CG  1 
ATOM   822  O OD1 . ASN A 1 103 ? 7.049   -3.691  12.422  1.00 27.67 ? 196 ASN A OD1 1 
ATOM   823  N ND2 . ASN A 1 103 ? 8.285   -1.805  12.815  1.00 31.84 ? 196 ASN A ND2 1 
ATOM   824  N N   . ILE A 1 104 ? 5.708   -4.050  9.981   1.00 22.45 ? 197 ILE A N   1 
ATOM   825  C CA  . ILE A 1 104 ? 4.329   -3.985  9.530   1.00 23.02 ? 197 ILE A CA  1 
ATOM   826  C C   . ILE A 1 104 ? 3.627   -3.144  10.562  1.00 23.34 ? 197 ILE A C   1 
ATOM   827  O O   . ILE A 1 104 ? 3.644   -3.478  11.757  1.00 23.68 ? 197 ILE A O   1 
ATOM   828  C CB  . ILE A 1 104 ? 3.622   -5.336  9.438   1.00 24.45 ? 197 ILE A CB  1 
ATOM   829  C CG1 . ILE A 1 104 ? 4.298   -6.224  8.430   1.00 24.95 ? 197 ILE A CG1 1 
ATOM   830  C CG2 . ILE A 1 104 ? 2.158   -5.145  9.032   1.00 22.63 ? 197 ILE A CG2 1 
ATOM   831  C CD1 . ILE A 1 104 ? 3.875   -7.680  8.471   1.00 28.94 ? 197 ILE A CD1 1 
ATOM   832  N N   . GLU A 1 105 ? 2.970   -2.069  10.148  1.00 20.90 ? 198 GLU A N   1 
ATOM   833  C CA  . GLU A 1 105 ? 2.339   -1.144  11.140  1.00 21.03 ? 198 GLU A CA  1 
ATOM   834  C C   . GLU A 1 105 ? 1.098   -0.523  10.582  1.00 21.11 ? 198 GLU A C   1 
ATOM   835  O O   . GLU A 1 105 ? 0.988   -0.222  9.365   1.00 20.10 ? 198 GLU A O   1 
ATOM   836  C CB  . GLU A 1 105 ? 3.248   -0.016  11.625  1.00 25.36 ? 198 GLU A CB  1 
ATOM   837  C CG  . GLU A 1 105 ? 4.419   -0.419  12.503  1.00 28.60 ? 198 GLU A CG  1 
ATOM   838  C CD  . GLU A 1 105 ? 5.370   0.755   12.847  1.00 34.65 ? 198 GLU A CD  1 
ATOM   839  O OE1 . GLU A 1 105 ? 5.010   1.934   12.746  1.00 32.07 ? 198 GLU A OE1 1 
ATOM   840  O OE2 . GLU A 1 105 ? 6.542   0.480   13.255  1.00 44.93 ? 198 GLU A OE2 1 
ATOM   841  N N   . TRP A 1 106 ? 0.210   -0.172  11.501  1.00 21.98 ? 199 TRP A N   1 
ATOM   842  C CA  . TRP A 1 106 ? -0.952  0.652   11.172  1.00 21.20 ? 199 TRP A CA  1 
ATOM   843  C C   . TRP A 1 106 ? -0.536  2.134   11.232  1.00 22.04 ? 199 TRP A C   1 
ATOM   844  O O   . TRP A 1 106 ? 0.174   2.542   12.169  1.00 23.29 ? 199 TRP A O   1 
ATOM   845  C CB  . TRP A 1 106 ? -2.055  0.468   12.151  1.00 22.60 ? 199 TRP A CB  1 
ATOM   846  C CG  . TRP A 1 106 ? -2.727  -0.803  12.119  1.00 21.61 ? 199 TRP A CG  1 
ATOM   847  C CD1 . TRP A 1 106 ? -2.540  -1.874  13.010  1.00 26.90 ? 199 TRP A CD1 1 
ATOM   848  C CD2 . TRP A 1 106 ? -3.715  -1.257  11.155  1.00 21.48 ? 199 TRP A CD2 1 
ATOM   849  N NE1 . TRP A 1 106 ? -3.328  -2.946  12.601  1.00 25.93 ? 199 TRP A NE1 1 
ATOM   850  C CE2 . TRP A 1 106 ? -4.039  -2.602  11.483  1.00 24.38 ? 199 TRP A CE2 1 
ATOM   851  C CE3 . TRP A 1 106 ? -4.268  -0.705  9.980   1.00 21.36 ? 199 TRP A CE3 1 
ATOM   852  C CZ2 . TRP A 1 106 ? -5.019  -3.344  10.792  1.00 23.78 ? 199 TRP A CZ2 1 
ATOM   853  C CZ3 . TRP A 1 106 ? -5.230  -1.432  9.289   1.00 22.38 ? 199 TRP A CZ3 1 
ATOM   854  C CH2 . TRP A 1 106 ? -5.575  -2.766  9.681   1.00 27.20 ? 199 TRP A CH2 1 
ATOM   855  N N   . PHE A 1 107 ? -1.011  2.915   10.268  1.00 20.75 ? 200 PHE A N   1 
ATOM   856  C CA  . PHE A 1 107 ? -0.821  4.363   10.212  1.00 22.35 ? 200 PHE A CA  1 
ATOM   857  C C   . PHE A 1 107 ? -2.126  5.068   10.062  1.00 24.86 ? 200 PHE A C   1 
ATOM   858  O O   . PHE A 1 107 ? -3.022  4.631   9.317   1.00 23.54 ? 200 PHE A O   1 
ATOM   859  C CB  . PHE A 1 107 ? 0.147   4.810   9.090   1.00 21.64 ? 200 PHE A CB  1 
ATOM   860  C CG  . PHE A 1 107 ? 1.580   4.344   9.301   1.00 18.54 ? 200 PHE A CG  1 
ATOM   861  C CD1 . PHE A 1 107 ? 1.989   3.024   8.966   1.00 21.29 ? 200 PHE A CD1 1 
ATOM   862  C CD2 . PHE A 1 107 ? 2.466   5.179   9.963   1.00 22.24 ? 200 PHE A CD2 1 
ATOM   863  C CE1 . PHE A 1 107 ? 3.345   2.654   9.173   1.00 21.77 ? 200 PHE A CE1 1 
ATOM   864  C CE2 . PHE A 1 107 ? 3.749   4.754   10.220  1.00 23.56 ? 200 PHE A CE2 1 
ATOM   865  C CZ  . PHE A 1 107 ? 4.188   3.530   9.791   1.00 20.38 ? 200 PHE A CZ  1 
ATOM   866  N N   . SER A 1 108 ? -2.214  6.216   10.749  1.00 22.14 ? 201 SER A N   1 
ATOM   867  C CA  . SER A 1 108 ? -3.389  7.075   10.646  1.00 23.79 ? 201 SER A CA  1 
ATOM   868  C C   . SER A 1 108 ? -3.432  7.673   9.260   1.00 22.78 ? 201 SER A C   1 
ATOM   869  O O   . SER A 1 108 ? -2.499  8.396   8.841   1.00 22.87 ? 201 SER A O   1 
ATOM   870  C CB  . SER A 1 108 ? -3.373  8.254   11.716  1.00 25.68 ? 201 SER A CB  1 
ATOM   871  O OG  . SER A 1 108 ? -4.359  9.190   11.324  1.00 27.90 ? 201 SER A OG  1 
ATOM   872  N N   . ILE A 1 109 ? -4.534  7.509   8.562   1.00 21.78 ? 202 ILE A N   1 
ATOM   873  C CA  . ILE A 1 109 ? -4.626  8.015   7.206   1.00 22.49 ? 202 ILE A CA  1 
ATOM   874  C C   . ILE A 1 109 ? -4.525  9.552   7.194   1.00 28.29 ? 202 ILE A C   1 
ATOM   875  O O   . ILE A 1 109 ? -3.918  10.185  6.284   1.00 26.21 ? 202 ILE A O   1 
ATOM   876  C CB  . ILE A 1 109 ? -5.930  7.603   6.502   1.00 29.11 ? 202 ILE A CB  1 
ATOM   877  C CG1 . ILE A 1 109 ? -5.987  6.143   6.218   1.00 31.56 ? 202 ILE A CG1 1 
ATOM   878  C CG2 . ILE A 1 109 ? -5.998  8.275   5.135   1.00 32.19 ? 202 ILE A CG2 1 
ATOM   879  C CD1 . ILE A 1 109 ? -7.442  5.661   5.977   1.00 36.13 ? 202 ILE A CD1 1 
ATOM   880  N N   . GLU A 1 110 ? -5.101  10.197  8.209   1.00 26.58 ? 203 GLU A N   1 
ATOM   881  C CA  . GLU A 1 110 ? -5.102  11.641  8.189   1.00 28.94 ? 203 GLU A CA  1 
ATOM   882  C C   . GLU A 1 110 ? -3.749  12.260  8.444   1.00 24.88 ? 203 GLU A C   1 
ATOM   883  O O   . GLU A 1 110 ? -3.532  13.404  8.015   1.00 27.39 ? 203 GLU A O   1 
ATOM   884  C CB  . GLU A 1 110 ? -6.206  12.166  9.125   1.00 29.20 ? 203 GLU A CB  1 
ATOM   885  C CG  . GLU A 1 110 ? -6.018  12.096  10.597  1.00 36.35 ? 203 GLU A CG  1 
ATOM   886  C CD  . GLU A 1 110 ? -7.264  12.728  11.294  1.00 38.69 ? 203 GLU A CD  1 
ATOM   887  O OE1 . GLU A 1 110 ? -8.347  12.964  10.659  1.00 51.06 ? 203 GLU A OE1 1 
ATOM   888  O OE2 . GLU A 1 110 ? -7.138  13.036  12.448  1.00 43.26 ? 203 GLU A OE2 1 
ATOM   889  N N   . LYS A 1 111 ? -2.845  11.473  9.043   1.00 22.05 ? 204 LYS A N   1 
ATOM   890  C CA  . LYS A 1 111 ? -1.468  11.940  9.384   1.00 23.42 ? 204 LYS A CA  1 
ATOM   891  C C   . LYS A 1 111 ? -0.462  11.672  8.272   1.00 22.24 ? 204 LYS A C   1 
ATOM   892  O O   . LYS A 1 111 ? 0.626   12.263  8.284   1.00 24.40 ? 204 LYS A O   1 
ATOM   893  C CB  . LYS A 1 111 ? -0.998  11.294  10.608  1.00 28.44 ? 204 LYS A CB  1 
ATOM   894  C CG  . LYS A 1 111 ? -1.805  11.825  11.810  1.00 34.90 ? 204 LYS A CG  1 
ATOM   895  C CD  . LYS A 1 111 ? -1.153  11.399  13.103  1.00 41.44 ? 204 LYS A CD  1 
ATOM   896  C CE  . LYS A 1 111 ? -2.031  12.027  14.198  1.00 52.16 ? 204 LYS A CE  1 
ATOM   897  N NZ  . LYS A 1 111 ? -1.392  11.955  15.516  1.00 64.13 ? 204 LYS A NZ  1 
ATOM   898  N N   . LEU A 1 112 ? -0.843  10.778  7.330   1.00 21.92 ? 205 LEU A N   1 
ATOM   899  C CA  . LEU A 1 112 ? 0.065   10.422  6.248   1.00 22.71 ? 205 LEU A CA  1 
ATOM   900  C C   . LEU A 1 112 ? 0.142   11.579  5.311   1.00 24.19 ? 205 LEU A C   1 
ATOM   901  O O   . LEU A 1 112 ? -0.827  12.292  5.100   1.00 25.14 ? 205 LEU A O   1 
ATOM   902  C CB  . LEU A 1 112 ? -0.413  9.167   5.511   1.00 20.99 ? 205 LEU A CB  1 
ATOM   903  C CG  . LEU A 1 112 ? -0.243  7.859   6.309   1.00 21.00 ? 205 LEU A CG  1 
ATOM   904  C CD1 . LEU A 1 112 ? -0.987  6.723   5.572   1.00 22.20 ? 205 LEU A CD1 1 
ATOM   905  C CD2 . LEU A 1 112 ? 1.230   7.493   6.511   1.00 23.37 ? 205 LEU A CD2 1 
ATOM   906  N N   . PRO A 1 113 ? 1.319   11.769  4.719   1.00 24.75 ? 206 PRO A N   1 
ATOM   907  C CA  . PRO A 1 113 ? 1.431   12.778  3.674   1.00 27.48 ? 206 PRO A CA  1 
ATOM   908  C C   . PRO A 1 113 ? 0.775   12.384  2.378   1.00 29.32 ? 206 PRO A C   1 
ATOM   909  O O   . PRO A 1 113 ? 0.788   11.171  2.062   1.00 26.52 ? 206 PRO A O   1 
ATOM   910  C CB  . PRO A 1 113 ? 2.957   12.854  3.498   1.00 25.50 ? 206 PRO A CB  1 
ATOM   911  C CG  . PRO A 1 113 ? 3.440   11.497  3.802   1.00 25.32 ? 206 PRO A CG  1 
ATOM   912  C CD  . PRO A 1 113 ? 2.531   10.972  4.908   1.00 27.08 ? 206 PRO A CD  1 
ATOM   913  N N   . CYS A 1 114 ? 0.257   13.344  1.625   1.00 28.79 ? 207 CYS A N   1 
ATOM   914  C CA  . CYS A 1 114 ? -0.182  13.029  0.251   1.00 31.52 ? 207 CYS A CA  1 
ATOM   915  C C   . CYS A 1 114 ? 0.742   13.666  -0.806  1.00 32.38 ? 207 CYS A C   1 
ATOM   916  O O   . CYS A 1 114 ? 0.487   13.546  -1.988  1.00 32.19 ? 207 CYS A O   1 
ATOM   917  C CB  . CYS A 1 114 ? -1.622  13.357  0.022   1.00 35.08 ? 207 CYS A CB  1 
ATOM   918  S SG  . CYS A 1 114 ? -2.008  15.129  0.181   1.00 41.75 ? 207 CYS A SG  1 
ATOM   919  N N   . HIS A 1 115 ? 1.835   14.255  -0.348  1.00 29.47 ? 208 HIS A N   1 
ATOM   920  C CA  . HIS A 1 115 ? 2.926   14.751  -1.288  1.00 32.39 ? 208 HIS A CA  1 
ATOM   921  C C   . HIS A 1 115 ? 4.174   14.831  -0.500  1.00 35.61 ? 208 HIS A C   1 
ATOM   922  O O   . HIS A 1 115 ? 4.130   14.826  0.729   1.00 30.10 ? 208 HIS A O   1 
ATOM   923  C CB  . HIS A 1 115 ? 2.536   16.105  -1.872  1.00 37.43 ? 208 HIS A CB  1 
ATOM   924  C CG  . HIS A 1 115 ? 2.320   17.159  -0.822  1.00 35.05 ? 208 HIS A CG  1 
ATOM   925  N ND1 . HIS A 1 115 ? 3.369   17.804  -0.207  1.00 41.04 ? 208 HIS A ND1 1 
ATOM   926  C CD2 . HIS A 1 115 ? 1.200   17.586  -0.187  1.00 42.21 ? 208 HIS A CD2 1 
ATOM   927  C CE1 . HIS A 1 115 ? 2.911   18.605  0.742   1.00 37.02 ? 208 HIS A CE1 1 
ATOM   928  N NE2 . HIS A 1 115 ? 1.601   18.486  0.776   1.00 37.67 ? 208 HIS A NE2 1 
ATOM   929  N N   A ARG A 1 116 ? 5.348   14.852  -1.141  0.29 33.16 ? 209 ARG A N   1 
ATOM   930  N N   B ARG A 1 116 ? 5.296   14.944  -1.199  0.32 35.63 ? 209 ARG A N   1 
ATOM   931  C CA  A ARG A 1 116 ? 6.580   15.172  -0.392  0.29 33.39 ? 209 ARG A CA  1 
ATOM   932  C CA  B ARG A 1 116 ? 6.528   15.252  -0.523  0.32 36.55 ? 209 ARG A CA  1 
ATOM   933  C C   A ARG A 1 116 ? 6.761   16.686  -0.375  0.29 34.89 ? 209 ARG A C   1 
ATOM   934  C C   B ARG A 1 116 ? 6.703   16.758  -0.364  0.32 37.12 ? 209 ARG A C   1 
ATOM   935  O O   A ARG A 1 116 ? 6.138   17.389  -1.130  0.29 34.73 ? 209 ARG A O   1 
ATOM   936  O O   B ARG A 1 116 ? 6.004   17.528  -0.994  0.32 37.78 ? 209 ARG A O   1 
ATOM   937  C CB  A ARG A 1 116 ? 7.799   14.478  -0.982  0.29 32.23 ? 209 ARG A CB  1 
ATOM   938  C CB  B ARG A 1 116 ? 7.699   14.643  -1.270  0.32 37.10 ? 209 ARG A CB  1 
ATOM   939  C CG  A ARG A 1 116 ? 7.668   12.970  -1.023  0.29 29.71 ? 209 ARG A CG  1 
ATOM   940  C CG  B ARG A 1 116 ? 8.988   14.752  -0.501  0.32 35.75 ? 209 ARG A CG  1 
ATOM   941  C CD  A ARG A 1 116 ? 8.378   12.407  -2.200  0.29 33.74 ? 209 ARG A CD  1 
ATOM   942  C CD  B ARG A 1 116 ? 8.876   14.096  0.854   0.32 35.78 ? 209 ARG A CD  1 
ATOM   943  N NE  A ARG A 1 116 ? 9.787   12.345  -1.986  0.29 34.13 ? 209 ARG A NE  1 
ATOM   944  N NE  B ARG A 1 116 ? 9.518   14.728  2.017   0.32 31.15 ? 209 ARG A NE  1 
ATOM   945  C CZ  A ARG A 1 116 ? 10.721  12.291  -2.939  0.29 32.83 ? 209 ARG A CZ  1 
ATOM   946  C CZ  B ARG A 1 116 ? 8.922   15.228  3.109   0.32 37.04 ? 209 ARG A CZ  1 
ATOM   947  N NH1 A ARG A 1 116 ? 10.456  12.360  -4.253  0.29 34.96 ? 209 ARG A NH1 1 
ATOM   948  N NH1 B ARG A 1 116 ? 9.684   15.694  4.109   0.32 39.15 ? 209 ARG A NH1 1 
ATOM   949  N NH2 A ARG A 1 116 ? 11.962  12.213  -2.557  0.29 32.74 ? 209 ARG A NH2 1 
ATOM   950  N NH2 B ARG A 1 116 ? 7.591   15.289  3.238   0.32 34.81 ? 209 ARG A NH2 1 
ATOM   951  N N   . ASN A 1 117 ? 7.606   17.168  0.528   1.00 41.73 ? 210 ASN A N   1 
ATOM   952  C CA  . ASN A 1 117 ? 7.890   18.582  0.724   1.00 38.46 ? 210 ASN A CA  1 
ATOM   953  C C   . ASN A 1 117 ? 8.982   18.979  -0.194  1.00 42.14 ? 210 ASN A C   1 
ATOM   954  O O   . ASN A 1 117 ? 9.924   18.169  -0.488  1.00 36.73 ? 210 ASN A O   1 
ATOM   955  C CB  . ASN A 1 117 ? 8.326   18.808  2.147   1.00 47.20 ? 210 ASN A CB  1 
ATOM   956  C CG  . ASN A 1 117 ? 7.222   18.530  3.125   1.00 47.95 ? 210 ASN A CG  1 
ATOM   957  O OD1 . ASN A 1 117 ? 6.034   18.646  2.780   1.00 44.31 ? 210 ASN A OD1 1 
ATOM   958  N ND2 . ASN A 1 117 ? 7.606   18.176  4.357   1.00 52.93 ? 210 ASN A ND2 1 
ATOM   959  N N   . ASP A 1 118 ? 8.868   20.219  -0.690  1.00 41.91 ? 211 ASP A N   1 
ATOM   960  C CA  . ASP A 1 118 ? 9.932   20.699  -1.596  1.00 44.68 ? 211 ASP A CA  1 
ATOM   961  C C   . ASP A 1 118 ? 11.091  21.147  -0.709  1.00 44.46 ? 211 ASP A C   1 
ATOM   962  O O   . ASP A 1 118 ? 11.106  20.823  0.518   1.00 41.82 ? 211 ASP A O   1 
ATOM   963  C CB  . ASP A 1 118 ? 9.414   21.683  -2.689  1.00 46.37 ? 211 ASP A CB  1 
ATOM   964  C CG  . ASP A 1 118 ? 8.900   23.003  -2.168  1.00 52.93 ? 211 ASP A CG  1 
ATOM   965  O OD1 . ASP A 1 118 ? 9.088   23.375  -0.980  1.00 49.26 ? 211 ASP A OD1 1 
ATOM   966  O OD2 . ASP A 1 118 ? 8.325   23.712  -3.038  1.00 57.01 ? 211 ASP A OD2 1 
ATOM   967  N N   . MET A 1 119 ? 12.091  21.812  -1.319  1.00 45.17 ? 212 MET A N   1 
ATOM   968  C CA  . MET A 1 119 ? 13.230  22.401  -0.577  1.00 48.61 ? 212 MET A CA  1 
ATOM   969  C C   . MET A 1 119 ? 13.350  23.917  -0.949  1.00 59.75 ? 212 MET A C   1 
ATOM   970  O O   . MET A 1 119 ? 14.460  24.477  -1.026  1.00 64.80 ? 212 MET A O   1 
ATOM   971  C CB  . MET A 1 119 ? 14.462  21.573  -0.919  1.00 51.65 ? 212 MET A CB  1 
ATOM   972  C CG  . MET A 1 119 ? 14.255  20.118  -0.472  1.00 53.00 ? 212 MET A CG  1 
ATOM   973  S SD  . MET A 1 119 ? 15.599  18.974  -0.726  1.00 51.99 ? 212 MET A SD  1 
ATOM   974  C CE  . MET A 1 119 ? 15.651  18.906  -2.520  1.00 59.29 ? 212 MET A CE  1 
ATOM   975  N N   . THR A 1 120 ? 12.193  24.568  -1.169  1.00 59.28 ? 213 THR A N   1 
ATOM   976  C CA  . THR A 1 120 ? 12.101  26.019  -1.411  1.00 68.09 ? 213 THR A CA  1 
ATOM   977  C C   . THR A 1 120 ? 12.683  26.905  -0.299  1.00 72.58 ? 213 THR A C   1 
ATOM   978  O O   . THR A 1 120 ? 13.111  28.010  -0.624  1.00 73.58 ? 213 THR A O   1 
ATOM   979  C CB  . THR A 1 120 ? 10.656  26.527  -1.663  1.00 68.39 ? 213 THR A CB  1 
ATOM   980  O OG1 . THR A 1 120 ? 9.799   26.124  -0.584  1.00 80.35 ? 213 THR A OG1 1 
ATOM   981  C CG2 . THR A 1 120 ? 10.102  26.029  -2.975  1.00 64.57 ? 213 THR A CG2 1 
ATOM   982  N N   . PRO A 1 121 ? 12.687  26.449  0.993   1.00 80.32 ? 214 PRO A N   1 
ATOM   983  C CA  . PRO A 1 121 ? 13.484  27.225  1.964   1.00 80.34 ? 214 PRO A CA  1 
ATOM   984  C C   . PRO A 1 121 ? 14.995  27.261  1.637   1.00 80.42 ? 214 PRO A C   1 
ATOM   985  O O   . PRO A 1 121 ? 15.651  28.273  1.922   1.00 72.94 ? 214 PRO A O   1 
ATOM   986  C CB  . PRO A 1 121 ? 13.202  26.516  3.311   1.00 82.08 ? 214 PRO A CB  1 
ATOM   987  C CG  . PRO A 1 121 ? 12.704  25.156  2.945   1.00 84.24 ? 214 PRO A CG  1 
ATOM   988  C CD  . PRO A 1 121 ? 11.898  25.408  1.698   1.00 86.74 ? 214 PRO A CD  1 
ATOM   989  N N   . LYS A 1 122 ? 15.525  26.185  1.037   1.00 72.53 ? 215 LYS A N   1 
ATOM   990  C CA  . LYS A 1 122 ? 16.925  26.135  0.597   1.00 66.68 ? 215 LYS A CA  1 
ATOM   991  C C   . LYS A 1 122 ? 17.181  26.646  -0.872  1.00 59.51 ? 215 LYS A C   1 
ATOM   992  O O   . LYS A 1 122 ? 18.312  26.537  -1.356  1.00 68.88 ? 215 LYS A O   1 
ATOM   993  C CB  . LYS A 1 122 ? 17.488  24.713  0.783   1.00 63.12 ? 215 LYS A CB  1 
ATOM   994  C CG  . LYS A 1 122 ? 17.768  24.337  2.232   1.00 66.66 ? 215 LYS A CG  1 
ATOM   995  N N   . SER A 1 123 ? 16.175  27.212  -1.562  1.00 50.13 ? 216 SER A N   1 
ATOM   996  C CA  . SER A 1 123 ? 16.290  27.536  -3.017  1.00 45.05 ? 216 SER A CA  1 
ATOM   997  C C   . SER A 1 123 ? 16.943  26.411  -3.849  1.00 39.08 ? 216 SER A C   1 
ATOM   998  O O   . SER A 1 123 ? 17.784  26.637  -4.716  1.00 38.73 ? 216 SER A O   1 
ATOM   999  C CB  . SER A 1 123 ? 17.073  28.842  -3.172  1.00 46.18 ? 216 SER A CB  1 
ATOM   1000 O OG  . SER A 1 123 ? 16.370  29.897  -2.537  1.00 49.17 ? 216 SER A OG  1 
ATOM   1001 N N   . LYS A 1 124 ? 16.557  25.162  -3.576  1.00 32.02 ? 217 LYS A N   1 
ATOM   1002 C CA  . LYS A 1 124 ? 17.100  24.044  -4.231  1.00 28.96 ? 217 LYS A CA  1 
ATOM   1003 C C   . LYS A 1 124 ? 15.886  23.298  -4.878  1.00 31.82 ? 217 LYS A C   1 
ATOM   1004 O O   . LYS A 1 124 ? 14.807  23.200  -4.236  1.00 33.05 ? 217 LYS A O   1 
ATOM   1005 C CB  . LYS A 1 124 ? 17.771  23.146  -3.170  1.00 33.55 ? 217 LYS A CB  1 
ATOM   1006 C CG  . LYS A 1 124 ? 18.312  21.842  -3.687  1.00 36.41 ? 217 LYS A CG  1 
ATOM   1007 C CD  . LYS A 1 124 ? 19.347  21.198  -2.748  1.00 44.05 ? 217 LYS A CD  1 
ATOM   1008 N N   . LEU A 1 125 ? 16.111  22.717  -6.049  1.00 27.04 ? 218 LEU A N   1 
ATOM   1009 C CA  . LEU A 1 125 ? 15.030  21.926  -6.698  1.00 27.55 ? 218 LEU A CA  1 
ATOM   1010 C C   . LEU A 1 125 ? 14.971  20.520  -6.131  1.00 27.53 ? 218 LEU A C   1 
ATOM   1011 O O   . LEU A 1 125 ? 15.943  19.926  -5.713  1.00 29.27 ? 218 LEU A O   1 
ATOM   1012 C CB  . LEU A 1 125 ? 15.274  21.829  -8.184  1.00 26.48 ? 218 LEU A CB  1 
ATOM   1013 C CG  . LEU A 1 125 ? 15.365  23.234  -8.863  1.00 29.13 ? 218 LEU A CG  1 
ATOM   1014 C CD1 . LEU A 1 125 ? 15.384  23.095  -10.334 1.00 35.91 ? 218 LEU A CD1 1 
ATOM   1015 C CD2 . LEU A 1 125 ? 14.323  24.270  -8.431  1.00 31.95 ? 218 LEU A CD2 1 
ATOM   1016 N N   . GLY A 1 126 ? 13.808  19.966  -6.310  1.00 27.19 ? 219 GLY A N   1 
ATOM   1017 C CA  . GLY A 1 126 ? 13.506  18.601  -5.990  1.00 25.60 ? 219 GLY A CA  1 
ATOM   1018 C C   . GLY A 1 126 ? 12.628  18.484  -4.738  1.00 24.22 ? 219 GLY A C   1 
ATOM   1019 O O   . GLY A 1 126 ? 11.986  19.383  -4.264  1.00 26.51 ? 219 GLY A O   1 
ATOM   1020 N N   . LEU A 1 127 ? 12.642  17.285  -4.198  1.00 29.33 ? 220 LEU A N   1 
ATOM   1021 C CA  . LEU A 1 127 ? 11.834  16.960  -3.026  1.00 29.15 ? 220 LEU A CA  1 
ATOM   1022 C C   . LEU A 1 127 ? 12.712  16.395  -1.919  1.00 25.48 ? 220 LEU A C   1 
ATOM   1023 O O   . LEU A 1 127 ? 13.639  15.670  -2.212  1.00 28.88 ? 220 LEU A O   1 
ATOM   1024 C CB  . LEU A 1 127 ? 10.812  15.881  -3.479  1.00 29.78 ? 220 LEU A CB  1 
ATOM   1025 C CG  . LEU A 1 127 ? 9.689   16.342  -4.412  1.00 34.90 ? 220 LEU A CG  1 
ATOM   1026 C CD1 . LEU A 1 127 ? 8.939   15.145  -4.867  1.00 39.67 ? 220 LEU A CD1 1 
ATOM   1027 C CD2 . LEU A 1 127 ? 8.775   17.396  -3.764  1.00 35.31 ? 220 LEU A CD2 1 
ATOM   1028 N N   . ALA A 1 128 ? 12.334  16.674  -0.681  1.00 29.20 ? 221 ALA A N   1 
ATOM   1029 C CA  . ALA A 1 128 ? 13.014  16.128  0.483   1.00 31.05 ? 221 ALA A CA  1 
ATOM   1030 C C   . ALA A 1 128 ? 12.623  14.669  0.607   1.00 32.79 ? 221 ALA A C   1 
ATOM   1031 O O   . ALA A 1 128 ? 11.505  14.300  0.224   1.00 29.72 ? 221 ALA A O   1 
ATOM   1032 C CB  . ALA A 1 128 ? 12.592  16.874  1.736   1.00 37.70 ? 221 ALA A CB  1 
ATOM   1033 N N   . PRO A 1 129 ? 13.509  13.827  1.119   1.00 34.25 ? 222 PRO A N   1 
ATOM   1034 C CA  . PRO A 1 129 ? 13.158  12.425  1.309   1.00 33.63 ? 222 PRO A CA  1 
ATOM   1035 C C   . PRO A 1 129 ? 12.027  12.281  2.259   1.00 29.49 ? 222 PRO A C   1 
ATOM   1036 O O   . PRO A 1 129 ? 11.782  13.171  3.111   1.00 27.79 ? 222 PRO A O   1 
ATOM   1037 C CB  . PRO A 1 129 ? 14.433  11.788  1.836   1.00 38.63 ? 222 PRO A CB  1 
ATOM   1038 C CG  . PRO A 1 129 ? 15.119  12.918  2.540   1.00 42.68 ? 222 PRO A CG  1 
ATOM   1039 C CD  . PRO A 1 129 ? 14.866  14.122  1.650   1.00 41.31 ? 222 PRO A CD  1 
ATOM   1040 N N   . ASN A 1 130 ? 11.252  11.187  2.060   1.00 26.36 ? 223 ASN A N   1 
ATOM   1041 C CA  . ASN A 1 130 ? 10.127  10.931  2.939   1.00 28.88 ? 223 ASN A CA  1 
ATOM   1042 C C   . ASN A 1 130 ? 9.944   9.468   2.973   1.00 27.65 ? 223 ASN A C   1 
ATOM   1043 O O   . ASN A 1 130 ? 9.970   8.822   1.970   1.00 25.09 ? 223 ASN A O   1 
ATOM   1044 C CB  . ASN A 1 130 ? 8.900   11.565  2.381   1.00 31.27 ? 223 ASN A CB  1 
ATOM   1045 C CG  . ASN A 1 130 ? 7.721   11.508  3.285   1.00 31.19 ? 223 ASN A CG  1 
ATOM   1046 O OD1 . ASN A 1 130 ? 7.138   10.458  3.466   1.00 27.64 ? 223 ASN A OD1 1 
ATOM   1047 N ND2 . ASN A 1 130 ? 7.384   12.634  3.891   1.00 33.00 ? 223 ASN A ND2 1 
ATOM   1048 N N   . LYS A 1 131 ? 9.805   8.940   4.176   1.00 25.08 ? 224 LYS A N   1 
ATOM   1049 C CA  . LYS A 1 131 ? 9.776   7.515   4.334   1.00 23.72 ? 224 LYS A CA  1 
ATOM   1050 C C   . LYS A 1 131 ? 8.511   6.885   3.825   1.00 23.61 ? 224 LYS A C   1 
ATOM   1051 O O   . LYS A 1 131 ? 8.477   5.655   3.744   1.00 23.28 ? 224 LYS A O   1 
ATOM   1052 C CB  . LYS A 1 131 ? 9.955   7.070   5.789   1.00 24.26 ? 224 LYS A CB  1 
ATOM   1053 C CG  . LYS A 1 131 ? 8.925   7.551   6.759   1.00 26.10 ? 224 LYS A CG  1 
ATOM   1054 C CD  . LYS A 1 131 ? 9.342   6.998   8.106   1.00 29.42 ? 224 LYS A CD  1 
ATOM   1055 C CE  . LYS A 1 131 ? 8.299   7.281   9.174   1.00 31.40 ? 224 LYS A CE  1 
ATOM   1056 N NZ  . LYS A 1 131 ? 8.794   6.805   10.541  1.00 33.46 ? 224 LYS A NZ  1 
ATOM   1057 N N   . PHE A 1 132 ? 7.519   7.704   3.523   1.00 21.91 ? 225 PHE A N   1 
ATOM   1058 C CA  . PHE A 1 132 ? 6.259   7.204   2.981   1.00 21.34 ? 225 PHE A CA  1 
ATOM   1059 C C   . PHE A 1 132 ? 6.171   7.340   1.441   1.00 21.65 ? 225 PHE A C   1 
ATOM   1060 O O   . PHE A 1 132 ? 5.086   7.170   0.868   1.00 23.48 ? 225 PHE A O   1 
ATOM   1061 C CB  . PHE A 1 132 ? 5.132   7.967   3.603   1.00 19.70 ? 225 PHE A CB  1 
ATOM   1062 C CG  . PHE A 1 132 ? 5.010   7.715   5.082   1.00 21.23 ? 225 PHE A CG  1 
ATOM   1063 C CD1 . PHE A 1 132 ? 4.620   6.492   5.543   1.00 20.15 ? 225 PHE A CD1 1 
ATOM   1064 C CD2 . PHE A 1 132 ? 5.321   8.710   5.978   1.00 25.28 ? 225 PHE A CD2 1 
ATOM   1065 C CE1 . PHE A 1 132 ? 4.540   6.268   6.897   1.00 20.74 ? 225 PHE A CE1 1 
ATOM   1066 C CE2 . PHE A 1 132 ? 5.279   8.483   7.343   1.00 23.06 ? 225 PHE A CE2 1 
ATOM   1067 C CZ  . PHE A 1 132 ? 4.868   7.267   7.789   1.00 22.92 ? 225 PHE A CZ  1 
ATOM   1068 N N   . PHE A 1 133 ? 7.311   7.602   0.799   0.61 23.35 ? 226 PHE A N   1 
ATOM   1069 C CA  . PHE A 1 133 ? 7.409   7.809   -0.650  0.61 25.71 ? 226 PHE A CA  1 
ATOM   1070 C C   . PHE A 1 133 ? 6.564   6.854   -1.486  0.61 24.83 ? 226 PHE A C   1 
ATOM   1071 O O   . PHE A 1 133 ? 5.824   7.302   -2.360  0.61 23.70 ? 226 PHE A O   1 
ATOM   1072 C CB  . PHE A 1 133 ? 8.870   7.689   -1.089  0.61 27.99 ? 226 PHE A CB  1 
ATOM   1073 C CG  . PHE A 1 133 ? 9.082   7.863   -2.571  0.61 29.60 ? 226 PHE A CG  1 
ATOM   1074 C CD1 . PHE A 1 133 ? 8.870   9.093   -3.170  0.61 34.50 ? 226 PHE A CD1 1 
ATOM   1075 C CD2 . PHE A 1 133 ? 9.501   6.800   -3.354  0.61 32.14 ? 226 PHE A CD2 1 
ATOM   1076 C CE1 . PHE A 1 133 ? 9.059   9.274   -4.545  0.61 34.94 ? 226 PHE A CE1 1 
ATOM   1077 C CE2 . PHE A 1 133 ? 9.699   6.967   -4.725  0.61 34.54 ? 226 PHE A CE2 1 
ATOM   1078 C CZ  . PHE A 1 133 ? 9.482   8.205   -5.317  0.61 33.46 ? 226 PHE A CZ  1 
ATOM   1079 N N   A MET A 1 134 ? 6.697   5.560   -1.212  0.29 22.85 ? 227 MET A N   1 
ATOM   1080 N N   B MET A 1 134 ? 6.698   5.558   -1.225  0.32 22.13 ? 227 MET A N   1 
ATOM   1081 C CA  A MET A 1 134 ? 5.983   4.513   -1.989  0.29 24.70 ? 227 MET A CA  1 
ATOM   1082 C CA  B MET A 1 134 ? 5.968   4.521   -2.009  0.32 23.89 ? 227 MET A CA  1 
ATOM   1083 C C   A MET A 1 134 ? 4.464   4.544   -1.786  0.29 23.77 ? 227 MET A C   1 
ATOM   1084 C C   B MET A 1 134 ? 4.465   4.482   -1.763  0.32 23.31 ? 227 MET A C   1 
ATOM   1085 O O   A MET A 1 134 ? 3.713   4.182   -2.699  0.29 24.02 ? 227 MET A O   1 
ATOM   1086 O O   B MET A 1 134 ? 3.729   3.973   -2.615  0.32 23.57 ? 227 MET A O   1 
ATOM   1087 C CB  A MET A 1 134 ? 6.544   3.130   -1.660  0.29 27.22 ? 227 MET A CB  1 
ATOM   1088 C CB  B MET A 1 134 ? 6.564   3.131   -1.772  0.32 25.89 ? 227 MET A CB  1 
ATOM   1089 C CG  A MET A 1 134 ? 8.001   2.948   -2.081  0.29 29.19 ? 227 MET A CG  1 
ATOM   1090 C CG  B MET A 1 134 ? 7.916   2.901   -2.438  0.32 27.75 ? 227 MET A CG  1 
ATOM   1091 S SD  A MET A 1 134 ? 8.666   1.336   -1.662  0.29 33.99 ? 227 MET A SD  1 
ATOM   1092 S SD  B MET A 1 134 ? 7.845   3.236   -4.212  0.32 30.21 ? 227 MET A SD  1 
ATOM   1093 C CE  A MET A 1 134 ? 9.031   1.541   0.085   0.29 33.39 ? 227 MET A CE  1 
ATOM   1094 C CE  B MET A 1 134 ? 6.969   1.772   -4.810  0.32 29.25 ? 227 MET A CE  1 
ATOM   1095 N N   . ALA A 1 135 ? 4.006   4.976   -0.602  1.00 22.83 ? 228 ALA A N   1 
ATOM   1096 C CA  . ALA A 1 135 ? 2.570   5.078   -0.268  1.00 21.22 ? 228 ALA A CA  1 
ATOM   1097 C C   . ALA A 1 135 ? 1.920   6.368   -0.810  1.00 21.91 ? 228 ALA A C   1 
ATOM   1098 O O   . ALA A 1 135 ? 0.747   6.411   -1.159  1.00 21.71 ? 228 ALA A O   1 
ATOM   1099 C CB  . ALA A 1 135 ? 2.339   5.015   1.237   1.00 18.90 ? 228 ALA A CB  1 
ATOM   1100 N N   . ILE A 1 136 ? 2.696   7.505   -0.817  1.00 20.05 ? 229 ILE A N   1 
ATOM   1101 C CA  . ILE A 1 136 ? 2.181   8.785   -1.103  1.00 20.71 ? 229 ILE A CA  1 
ATOM   1102 C C   . ILE A 1 136 ? 1.238   8.931   -2.310  1.00 20.58 ? 229 ILE A C   1 
ATOM   1103 O O   . ILE A 1 136 ? 0.179   9.548   -2.187  1.00 21.44 ? 229 ILE A O   1 
ATOM   1104 C CB  . ILE A 1 136 ? 3.361   9.803   -1.158  1.00 20.51 ? 229 ILE A CB  1 
ATOM   1105 C CG1 . ILE A 1 136 ? 3.670   10.146  0.301   1.00 22.52 ? 229 ILE A CG1 1 
ATOM   1106 C CG2 . ILE A 1 136 ? 3.043   11.018  -2.005  1.00 24.94 ? 229 ILE A CG2 1 
ATOM   1107 C CD1 . ILE A 1 136 ? 4.997   10.883  0.482   1.00 23.81 ? 229 ILE A CD1 1 
ATOM   1108 N N   . PRO A 1 137 ? 1.581   8.335   -3.459  1.00 23.56 ? 230 PRO A N   1 
ATOM   1109 C CA  . PRO A 1 137 ? 0.750   8.536   -4.667  1.00 24.35 ? 230 PRO A CA  1 
ATOM   1110 C C   . PRO A 1 137 ? -0.675  8.043   -4.482  1.00 22.06 ? 230 PRO A C   1 
ATOM   1111 O O   . PRO A 1 137 ? -1.587  8.504   -5.154  1.00 24.54 ? 230 PRO A O   1 
ATOM   1112 C CB  . PRO A 1 137 ? 1.480   7.700   -5.698  1.00 26.77 ? 230 PRO A CB  1 
ATOM   1113 C CG  . PRO A 1 137 ? 2.897   7.660   -5.269  1.00 29.74 ? 230 PRO A CG  1 
ATOM   1114 C CD  . PRO A 1 137 ? 2.801   7.561   -3.754  1.00 25.31 ? 230 PRO A CD  1 
ATOM   1115 N N   . PHE A 1 138 ? -0.882  7.068   -3.552  1.00 20.40 ? 231 PHE A N   1 
ATOM   1116 C CA  . PHE A 1 138 ? -2.195  6.495   -3.337  1.00 20.44 ? 231 PHE A CA  1 
ATOM   1117 C C   . PHE A 1 138 ? -3.027  7.225   -2.307  1.00 20.13 ? 231 PHE A C   1 
ATOM   1118 O O   . PHE A 1 138 ? -4.208  6.919   -2.214  1.00 21.87 ? 231 PHE A O   1 
ATOM   1119 C CB  . PHE A 1 138 ? -2.069  5.014   -2.882  1.00 21.06 ? 231 PHE A CB  1 
ATOM   1120 C CG  . PHE A 1 138 ? -1.425  4.132   -3.939  1.00 21.37 ? 231 PHE A CG  1 
ATOM   1121 C CD1 . PHE A 1 138 ? -2.258  3.511   -4.915  1.00 26.34 ? 231 PHE A CD1 1 
ATOM   1122 C CD2 . PHE A 1 138 ? -0.071  3.959   -3.985  1.00 24.56 ? 231 PHE A CD2 1 
ATOM   1123 C CE1 . PHE A 1 138 ? -1.675  2.772   -5.894  1.00 25.53 ? 231 PHE A CE1 1 
ATOM   1124 C CE2 . PHE A 1 138 ? 0.475   3.133   -4.952  1.00 28.68 ? 231 PHE A CE2 1 
ATOM   1125 C CZ  . PHE A 1 138 ? -0.340  2.564   -5.893  1.00 26.84 ? 231 PHE A CZ  1 
ATOM   1126 N N   . ILE A 1 139 ? -2.478  8.138   -1.525  1.00 22.35 ? 232 ILE A N   1 
ATOM   1127 C CA  . ILE A 1 139 ? -3.163  8.726   -0.361  1.00 21.86 ? 232 ILE A CA  1 
ATOM   1128 C C   . ILE A 1 139 ? -4.341  9.656   -0.675  1.00 25.50 ? 232 ILE A C   1 
ATOM   1129 O O   . ILE A 1 139 ? -5.439  9.433   -0.253  1.00 25.63 ? 232 ILE A O   1 
ATOM   1130 C CB  . ILE A 1 139 ? -2.207  9.415   0.616   1.00 22.45 ? 232 ILE A CB  1 
ATOM   1131 C CG1 . ILE A 1 139 ? -1.155  8.427   1.132   1.00 21.77 ? 232 ILE A CG1 1 
ATOM   1132 C CG2 . ILE A 1 139 ? -3.003  10.001  1.777   1.00 26.83 ? 232 ILE A CG2 1 
ATOM   1133 C CD1 . ILE A 1 139 ? -1.706  7.164   1.804   1.00 23.37 ? 232 ILE A CD1 1 
ATOM   1134 N N   . ARG A 1 140 ? -4.156  10.597  -1.583  1.00 24.75 ? 233 ARG A N   1 
ATOM   1135 C CA  . ARG A 1 140 ? -5.278  11.385  -2.039  1.00 27.95 ? 233 ARG A CA  1 
ATOM   1136 C C   . ARG A 1 140 ? -6.353  10.590  -2.763  1.00 26.55 ? 233 ARG A C   1 
ATOM   1137 O O   . ARG A 1 140 ? -7.496  10.702  -2.410  1.00 27.24 ? 233 ARG A O   1 
ATOM   1138 C CB  . ARG A 1 140 ? -4.785  12.585  -2.860  1.00 34.10 ? 233 ARG A CB  1 
ATOM   1139 C CG  . ARG A 1 140 ? -5.938  13.429  -3.379  1.00 39.28 ? 233 ARG A CG  1 
ATOM   1140 C CD  . ARG A 1 140 ? -6.808  13.948  -2.251  1.00 49.74 ? 233 ARG A CD  1 
ATOM   1141 N NE  . ARG A 1 140 ? -6.073  14.473  -1.076  1.00 61.21 ? 233 ARG A NE  1 
ATOM   1142 C CZ  . ARG A 1 140 ? -6.645  14.827  0.080   1.00 71.44 ? 233 ARG A CZ  1 
ATOM   1143 N NH1 . ARG A 1 140 ? -7.978  14.738  0.274   1.00 78.17 ? 233 ARG A NH1 1 
ATOM   1144 N NH2 . ARG A 1 140 ? -5.884  15.283  1.060   1.00 74.36 ? 233 ARG A NH2 1 
ATOM   1145 N N   . PRO A 1 141 ? -6.005  9.740   -3.757  1.00 25.44 ? 234 PRO A N   1 
ATOM   1146 C CA  . PRO A 1 141 ? -7.025  8.916   -4.340  1.00 27.73 ? 234 PRO A CA  1 
ATOM   1147 C C   . PRO A 1 141 ? -7.749  8.063   -3.307  1.00 26.55 ? 234 PRO A C   1 
ATOM   1148 O O   . PRO A 1 141 ? -8.983  7.842   -3.423  1.00 25.65 ? 234 PRO A O   1 
ATOM   1149 C CB  . PRO A 1 141 ? -6.264  8.050   -5.338  1.00 26.60 ? 234 PRO A CB  1 
ATOM   1150 C CG  . PRO A 1 141 ? -5.038  8.793   -5.593  1.00 28.32 ? 234 PRO A CG  1 
ATOM   1151 C CD  . PRO A 1 141 ? -4.728  9.599   -4.426  1.00 24.59 ? 234 PRO A CD  1 
ATOM   1152 N N   . LEU A 1 142 ? -7.015  7.545   -2.317  1.00 24.81 ? 235 LEU A N   1 
ATOM   1153 C CA  . LEU A 1 142 ? -7.715  6.769   -1.242  1.00 24.52 ? 235 LEU A CA  1 
ATOM   1154 C C   . LEU A 1 142 ? -8.726  7.609   -0.422  1.00 26.11 ? 235 LEU A C   1 
ATOM   1155 O O   . LEU A 1 142 ? -9.875  7.175   -0.178  1.00 26.97 ? 235 LEU A O   1 
ATOM   1156 C CB  . LEU A 1 142 ? -6.748  6.102   -0.292  1.00 21.55 ? 235 LEU A CB  1 
ATOM   1157 C CG  . LEU A 1 142 ? -7.277  5.403   0.935   1.00 22.06 ? 235 LEU A CG  1 
ATOM   1158 C CD1 . LEU A 1 142 ? -8.200  4.299   0.535   1.00 22.89 ? 235 LEU A CD1 1 
ATOM   1159 C CD2 . LEU A 1 142 ? -6.161  4.894   1.866   1.00 23.16 ? 235 LEU A CD2 1 
ATOM   1160 N N   . ARG A 1 143 ? -8.285  8.769   0.019   1.00 25.78 ? 236 ARG A N   1 
ATOM   1161 C CA  . ARG A 1 143 ? -9.174  9.652   0.796   1.00 26.11 ? 236 ARG A CA  1 
ATOM   1162 C C   . ARG A 1 143 ? -10.396 9.984   -0.083  1.00 27.77 ? 236 ARG A C   1 
ATOM   1163 O O   . ARG A 1 143 ? -11.541 9.935   0.399   1.00 29.19 ? 236 ARG A O   1 
ATOM   1164 C CB  . ARG A 1 143 ? -8.458  10.919  1.195   1.00 26.50 ? 236 ARG A CB  1 
ATOM   1165 C CG  . ARG A 1 143 ? -7.371  10.696  2.213   1.00 27.08 ? 236 ARG A CG  1 
ATOM   1166 C CD  . ARG A 1 143 ? -6.618  11.977  2.478   1.00 32.59 ? 236 ARG A CD  1 
ATOM   1167 N NE  . ARG A 1 143 ? -5.616  11.821  3.529   1.00 31.20 ? 236 ARG A NE  1 
ATOM   1168 C CZ  . ARG A 1 143 ? -4.484  12.545  3.670   1.00 32.24 ? 236 ARG A CZ  1 
ATOM   1169 N NH1 . ARG A 1 143 ? -4.205  13.498  2.800   1.00 29.88 ? 236 ARG A NH1 1 
ATOM   1170 N NH2 . ARG A 1 143 ? -3.607  12.307  4.666   1.00 28.42 ? 236 ARG A NH2 1 
ATOM   1171 N N   . ASP A 1 144 ? -10.182 10.214  -1.383  1.00 29.24 ? 237 ASP A N   1 
ATOM   1172 C CA  . ASP A 1 144 ? -11.339 10.538  -2.252  1.00 32.29 ? 237 ASP A CA  1 
ATOM   1173 C C   . ASP A 1 144 ? -12.274 9.382   -2.456  1.00 35.86 ? 237 ASP A C   1 
ATOM   1174 O O   . ASP A 1 144 ? -13.484 9.560   -2.521  1.00 35.80 ? 237 ASP A O   1 
ATOM   1175 C CB  . ASP A 1 144 ? -10.867 11.081  -3.592  1.00 31.96 ? 237 ASP A CB  1 
ATOM   1176 C CG  . ASP A 1 144 ? -10.214 12.520  -3.459  1.00 36.06 ? 237 ASP A CG  1 
ATOM   1177 O OD1 . ASP A 1 144 ? -10.183 13.172  -2.364  1.00 40.26 ? 237 ASP A OD1 1 
ATOM   1178 O OD2 . ASP A 1 144 ? -9.598  12.918  -4.436  1.00 42.67 ? 237 ASP A OD2 1 
ATOM   1179 N N   . TRP A 1 145 ? -11.704 8.182   -2.579  1.00 28.20 ? 238 TRP A N   1 
ATOM   1180 C CA  . TRP A 1 145 ? -12.470 6.965   -2.668  1.00 28.39 ? 238 TRP A CA  1 
ATOM   1181 C C   . TRP A 1 145 ? -13.277 6.659   -1.412  1.00 30.39 ? 238 TRP A C   1 
ATOM   1182 O O   . TRP A 1 145 ? -14.479 6.345   -1.499  1.00 32.13 ? 238 TRP A O   1 
ATOM   1183 C CB  . TRP A 1 145 ? -11.516 5.833   -3.087  1.00 28.88 ? 238 TRP A CB  1 
ATOM   1184 C CG  . TRP A 1 145 ? -12.225 4.543   -3.410  1.00 32.17 ? 238 TRP A CG  1 
ATOM   1185 C CD1 . TRP A 1 145 ? -12.423 4.032   -4.659  1.00 35.45 ? 238 TRP A CD1 1 
ATOM   1186 C CD2 . TRP A 1 145 ? -12.746 3.564   -2.491  1.00 29.26 ? 238 TRP A CD2 1 
ATOM   1187 N NE1 . TRP A 1 145 ? -13.039 2.829   -4.605  1.00 33.87 ? 238 TRP A NE1 1 
ATOM   1188 C CE2 . TRP A 1 145 ? -13.292 2.521   -3.298  1.00 32.70 ? 238 TRP A CE2 1 
ATOM   1189 C CE3 . TRP A 1 145 ? -12.880 3.481   -1.119  1.00 28.66 ? 238 TRP A CE3 1 
ATOM   1190 C CZ2 . TRP A 1 145 ? -13.887 1.402   -2.761  1.00 32.17 ? 238 TRP A CZ2 1 
ATOM   1191 C CZ3 . TRP A 1 145 ? -13.473 2.319   -0.574  1.00 26.62 ? 238 TRP A CZ3 1 
ATOM   1192 C CH2 . TRP A 1 145 ? -13.961 1.313   -1.395  1.00 31.02 ? 238 TRP A CH2 1 
ATOM   1193 N N   . LEU A 1 146 ? -12.704 6.909   -0.239  1.00 27.55 ? 239 LEU A N   1 
ATOM   1194 C CA  . LEU A 1 146 ? -13.377 6.635   1.024   1.00 28.88 ? 239 LEU A CA  1 
ATOM   1195 C C   . LEU A 1 146 ? -14.563 7.629   1.240   1.00 33.97 ? 239 LEU A C   1 
ATOM   1196 O O   . LEU A 1 146 ? -15.599 7.217   1.671   1.00 32.58 ? 239 LEU A O   1 
ATOM   1197 C CB  . LEU A 1 146 ? -12.444 6.718   2.210   1.00 27.94 ? 239 LEU A CB  1 
ATOM   1198 C CG  . LEU A 1 146 ? -11.415 5.595   2.240   1.00 26.42 ? 239 LEU A CG  1 
ATOM   1199 C CD1 . LEU A 1 146 ? -10.340 5.860   3.260   1.00 25.07 ? 239 LEU A CD1 1 
ATOM   1200 C CD2 . LEU A 1 146 ? -12.135 4.290   2.517   1.00 28.34 ? 239 LEU A CD2 1 
ATOM   1201 N N   . SER A 1 147 ? -14.333 8.890   0.904   1.00 36.14 ? 240 SER A N   1 
ATOM   1202 C CA  . SER A 1 147 ? -15.417 9.931   0.844   1.00 38.90 ? 240 SER A CA  1 
ATOM   1203 C C   . SER A 1 147 ? -16.540 9.539   -0.101  1.00 38.14 ? 240 SER A C   1 
ATOM   1204 O O   . SER A 1 147 ? -17.703 9.531   0.291   1.00 41.42 ? 240 SER A O   1 
ATOM   1205 C CB  . SER A 1 147 ? -14.840 11.253  0.358   1.00 37.33 ? 240 SER A CB  1 
ATOM   1206 O OG  . SER A 1 147 ? -13.987 11.678  1.363   1.00 48.52 ? 240 SER A OG  1 
ATOM   1207 N N   . ARG A 1 148 ? -16.243 9.176   -1.325  1.00 38.03 ? 241 ARG A N   1 
ATOM   1208 C CA  . ARG A 1 148 ? -17.321 8.729   -2.195  1.00 42.28 ? 241 ARG A CA  1 
ATOM   1209 C C   . ARG A 1 148 ? -18.121 7.495   -1.619  1.00 54.33 ? 241 ARG A C   1 
ATOM   1210 O O   . ARG A 1 148 ? -19.364 7.519   -1.592  1.00 57.69 ? 241 ARG A O   1 
ATOM   1211 C CB  . ARG A 1 148 ? -16.834 8.468   -3.616  1.00 44.52 ? 241 ARG A CB  1 
ATOM   1212 C CG  . ARG A 1 148 ? -16.309 9.699   -4.354  1.00 53.09 ? 241 ARG A CG  1 
ATOM   1213 N N   . ARG A 1 149 ? -17.397 6.470   -1.168  0.50 51.67 ? 242 ARG A N   1 
ATOM   1214 C CA  . ARG A 1 149 ? -17.977 5.184   -0.751  0.50 52.98 ? 242 ARG A CA  1 
ATOM   1215 C C   . ARG A 1 149 ? -18.716 5.218   0.582   0.50 58.13 ? 242 ARG A C   1 
ATOM   1216 O O   . ARG A 1 149 ? -19.795 4.633   0.706   0.50 60.73 ? 242 ARG A O   1 
ATOM   1217 C CB  . ARG A 1 149 ? -16.875 4.136   -0.670  0.50 53.86 ? 242 ARG A CB  1 
ATOM   1218 C CG  . ARG A 1 149 ? -17.228 2.909   0.155   0.50 53.07 ? 242 ARG A CG  1 
ATOM   1219 C CD  . ARG A 1 149 ? -18.309 2.072   -0.485  0.50 52.64 ? 242 ARG A CD  1 
ATOM   1220 N NE  . ARG A 1 149 ? -18.092 1.877   -1.911  0.50 51.26 ? 242 ARG A NE  1 
ATOM   1221 C CZ  . ARG A 1 149 ? -17.658 0.747   -2.450  0.50 48.18 ? 242 ARG A CZ  1 
ATOM   1222 N NH1 . ARG A 1 149 ? -17.497 0.664   -3.762  0.50 50.66 ? 242 ARG A NH1 1 
ATOM   1223 N NH2 . ARG A 1 149 ? -17.384 -0.291  -1.673  0.50 46.28 ? 242 ARG A NH2 1 
ATOM   1224 N N   . PHE A 1 150 ? -18.134 5.896   1.570   1.00 58.32 ? 243 PHE A N   1 
ATOM   1225 C CA  . PHE A 1 150 ? -18.708 5.994   2.921   1.00 56.28 ? 243 PHE A CA  1 
ATOM   1226 C C   . PHE A 1 150 ? -19.245 7.381   3.273   1.00 69.28 ? 243 PHE A C   1 
ATOM   1227 O O   . PHE A 1 150 ? -20.387 7.502   3.717   1.00 83.45 ? 243 PHE A O   1 
ATOM   1228 C CB  . PHE A 1 150 ? -17.650 5.571   3.937   1.00 47.98 ? 243 PHE A CB  1 
ATOM   1229 C CG  . PHE A 1 150 ? -17.164 4.175   3.725   1.00 58.62 ? 243 PHE A CG  1 
ATOM   1230 C CD1 . PHE A 1 150 ? -17.946 3.082   4.102   1.00 54.02 ? 243 PHE A CD1 1 
ATOM   1231 C CD2 . PHE A 1 150 ? -15.955 3.919   3.104   1.00 47.00 ? 243 PHE A CD2 1 
ATOM   1232 C CE1 . PHE A 1 150 ? -17.502 1.787   3.891   1.00 59.89 ? 243 PHE A CE1 1 
ATOM   1233 C CE2 . PHE A 1 150 ? -15.519 2.620   2.910   1.00 53.47 ? 243 PHE A CE2 1 
ATOM   1234 C CZ  . PHE A 1 150 ? -16.291 1.551   3.285   1.00 53.34 ? 243 PHE A CZ  1 
ATOM   1235 N N   . GLY A 1 151 ? -18.421 8.421   3.115   1.00 79.93 ? 244 GLY A N   1 
ATOM   1236 C CA  . GLY A 1 151 ? -18.738 9.766   3.619   1.00 68.76 ? 244 GLY A CA  1 
ATOM   1237 C C   . GLY A 1 151 ? -18.864 9.744   5.133   1.00 74.44 ? 244 GLY A C   1 
ATOM   1238 O O   . GLY A 1 151 ? -18.649 10.750  5.811   1.00 84.02 ? 244 GLY A O   1 
HETATM 1239 C C1  . EDO B 2 .   ? -3.034  -16.376 -0.979  1.00 54.78 ? 301 EDO A C1  1 
HETATM 1240 O O1  . EDO B 2 .   ? -2.313  -17.077 0.066   1.00 64.73 ? 301 EDO A O1  1 
HETATM 1241 C C2  . EDO B 2 .   ? -4.588  -16.502 -0.835  1.00 48.68 ? 301 EDO A C2  1 
HETATM 1242 O O2  . EDO B 2 .   ? -5.228  -16.727 -2.133  1.00 59.22 ? 301 EDO A O2  1 
HETATM 1243 C C1  . EDO C 2 .   ? 13.641  8.632   4.549   1.00 50.63 ? 302 EDO A C1  1 
HETATM 1244 O O1  . EDO C 2 .   ? 13.285  8.521   3.137   1.00 53.49 ? 302 EDO A O1  1 
HETATM 1245 C C2  . EDO C 2 .   ? 13.666  10.071  5.055   1.00 56.95 ? 302 EDO A C2  1 
HETATM 1246 O O2  . EDO C 2 .   ? 12.605  10.403  5.972   1.00 64.77 ? 302 EDO A O2  1 
HETATM 1247 S S   . DMS D 3 .   ? -2.840  3.249   14.932  1.00 60.24 ? 303 DMS A S   1 
HETATM 1248 O O   . DMS D 3 .   ? -2.168  4.076   13.921  1.00 43.69 ? 303 DMS A O   1 
HETATM 1249 C C1  . DMS D 3 .   ? -1.602  2.775   16.018  1.00 54.87 ? 303 DMS A C1  1 
HETATM 1250 C C2  . DMS D 3 .   ? -3.910  4.268   15.799  1.00 53.73 ? 303 DMS A C2  1 
HETATM 1251 C C   . ACT E 4 .   ? 18.409  1.741   4.787   1.00 48.38 ? 304 ACT A C   1 
HETATM 1252 O O   . ACT E 4 .   ? 18.459  1.565   3.549   1.00 59.10 ? 304 ACT A O   1 
HETATM 1253 O OXT . ACT E 4 .   ? 17.499  1.167   5.373   1.00 52.83 ? 304 ACT A OXT 1 
HETATM 1254 C CH3 . ACT E 4 .   ? 19.444  2.548   5.595   1.00 47.55 ? 304 ACT A CH3 1 
HETATM 1255 C C   . ACT F 4 .   ? 12.444  8.892   -0.905  1.00 34.63 ? 305 ACT A C   1 
HETATM 1256 O O   . ACT F 4 .   ? 11.774  9.833   -0.474  1.00 37.07 ? 305 ACT A O   1 
HETATM 1257 O OXT . ACT F 4 .   ? 12.959  8.065   -0.079  1.00 63.44 ? 305 ACT A OXT 1 
HETATM 1258 C CH3 . ACT F 4 .   ? 12.845  8.807   -2.344  1.00 42.70 ? 305 ACT A CH3 1 
HETATM 1259 C C1  . PEG G 5 .   ? 7.236   -1.675  0.541   1.00 55.23 ? 306 PEG A C1  1 
HETATM 1260 O O1  . PEG G 5 .   ? 7.888   -0.950  1.600   1.00 41.52 ? 306 PEG A O1  1 
HETATM 1261 C C2  . PEG G 5 .   ? 7.826   -3.072  0.330   1.00 46.17 ? 306 PEG A C2  1 
HETATM 1262 O O2  . PEG G 5 .   ? 7.622   -3.414  -1.036  1.00 66.65 ? 306 PEG A O2  1 
HETATM 1263 C C3  . PEG G 5 .   ? 6.709   -4.472  -1.394  1.00 66.75 ? 306 PEG A C3  1 
HETATM 1264 C C4  . PEG G 5 .   ? 7.031   -4.912  -2.840  1.00 71.47 ? 306 PEG A C4  1 
HETATM 1265 O O4  . PEG G 5 .   ? 6.994   -6.352  -3.127  1.00 62.12 ? 306 PEG A O4  1 
HETATM 1266 N N1  . LJA H 6 .   ? 4.708   1.167   -8.817  0.61 64.66 ? 307 LJA A N1  1 
HETATM 1267 N N3  . LJA H 6 .   ? 8.573   4.345   -8.147  0.61 57.74 ? 307 LJA A N3  1 
HETATM 1268 C C4  . LJA H 6 .   ? 4.030   2.213   -6.748  0.61 63.54 ? 307 LJA A C4  1 
HETATM 1269 C C5  . LJA H 6 .   ? 4.140   3.224   -5.811  0.61 66.23 ? 307 LJA A C5  1 
HETATM 1270 C C6  . LJA H 6 .   ? 5.033   4.263   -5.991  0.61 65.73 ? 307 LJA A C6  1 
HETATM 1271 C C7  . LJA H 6 .   ? 5.847   4.289   -7.124  0.61 65.02 ? 307 LJA A C7  1 
HETATM 1272 C C8  . LJA H 6 .   ? 5.746   3.269   -8.075  0.61 62.97 ? 307 LJA A C8  1 
HETATM 1273 C C1  . LJA H 6 .   ? 5.828   -0.961  -9.100  0.61 70.08 ? 307 LJA A C1  1 
HETATM 1274 C C2  . LJA H 6 .   ? 4.672   -0.168  -8.571  0.61 65.84 ? 307 LJA A C2  1 
HETATM 1275 C C3  . LJA H 6 .   ? 4.837   2.226   -7.884  0.61 65.12 ? 307 LJA A C3  1 
HETATM 1276 C C9  . LJA H 6 .   ? 7.878   5.488   -7.953  0.61 60.74 ? 307 LJA A C9  1 
HETATM 1277 N N2  . LJA H 6 .   ? 6.726   5.382   -7.232  0.61 62.02 ? 307 LJA A N2  1 
HETATM 1278 O O1  . LJA H 6 .   ? 3.769   -0.715  -7.963  0.61 63.61 ? 307 LJA A O1  1 
HETATM 1279 O O2  . LJA H 6 .   ? 8.286   6.570   -8.398  0.61 58.21 ? 307 LJA A O2  1 
HETATM 1280 O O   . HOH I 7 .   ? 13.323  -8.792  8.873   1.00 38.95 ? 401 HOH A O   1 
HETATM 1281 O O   . HOH I 7 .   ? 11.909  20.791  2.784   1.00 56.22 ? 402 HOH A O   1 
HETATM 1282 O O   . HOH I 7 .   ? 10.270  10.874  6.469   1.00 31.86 ? 403 HOH A O   1 
HETATM 1283 O O   . HOH I 7 .   ? -2.548  -5.608  14.170  1.00 45.59 ? 404 HOH A O   1 
HETATM 1284 O O   . HOH I 7 .   ? -13.159 1.301   -7.372  1.00 40.97 ? 405 HOH A O   1 
HETATM 1285 O O   . HOH I 7 .   ? -1.169  -17.180 -7.768  1.00 47.69 ? 406 HOH A O   1 
HETATM 1286 O O   . HOH I 7 .   ? -10.958 7.741   6.793   1.00 41.05 ? 407 HOH A O   1 
HETATM 1287 O O   . HOH I 7 .   ? -1.476  10.062  -7.196  1.00 34.54 ? 408 HOH A O   1 
HETATM 1288 O O   . HOH I 7 .   ? -12.635 -19.279 3.699   1.00 41.99 ? 409 HOH A O   1 
HETATM 1289 O O   . HOH I 7 .   ? -4.344  -16.841 -11.147 1.00 42.19 ? 410 HOH A O   1 
HETATM 1290 O O   . HOH I 7 .   ? -10.597 3.640   -8.046  1.00 41.19 ? 411 HOH A O   1 
HETATM 1291 O O   . HOH I 7 .   ? 17.605  -1.263  4.465   1.00 34.62 ? 412 HOH A O   1 
HETATM 1292 O O   . HOH I 7 .   ? 14.076  -0.624  6.062   1.00 25.50 ? 413 HOH A O   1 
HETATM 1293 O O   . HOH I 7 .   ? 13.144  14.686  4.734   1.00 47.88 ? 414 HOH A O   1 
HETATM 1294 O O   . HOH I 7 .   ? 5.998   -10.484 -1.510  1.00 39.63 ? 415 HOH A O   1 
HETATM 1295 O O   . HOH I 7 .   ? -5.884  6.984   13.577  1.00 40.23 ? 416 HOH A O   1 
HETATM 1296 O O   . HOH I 7 .   ? 19.422  28.236  -6.014  1.00 30.97 ? 417 HOH A O   1 
HETATM 1297 O O   . HOH I 7 .   ? -1.740  -8.331  -15.068 1.00 39.79 ? 418 HOH A O   1 
HETATM 1298 O O   . HOH I 7 .   ? -11.260 13.369  0.037   1.00 58.24 ? 419 HOH A O   1 
HETATM 1299 O O   . HOH I 7 .   ? 8.913   10.194  -14.447 1.00 32.66 ? 420 HOH A O   1 
HETATM 1300 O O   . HOH I 7 .   ? -13.708 -12.067 -2.390  1.00 41.10 ? 421 HOH A O   1 
HETATM 1301 O O   . HOH I 7 .   ? 1.800   -17.607 -8.822  1.00 48.10 ? 422 HOH A O   1 
HETATM 1302 O O   . HOH I 7 .   ? -7.701  11.768  -5.873  1.00 56.86 ? 423 HOH A O   1 
HETATM 1303 O O   . HOH I 7 .   ? 10.319  -0.274  11.775  1.00 32.64 ? 424 HOH A O   1 
HETATM 1304 O O   . HOH I 7 .   ? -3.680  -12.012 1.134   1.00 28.98 ? 425 HOH A O   1 
HETATM 1305 O O   . HOH I 7 .   ? -3.290  -16.001 -4.441  1.00 36.59 ? 426 HOH A O   1 
HETATM 1306 O O   . HOH I 7 .   ? -10.892 -6.833  -10.157 1.00 37.94 ? 427 HOH A O   1 
HETATM 1307 O O   . HOH I 7 .   ? -1.642  11.362  -2.927  1.00 25.69 ? 428 HOH A O   1 
HETATM 1308 O O   . HOH I 7 .   ? -6.746  -16.112 -4.277  1.00 50.31 ? 429 HOH A O   1 
HETATM 1309 O O   . HOH I 7 .   ? -10.108 7.911   -5.881  1.00 34.81 ? 430 HOH A O   1 
HETATM 1310 O O   . HOH I 7 .   ? 1.600   13.987  10.128  1.00 47.08 ? 431 HOH A O   1 
HETATM 1311 O O   . HOH I 7 .   ? 4.805   16.237  2.973   1.00 43.57 ? 432 HOH A O   1 
HETATM 1312 O O   . HOH I 7 .   ? -13.301 -5.510  0.682   1.00 22.66 ? 433 HOH A O   1 
HETATM 1313 O O   . HOH I 7 .   ? 2.595   3.341   13.100  1.00 32.24 ? 434 HOH A O   1 
HETATM 1314 O O   . HOH I 7 .   ? 2.826   1.513   -1.901  1.00 25.13 ? 435 HOH A O   1 
HETATM 1315 O O   . HOH I 7 .   ? 4.659   -0.522  -1.776  1.00 29.75 ? 436 HOH A O   1 
HETATM 1316 O O   . HOH I 7 .   ? -2.550  -2.334  3.213   1.00 19.00 ? 437 HOH A O   1 
HETATM 1317 O O   . HOH I 7 .   ? 12.282  22.149  -4.060  1.00 34.50 ? 438 HOH A O   1 
HETATM 1318 O O   . HOH I 7 .   ? -8.005  -14.025 6.417   1.00 30.75 ? 439 HOH A O   1 
HETATM 1319 O O   . HOH I 7 .   ? 5.927   -15.662 -13.659 1.00 54.28 ? 440 HOH A O   1 
HETATM 1320 O O   . HOH I 7 .   ? -12.767 -16.924 -1.577  1.00 59.01 ? 441 HOH A O   1 
HETATM 1321 O O   . HOH I 7 .   ? 5.120   14.244  -3.859  1.00 36.05 ? 442 HOH A O   1 
HETATM 1322 O O   . HOH I 7 .   ? -11.320 -5.052  -2.717  1.00 22.88 ? 443 HOH A O   1 
HETATM 1323 O O   . HOH I 7 .   ? -9.504  -14.608 3.051   1.00 29.49 ? 444 HOH A O   1 
HETATM 1324 O O   . HOH I 7 .   ? -15.471 -14.693 0.315   1.00 29.34 ? 445 HOH A O   1 
HETATM 1325 O O   . HOH I 7 .   ? 8.228   4.545   0.968   1.00 23.15 ? 446 HOH A O   1 
HETATM 1326 O O   . HOH I 7 .   ? -14.510 12.057  -3.272  1.00 54.01 ? 447 HOH A O   1 
HETATM 1327 O O   . HOH I 7 .   ? -13.851 -3.099  -0.439  1.00 31.31 ? 448 HOH A O   1 
HETATM 1328 O O   . HOH I 7 .   ? -14.174 7.011   9.801   1.00 44.55 ? 449 HOH A O   1 
HETATM 1329 O O   . HOH I 7 .   ? 2.489   -2.261  -15.963 1.00 37.89 ? 450 HOH A O   1 
HETATM 1330 O O   . HOH I 7 .   ? -8.691  -10.822 -11.162 1.00 42.58 ? 451 HOH A O   1 
HETATM 1331 O O   . HOH I 7 .   ? -8.601  -10.405 11.405  1.00 41.89 ? 452 HOH A O   1 
HETATM 1332 O O   . HOH I 7 .   ? 8.167   -9.752  -0.112  1.00 43.91 ? 453 HOH A O   1 
HETATM 1333 O O   . HOH I 7 .   ? 2.909   6.633   -16.650 1.00 37.13 ? 454 HOH A O   1 
HETATM 1334 O O   . HOH I 7 .   ? -5.517  -14.474 7.247   1.00 32.83 ? 455 HOH A O   1 
HETATM 1335 O O   . HOH I 7 .   ? 8.513   2.535   13.293  1.00 41.83 ? 456 HOH A O   1 
HETATM 1336 O O   . HOH I 7 .   ? 13.703  12.698  -4.776  1.00 51.50 ? 457 HOH A O   1 
HETATM 1337 O O   . HOH I 7 .   ? 1.629   13.305  -4.603  1.00 52.34 ? 458 HOH A O   1 
HETATM 1338 O O   . HOH I 7 .   ? -7.212  9.056   9.818   1.00 27.86 ? 459 HOH A O   1 
HETATM 1339 O O   . HOH I 7 .   ? 2.912   0.014   -20.349 1.00 58.51 ? 460 HOH A O   1 
HETATM 1340 O O   . HOH I 7 .   ? -8.314  3.729   -9.842  1.00 42.11 ? 461 HOH A O   1 
HETATM 1341 O O   . HOH I 7 .   ? 4.545   -11.394 -15.512 1.00 49.29 ? 462 HOH A O   1 
HETATM 1342 O O   . HOH I 7 .   ? 13.725  15.221  -5.941  1.00 40.29 ? 463 HOH A O   1 
HETATM 1343 O O   . HOH I 7 .   ? -11.654 10.431  3.277   1.00 31.78 ? 464 HOH A O   1 
HETATM 1344 O O   . HOH I 7 .   ? -5.904  -11.331 17.223  1.00 58.47 ? 465 HOH A O   1 
HETATM 1345 O O   . HOH I 7 .   ? 0.712   -0.824  14.314  1.00 30.66 ? 466 HOH A O   1 
HETATM 1346 O O   . HOH I 7 .   ? 11.614  3.840   6.614   1.00 45.55 ? 467 HOH A O   1 
HETATM 1347 O O   . HOH I 7 .   ? -16.129 -9.215  -6.143  1.00 37.45 ? 468 HOH A O   1 
HETATM 1348 O O   . HOH I 7 .   ? 5.930   9.682   -4.077  1.00 50.59 ? 469 HOH A O   1 
HETATM 1349 O O   . HOH I 7 .   ? 4.650   -2.787  14.443  1.00 61.41 ? 470 HOH A O   1 
HETATM 1350 O O   . HOH I 7 .   ? -2.194  7.168   -12.957 1.00 41.86 ? 471 HOH A O   1 
HETATM 1351 O O   . HOH I 7 .   ? -7.732  -13.665 -4.387  1.00 40.53 ? 472 HOH A O   1 
HETATM 1352 O O   . HOH I 7 .   ? 17.982  29.590  3.213   1.00 59.76 ? 473 HOH A O   1 
HETATM 1353 O O   . HOH I 7 .   ? -10.158 -13.618 -4.228  1.00 44.95 ? 474 HOH A O   1 
HETATM 1354 O O   . HOH I 7 .   ? -5.024  -12.506 14.313  1.00 42.73 ? 475 HOH A O   1 
HETATM 1355 O O   . HOH I 7 .   ? 0.024   7.253   12.466  1.00 21.84 ? 476 HOH A O   1 
HETATM 1356 O O   . HOH I 7 .   ? 7.512   -7.969  -6.651  1.00 45.81 ? 477 HOH A O   1 
HETATM 1357 O O   . HOH I 7 .   ? 6.249   21.627  -0.055  1.00 61.73 ? 478 HOH A O   1 
HETATM 1358 O O   . HOH I 7 .   ? -6.589  6.193   -8.867  1.00 50.10 ? 479 HOH A O   1 
HETATM 1359 O O   . HOH I 7 .   ? -7.534  4.904   15.660  1.00 55.51 ? 480 HOH A O   1 
HETATM 1360 O O   . HOH I 7 .   ? -2.704  8.481   -20.730 1.00 25.45 ? 481 HOH A O   1 
HETATM 1361 O O   . HOH I 7 .   ? -12.191 1.043   -9.471  1.00 59.32 ? 482 HOH A O   1 
HETATM 1362 O O   . HOH I 7 .   ? 4.968   17.590  -4.302  1.00 49.16 ? 483 HOH A O   1 
HETATM 1363 O O   . HOH I 7 .   ? 2.654   9.683   10.027  1.00 42.30 ? 484 HOH A O   1 
HETATM 1364 O O   . HOH I 7 .   ? -9.270  10.095  -7.261  1.00 47.70 ? 485 HOH A O   1 
HETATM 1365 O O   . HOH I 7 .   ? -4.853  -13.838 10.024  1.00 42.97 ? 486 HOH A O   1 
HETATM 1366 O O   . HOH I 7 .   ? -9.361  6.595   -7.445  1.00 49.24 ? 487 HOH A O   1 
HETATM 1367 O O   . HOH I 7 .   ? -4.828  -17.360 6.872   1.00 42.68 ? 488 HOH A O   1 
# 
